data_4P4K
#
_entry.id   4P4K
#
_cell.length_a   79.400
_cell.length_b   137.240
_cell.length_c   213.130
_cell.angle_alpha   90.00
_cell.angle_beta   90.00
_cell.angle_gamma   90.00
#
_symmetry.space_group_name_H-M   'P 21 21 21'
#
loop_
_entity.id
_entity.type
_entity.pdbx_description
1 polymer 'HLA class II histocompatibility antigen, DP alpha 1 chain'
2 polymer 'mim2 peptide,HLA class II histocompatibility antigen, DP beta 1 chain'
3 polymer 'hTCRav22 alpha chain'
4 polymer 'hTCRav22 beta chain'
5 non-polymer 2-acetamido-2-deoxy-beta-D-glucopyranose
6 non-polymer 'SODIUM ION'
7 non-polymer BERYLLIUM
8 water water
#
loop_
_entity_poly.entity_id
_entity_poly.type
_entity_poly.pdbx_seq_one_letter_code
_entity_poly.pdbx_strand_id
1 'polypeptide(L)'
;IKADHVSTYAAFVQTHRPTGEFMFEFDEDEMFYVDLDKKETVWHLEEFGQAFSFEAQGGLANIAILNNNLNTLIQRSNHT
QATNDPPEVTVFPKEPVELGQPNTLICHIDKFFPPVLNVTWLCNGELVTEGVAESLFLPRTDYSFHKFHYLTFVPSAEDF
YDCRVEHWGLDQPLLKHWEAQEP
;
A,E
2 'polypeptide(L)'
;QAFWIDLFETIGGGSLVPRGSGGGGSPENYLFQGRQECYAFNGTQRFLERYIYNREEFVRFDSDVGEFRAVTELGRPDEE
YWNSQKDILEEERAVPDRMCRHNYELGGPMTLQRRVQPRVNVSPSKKGPLQHHNLLVCHVTDFYPGSIQVRWFLNGQEET
AGVVSTNLIRNGDWTFQILVMLEMTPQQGDVYTCQVEHTSLDSPVTVEWKAQ
;
B,F
3 'polypeptide(L)'
;MNSVTQMEGPVTLSEEAFLTINCTYTATGYPSLFWYVQYPGEGLQLLLKATKADDKGSNKGFEATYRKETTSFHLEKGSV
QVSDSAVYFCALSLYSGAGSYQLTFGKGTKLSVIPNIQNPDPAVYQLRDSKSSDKSVCLFTDFDSQTNVSQSKDSDVYIT
DKCVLDMRSMDFKSNSAVAWSNKSDFACANAFNNSIIPEDTFFPSPESS
;
C,G
4 'polypeptide(L)'
;MGVTQTPRYLIKTRGQQVTLSCSPISGHRSVSWYQQTPGQGLQFLFEYFSETQRNKGNFPGRFSGRQFSNSRSEMNVSTL
ELGDSALYLCASSLAQGGETQYFGPGTRLLVLEDLKNVFPPEVAVFEPSEAEISHTQKATLVCLATGFYPDHVELSWWVN
GKEVHSGVCTDPQPLKEQPALNDSRYSLSSRLRVSATFWQNPRNHFRCQVQFYGLSENDEWTQDRAKPVTQIVSAEAWGR
AD
;
D,H
#
loop_
_chem_comp.id
_chem_comp.type
_chem_comp.name
_chem_comp.formula
0BE non-polymer BERYLLIUM 'Be 2'
NA non-polymer 'SODIUM ION' 'Na 1'
NAG D-saccharide, beta linking 2-acetamido-2-deoxy-beta-D-glucopyranose 'C8 H15 N O6'
#
# COMPACT_ATOMS: atom_id res chain seq x y z
N LYS A 2 -14.91 17.53 10.93
CA LYS A 2 -15.77 18.37 11.79
C LYS A 2 -14.95 19.41 12.54
N ALA A 3 -15.17 20.71 12.26
CA ALA A 3 -14.40 21.79 12.89
C ALA A 3 -15.12 23.12 12.93
N ASP A 4 -14.92 23.89 14.01
CA ASP A 4 -15.45 25.24 14.18
C ASP A 4 -14.58 26.14 13.28
N HIS A 5 -13.25 25.90 13.31
CA HIS A 5 -12.22 26.59 12.53
C HIS A 5 -11.16 25.61 12.06
N VAL A 6 -10.47 25.94 10.95
CA VAL A 6 -9.38 25.16 10.35
C VAL A 6 -8.22 26.13 10.20
N SER A 7 -7.14 25.90 10.98
CA SER A 7 -5.91 26.68 10.93
C SER A 7 -4.92 25.77 10.23
N THR A 8 -4.45 26.19 9.03
CA THR A 8 -3.53 25.36 8.23
C THR A 8 -2.28 26.04 7.66
N TYR A 9 -1.13 25.35 7.76
CA TYR A 9 0.14 25.76 7.15
C TYR A 9 0.18 24.99 5.85
N ALA A 10 0.32 25.72 4.75
CA ALA A 10 0.38 25.14 3.42
C ALA A 10 1.66 25.61 2.80
N ALA A 11 2.37 24.70 2.18
CA ALA A 11 3.63 25.02 1.55
C ALA A 11 3.88 24.17 0.32
N PHE A 12 4.61 24.75 -0.64
CA PHE A 12 4.99 24.03 -1.83
C PHE A 12 6.40 24.41 -2.19
N VAL A 13 7.00 23.60 -3.03
CA VAL A 13 8.36 23.74 -3.52
C VAL A 13 8.34 23.11 -4.90
N GLN A 14 8.93 23.78 -5.89
CA GLN A 14 8.93 23.32 -7.28
C GLN A 14 10.12 23.82 -8.09
N THR A 15 10.32 23.27 -9.30
CA THR A 15 11.45 23.68 -10.14
C THR A 15 11.32 25.09 -10.70
N HIS A 16 10.13 25.46 -11.21
CA HIS A 16 9.85 26.80 -11.77
C HIS A 16 9.36 27.83 -10.78
N ARG A 17 9.45 29.13 -11.14
CA ARG A 17 9.07 30.27 -10.33
C ARG A 17 7.55 30.42 -10.12
N PRO A 18 7.05 30.55 -8.86
CA PRO A 18 7.77 30.58 -7.58
C PRO A 18 8.32 29.22 -7.20
N THR A 19 9.61 29.20 -6.93
CA THR A 19 10.43 28.05 -6.55
C THR A 19 10.00 27.42 -5.18
N GLY A 20 9.28 28.21 -4.42
CA GLY A 20 8.78 27.82 -3.12
C GLY A 20 7.81 28.84 -2.57
N GLU A 21 6.98 28.37 -1.65
CA GLU A 21 6.00 29.19 -0.99
C GLU A 21 5.66 28.53 0.32
N PHE A 22 5.71 29.30 1.41
CA PHE A 22 5.36 28.86 2.74
C PHE A 22 4.32 29.84 3.25
N MET A 23 3.13 29.36 3.61
CA MET A 23 2.07 30.23 4.10
C MET A 23 1.20 29.60 5.16
N PHE A 24 0.43 30.45 5.88
CA PHE A 24 -0.50 30.01 6.89
C PHE A 24 -1.84 30.63 6.63
N GLU A 25 -2.87 29.79 6.67
CA GLU A 25 -4.24 30.21 6.45
C GLU A 25 -5.21 29.87 7.56
N PHE A 26 -6.09 30.81 7.89
CA PHE A 26 -7.12 30.62 8.88
C PHE A 26 -8.49 30.61 8.18
N ASP A 27 -9.17 29.45 8.19
CA ASP A 27 -10.49 29.22 7.58
C ASP A 27 -10.50 29.61 6.12
N GLU A 28 -9.59 28.99 5.36
CA GLU A 28 -9.37 29.15 3.92
C GLU A 28 -8.80 30.49 3.45
N ASP A 29 -8.60 31.48 4.37
CA ASP A 29 -8.01 32.79 4.03
C ASP A 29 -6.59 32.89 4.54
N GLU A 30 -5.66 33.37 3.71
CA GLU A 30 -4.25 33.48 4.07
C GLU A 30 -4.04 34.65 5.03
N MET A 31 -3.46 34.33 6.19
CA MET A 31 -3.15 35.26 7.28
C MET A 31 -1.72 35.80 7.10
N PHE A 32 -0.74 34.91 6.87
CA PHE A 32 0.65 35.30 6.66
C PHE A 32 1.39 34.29 5.82
N TYR A 33 2.57 34.72 5.33
CA TYR A 33 3.51 33.94 4.54
C TYR A 33 4.90 34.48 4.74
N VAL A 34 5.90 33.70 4.36
CA VAL A 34 7.29 34.08 4.46
C VAL A 34 7.81 34.47 3.08
N ASP A 35 8.36 35.70 2.95
CA ASP A 35 9.02 36.13 1.72
C ASP A 35 10.34 35.38 1.84
N LEU A 36 10.51 34.36 0.99
CA LEU A 36 11.67 33.47 1.04
C LEU A 36 12.97 34.15 0.66
N ASP A 37 12.88 35.16 -0.24
CA ASP A 37 14.01 35.97 -0.71
C ASP A 37 14.42 36.97 0.38
N LYS A 38 13.44 37.78 0.86
CA LYS A 38 13.61 38.79 1.91
C LYS A 38 13.82 38.18 3.32
N LYS A 39 13.54 36.87 3.51
CA LYS A 39 13.66 36.14 4.78
C LYS A 39 12.86 36.81 5.91
N GLU A 40 11.64 37.30 5.57
CA GLU A 40 10.73 37.96 6.50
C GLU A 40 9.25 37.70 6.26
N THR A 41 8.49 37.62 7.37
CA THR A 41 7.06 37.37 7.46
C THR A 41 6.29 38.58 6.89
N VAL A 42 5.28 38.27 6.08
CA VAL A 42 4.41 39.27 5.48
C VAL A 42 3.02 38.91 5.95
N TRP A 43 2.36 39.83 6.64
CA TRP A 43 1.02 39.64 7.14
C TRP A 43 -0.01 40.18 6.15
N HIS A 44 -1.20 39.55 6.05
CA HIS A 44 -2.25 39.98 5.12
C HIS A 44 -2.86 41.32 5.48
N LEU A 45 -3.21 41.53 6.77
CA LEU A 45 -3.79 42.76 7.31
C LEU A 45 -2.88 43.26 8.41
N GLU A 46 -2.72 44.60 8.54
CA GLU A 46 -1.86 45.22 9.56
C GLU A 46 -2.20 44.76 10.99
N GLU A 47 -3.52 44.60 11.29
CA GLU A 47 -4.06 44.13 12.58
C GLU A 47 -3.59 42.73 13.02
N PHE A 48 -2.98 41.98 12.09
CA PHE A 48 -2.41 40.66 12.30
C PHE A 48 -0.98 40.80 12.77
N GLY A 49 -0.18 41.60 12.04
CA GLY A 49 1.22 41.89 12.32
C GLY A 49 1.47 42.53 13.68
N GLN A 50 0.48 43.31 14.14
CA GLN A 50 0.46 44.01 15.42
C GLN A 50 0.07 43.07 16.57
N ALA A 51 -0.93 42.20 16.35
CA ALA A 51 -1.43 41.22 17.33
C ALA A 51 -0.52 40.00 17.49
N PHE A 52 0.12 39.55 16.39
CA PHE A 52 0.95 38.35 16.36
C PHE A 52 2.34 38.53 15.77
N SER A 53 3.13 37.45 15.88
CA SER A 53 4.47 37.35 15.32
C SER A 53 4.67 35.96 14.77
N PHE A 54 5.62 35.84 13.85
CA PHE A 54 6.03 34.60 13.26
C PHE A 54 7.47 34.75 12.84
N GLU A 55 8.34 33.95 13.46
CA GLU A 55 9.76 33.91 13.17
C GLU A 55 9.88 33.23 11.81
N ALA A 56 10.25 34.03 10.77
CA ALA A 56 10.42 33.60 9.38
C ALA A 56 11.32 32.38 9.21
N GLN A 57 12.23 32.10 10.17
CA GLN A 57 13.11 30.92 10.12
C GLN A 57 12.34 29.59 10.06
N GLY A 58 11.15 29.58 10.67
CA GLY A 58 10.22 28.43 10.66
C GLY A 58 9.80 28.08 9.25
N GLY A 59 9.49 29.11 8.45
CA GLY A 59 9.11 28.99 7.05
C GLY A 59 10.23 28.45 6.21
N LEU A 60 11.45 29.07 6.30
CA LEU A 60 12.70 28.71 5.58
C LEU A 60 13.11 27.29 5.90
N ALA A 61 13.06 26.90 7.20
CA ALA A 61 13.36 25.54 7.67
C ALA A 61 12.41 24.51 7.00
N ASN A 62 11.08 24.80 6.95
CA ASN A 62 10.07 23.93 6.34
C ASN A 62 10.22 23.80 4.84
N ILE A 63 10.66 24.88 4.20
CA ILE A 63 10.92 24.92 2.75
C ILE A 63 12.16 24.09 2.42
N ALA A 64 13.20 24.14 3.28
CA ALA A 64 14.44 23.38 3.09
C ALA A 64 14.16 21.89 3.12
N ILE A 65 13.30 21.43 4.10
CA ILE A 65 12.86 20.03 4.28
C ILE A 65 12.08 19.62 3.02
N LEU A 66 11.13 20.47 2.59
CA LEU A 66 10.30 20.24 1.40
C LEU A 66 11.13 20.16 0.12
N ASN A 67 12.24 20.93 0.03
CA ASN A 67 13.14 20.85 -1.12
C ASN A 67 13.85 19.51 -1.11
N ASN A 68 14.23 19.00 0.09
CA ASN A 68 14.87 17.69 0.27
C ASN A 68 13.88 16.61 -0.17
N ASN A 69 12.62 16.74 0.31
CA ASN A 69 11.50 15.85 0.01
C ASN A 69 11.17 15.84 -1.48
N LEU A 70 11.24 17.02 -2.16
CA LEU A 70 11.00 17.14 -3.60
C LEU A 70 12.01 16.27 -4.32
N ASN A 71 13.32 16.46 -4.01
CA ASN A 71 14.42 15.72 -4.60
C ASN A 71 14.22 14.22 -4.48
N THR A 72 13.94 13.72 -3.26
CA THR A 72 13.70 12.29 -3.03
C THR A 72 12.55 11.72 -3.89
N LEU A 73 11.50 12.53 -4.10
CA LEU A 73 10.36 12.11 -4.89
C LEU A 73 10.49 12.21 -6.37
N ILE A 74 11.35 13.11 -6.87
CA ILE A 74 11.66 13.21 -8.30
C ILE A 74 12.28 11.82 -8.64
N GLN A 75 13.23 11.36 -7.79
CA GLN A 75 13.91 10.07 -7.87
C GLN A 75 12.92 8.89 -7.78
N ARG A 76 12.20 8.78 -6.63
CA ARG A 76 11.23 7.73 -6.33
C ARG A 76 10.16 7.52 -7.41
N SER A 77 9.66 8.63 -8.00
CA SER A 77 8.62 8.58 -9.02
C SER A 77 9.18 8.37 -10.45
N ASN A 78 10.53 8.29 -10.58
CA ASN A 78 11.26 8.14 -11.84
C ASN A 78 10.93 9.37 -12.72
N HIS A 79 11.16 10.57 -12.14
CA HIS A 79 10.96 11.91 -12.72
C HIS A 79 9.55 12.14 -13.27
N THR A 80 8.52 11.75 -12.50
CA THR A 80 7.11 11.93 -12.88
C THR A 80 6.70 13.41 -12.80
N GLN A 81 6.36 13.96 -13.98
CA GLN A 81 5.87 15.32 -14.14
C GLN A 81 4.37 15.19 -14.30
N ALA A 82 3.63 16.01 -13.53
CA ALA A 82 2.18 16.03 -13.52
C ALA A 82 1.60 16.70 -14.74
N THR A 83 0.38 16.30 -15.06
CA THR A 83 -0.41 16.87 -16.14
C THR A 83 -0.73 18.34 -15.76
N ASN A 84 -0.62 19.25 -16.74
CA ASN A 84 -0.88 20.67 -16.57
C ASN A 84 -2.36 20.87 -16.62
N ASP A 85 -2.95 21.20 -15.45
CA ASP A 85 -4.38 21.42 -15.29
C ASP A 85 -4.67 22.88 -15.60
N PRO A 86 -5.40 23.17 -16.71
CA PRO A 86 -5.66 24.57 -17.07
C PRO A 86 -6.56 25.32 -16.08
N PRO A 87 -6.40 26.66 -15.99
CA PRO A 87 -7.23 27.42 -15.05
C PRO A 87 -8.61 27.80 -15.52
N GLU A 88 -9.53 27.92 -14.56
CA GLU A 88 -10.89 28.41 -14.72
C GLU A 88 -10.71 29.84 -14.22
N VAL A 89 -11.10 30.82 -15.04
CA VAL A 89 -10.92 32.25 -14.75
C VAL A 89 -12.28 32.95 -14.64
N THR A 90 -12.51 33.67 -13.54
CA THR A 90 -13.72 34.47 -13.32
C THR A 90 -13.28 35.90 -13.00
N VAL A 91 -14.02 36.89 -13.51
CA VAL A 91 -13.79 38.31 -13.28
C VAL A 91 -15.10 38.85 -12.72
N PHE A 92 -15.01 39.56 -11.60
CA PHE A 92 -16.16 40.11 -10.90
C PHE A 92 -15.73 41.29 -10.05
N PRO A 93 -16.61 42.32 -9.89
CA PRO A 93 -16.24 43.44 -9.02
C PRO A 93 -16.45 43.09 -7.53
N LYS A 94 -15.67 43.74 -6.66
CA LYS A 94 -15.72 43.58 -5.21
C LYS A 94 -17.03 44.22 -4.70
N GLU A 95 -17.32 45.42 -5.21
CA GLU A 95 -18.49 46.22 -4.88
C GLU A 95 -19.51 46.25 -6.01
N PRO A 96 -20.81 46.61 -5.76
CA PRO A 96 -21.75 46.76 -6.88
C PRO A 96 -21.28 47.93 -7.76
N VAL A 97 -21.38 47.78 -9.10
CA VAL A 97 -20.91 48.83 -10.02
C VAL A 97 -21.79 50.06 -10.09
N GLU A 98 -21.20 51.19 -9.66
CA GLU A 98 -21.84 52.50 -9.66
C GLU A 98 -20.86 53.37 -10.43
N LEU A 99 -21.27 53.81 -11.63
CA LEU A 99 -20.45 54.62 -12.54
C LEU A 99 -19.95 55.88 -11.83
N GLY A 100 -18.63 56.01 -11.78
CA GLY A 100 -17.97 57.15 -11.12
C GLY A 100 -17.42 56.84 -9.75
N GLN A 101 -17.95 55.80 -9.07
CA GLN A 101 -17.53 55.39 -7.73
C GLN A 101 -16.37 54.36 -7.74
N PRO A 102 -15.19 54.64 -7.10
CA PRO A 102 -14.06 53.68 -7.11
C PRO A 102 -14.45 52.29 -6.61
N ASN A 103 -13.97 51.28 -7.34
CA ASN A 103 -14.28 49.87 -7.11
C ASN A 103 -13.00 49.08 -7.34
N THR A 104 -13.05 47.76 -7.07
CA THR A 104 -11.93 46.84 -7.28
C THR A 104 -12.44 45.67 -8.09
N LEU A 105 -11.78 45.41 -9.23
CA LEU A 105 -12.08 44.27 -10.10
C LEU A 105 -11.23 43.11 -9.62
N ILE A 106 -11.88 41.96 -9.37
CA ILE A 106 -11.18 40.75 -8.93
C ILE A 106 -11.14 39.77 -10.08
N CYS A 107 -9.96 39.18 -10.29
CA CYS A 107 -9.74 38.12 -11.24
C CYS A 107 -9.36 36.88 -10.43
N HIS A 108 -10.24 35.89 -10.44
CA HIS A 108 -10.04 34.63 -9.73
C HIS A 108 -9.68 33.53 -10.73
N ILE A 109 -8.37 33.22 -10.74
CA ILE A 109 -7.72 32.19 -11.55
C ILE A 109 -7.70 30.97 -10.62
N ASP A 110 -8.58 30.01 -10.87
CA ASP A 110 -8.80 28.83 -10.03
C ASP A 110 -8.59 27.48 -10.77
N LYS A 111 -8.45 26.37 -9.99
CA LYS A 111 -8.33 24.96 -10.43
C LYS A 111 -7.14 24.58 -11.32
N PHE A 112 -6.05 25.32 -11.24
CA PHE A 112 -4.84 25.08 -12.03
C PHE A 112 -3.69 24.40 -11.27
N PHE A 113 -2.82 23.72 -12.01
CA PHE A 113 -1.62 23.03 -11.55
C PHE A 113 -0.66 22.90 -12.74
N PRO A 114 0.65 23.24 -12.62
CA PRO A 114 1.37 23.73 -11.42
C PRO A 114 1.16 25.21 -11.11
N PRO A 115 1.58 25.69 -9.91
CA PRO A 115 1.48 27.13 -9.62
C PRO A 115 2.57 27.92 -10.36
N VAL A 116 2.43 27.98 -11.71
CA VAL A 116 3.30 28.67 -12.68
C VAL A 116 2.30 29.36 -13.57
N LEU A 117 2.25 30.68 -13.44
CA LEU A 117 1.24 31.50 -14.10
C LEU A 117 1.74 32.91 -14.41
N ASN A 118 1.19 33.51 -15.49
CA ASN A 118 1.42 34.89 -15.91
C ASN A 118 0.04 35.54 -15.98
N VAL A 119 -0.17 36.62 -15.21
CA VAL A 119 -1.45 37.31 -15.23
C VAL A 119 -1.21 38.80 -15.46
N THR A 120 -1.97 39.40 -16.39
CA THR A 120 -1.94 40.81 -16.72
C THR A 120 -3.36 41.33 -16.86
N TRP A 121 -3.57 42.55 -16.39
CA TRP A 121 -4.84 43.26 -16.48
C TRP A 121 -4.79 44.12 -17.72
N LEU A 122 -5.90 44.17 -18.47
CA LEU A 122 -5.97 44.99 -19.67
C LEU A 122 -7.15 45.92 -19.58
N CYS A 123 -6.89 47.22 -19.75
CA CYS A 123 -7.95 48.23 -19.82
C CYS A 123 -7.94 48.70 -21.24
N ASN A 124 -9.03 48.41 -21.96
CA ASN A 124 -9.21 48.74 -23.38
C ASN A 124 -8.09 48.19 -24.27
N GLY A 125 -7.70 46.94 -24.01
CA GLY A 125 -6.65 46.24 -24.72
C GLY A 125 -5.24 46.67 -24.37
N GLU A 126 -5.10 47.60 -23.41
CA GLU A 126 -3.81 48.15 -22.98
C GLU A 126 -3.46 47.66 -21.59
N LEU A 127 -2.19 47.22 -21.40
CA LEU A 127 -1.63 46.71 -20.14
C LEU A 127 -1.75 47.75 -19.03
N VAL A 128 -2.23 47.31 -17.85
CA VAL A 128 -2.36 48.17 -16.67
C VAL A 128 -1.31 47.78 -15.65
N THR A 129 -0.48 48.76 -15.32
CA THR A 129 0.65 48.64 -14.41
C THR A 129 0.35 49.20 -13.03
N GLU A 130 -0.63 50.13 -12.92
CA GLU A 130 -1.00 50.74 -11.64
C GLU A 130 -2.35 50.33 -11.07
N GLY A 131 -2.44 50.38 -9.73
CA GLY A 131 -3.61 50.03 -8.94
C GLY A 131 -3.88 48.54 -8.94
N VAL A 132 -2.80 47.76 -9.15
CA VAL A 132 -2.75 46.30 -9.27
C VAL A 132 -2.12 45.64 -8.03
N ALA A 133 -2.77 44.58 -7.55
CA ALA A 133 -2.33 43.74 -6.43
C ALA A 133 -2.61 42.29 -6.76
N GLU A 134 -2.06 41.35 -5.96
CA GLU A 134 -2.29 39.92 -6.15
C GLU A 134 -2.11 39.08 -4.88
N SER A 135 -2.75 37.92 -4.87
CA SER A 135 -2.64 36.91 -3.83
C SER A 135 -1.37 36.06 -4.08
N LEU A 136 -1.08 35.11 -3.19
CA LEU A 136 -0.01 34.13 -3.39
C LEU A 136 -0.69 33.02 -4.18
N PHE A 137 0.07 31.95 -4.55
CA PHE A 137 -0.56 30.81 -5.19
C PHE A 137 -1.22 30.07 -4.04
N LEU A 138 -2.52 30.29 -3.91
CA LEU A 138 -3.32 29.75 -2.81
C LEU A 138 -3.66 28.29 -2.92
N PRO A 139 -3.53 27.54 -1.82
CA PRO A 139 -3.82 26.11 -1.87
C PRO A 139 -5.30 25.74 -1.98
N ARG A 140 -5.57 24.57 -2.52
CA ARG A 140 -6.91 24.01 -2.63
C ARG A 140 -6.86 22.63 -2.04
N THR A 141 -7.95 22.16 -1.44
CA THR A 141 -8.05 20.83 -0.82
C THR A 141 -7.76 19.67 -1.77
N ASP A 142 -7.87 19.90 -3.12
CA ASP A 142 -7.64 18.94 -4.21
C ASP A 142 -6.20 19.02 -4.79
N TYR A 143 -5.31 19.72 -4.05
CA TYR A 143 -3.87 19.97 -4.31
C TYR A 143 -3.56 20.72 -5.58
N SER A 144 -4.59 21.41 -6.05
CA SER A 144 -4.62 22.32 -7.19
C SER A 144 -4.45 23.72 -6.58
N PHE A 145 -4.36 24.74 -7.43
CA PHE A 145 -4.16 26.11 -6.97
C PHE A 145 -5.16 27.12 -7.47
N HIS A 146 -5.23 28.23 -6.76
CA HIS A 146 -6.02 29.38 -7.10
C HIS A 146 -5.27 30.64 -6.72
N LYS A 147 -5.63 31.75 -7.36
CA LYS A 147 -4.97 33.04 -7.18
C LYS A 147 -5.96 34.13 -7.47
N PHE A 148 -5.84 35.26 -6.75
CA PHE A 148 -6.68 36.43 -6.93
C PHE A 148 -5.81 37.58 -7.38
N HIS A 149 -6.24 38.26 -8.44
CA HIS A 149 -5.58 39.46 -8.99
C HIS A 149 -6.58 40.60 -8.83
N TYR A 150 -6.07 41.76 -8.43
CA TYR A 150 -6.93 42.90 -8.14
C TYR A 150 -6.53 44.07 -8.94
N LEU A 151 -7.54 44.89 -9.28
CA LEU A 151 -7.39 46.12 -10.04
C LEU A 151 -8.35 47.15 -9.52
N THR A 152 -7.81 48.25 -8.97
CA THR A 152 -8.65 49.37 -8.52
C THR A 152 -8.90 50.17 -9.77
N PHE A 153 -10.17 50.43 -10.01
CA PHE A 153 -10.62 51.12 -11.19
C PHE A 153 -11.84 51.94 -10.84
N VAL A 154 -12.16 52.89 -11.71
CA VAL A 154 -13.38 53.66 -11.56
C VAL A 154 -14.31 53.32 -12.74
N PRO A 155 -15.42 52.60 -12.47
CA PRO A 155 -16.33 52.21 -13.55
C PRO A 155 -16.90 53.36 -14.38
N SER A 156 -16.81 53.18 -15.71
CA SER A 156 -17.23 54.05 -16.79
C SER A 156 -17.77 53.15 -17.92
N ALA A 157 -18.90 53.51 -18.53
CA ALA A 157 -19.54 52.73 -19.61
C ALA A 157 -18.67 52.66 -20.86
N GLU A 158 -17.78 53.64 -21.05
CA GLU A 158 -16.89 53.62 -22.21
C GLU A 158 -15.50 53.07 -21.90
N ASP A 159 -15.49 51.95 -21.15
CA ASP A 159 -14.31 51.19 -20.68
C ASP A 159 -14.66 49.71 -20.51
N PHE A 160 -13.76 48.82 -20.98
CA PHE A 160 -13.88 47.38 -20.83
C PHE A 160 -12.57 46.86 -20.22
N TYR A 161 -12.65 45.69 -19.56
CA TYR A 161 -11.49 45.08 -18.94
C TYR A 161 -11.35 43.64 -19.33
N ASP A 162 -10.08 43.14 -19.30
CA ASP A 162 -9.66 41.77 -19.57
C ASP A 162 -8.63 41.33 -18.56
N CYS A 163 -8.72 40.05 -18.19
CA CYS A 163 -7.77 39.41 -17.33
C CYS A 163 -7.08 38.40 -18.23
N ARG A 164 -5.88 38.74 -18.68
CA ARG A 164 -5.11 37.91 -19.60
C ARG A 164 -4.22 36.97 -18.79
N VAL A 165 -4.61 35.69 -18.73
CA VAL A 165 -3.86 34.67 -17.99
C VAL A 165 -3.10 33.70 -18.92
N GLU A 166 -1.89 33.30 -18.51
CA GLU A 166 -1.05 32.35 -19.22
C GLU A 166 -0.69 31.19 -18.29
N HIS A 167 -0.92 29.96 -18.74
CA HIS A 167 -0.62 28.71 -18.03
C HIS A 167 -0.21 27.63 -19.05
N TRP A 168 0.63 26.65 -18.63
CA TRP A 168 1.09 25.58 -19.50
C TRP A 168 -0.03 24.68 -20.06
N GLY A 169 -1.10 24.49 -19.28
CA GLY A 169 -2.27 23.70 -19.65
C GLY A 169 -3.18 24.40 -20.65
N LEU A 170 -2.82 25.63 -21.04
CA LEU A 170 -3.55 26.48 -21.99
C LEU A 170 -2.81 26.48 -23.32
N ASP A 171 -3.52 26.22 -24.46
CA ASP A 171 -2.89 26.21 -25.79
C ASP A 171 -2.41 27.61 -26.18
N GLN A 172 -3.16 28.64 -25.73
CA GLN A 172 -2.87 30.06 -25.96
C GLN A 172 -3.38 30.91 -24.77
N PRO A 173 -2.84 32.15 -24.53
CA PRO A 173 -3.36 32.99 -23.42
C PRO A 173 -4.89 33.10 -23.39
N LEU A 174 -5.48 33.03 -22.19
CA LEU A 174 -6.91 33.12 -21.96
C LEU A 174 -7.25 34.49 -21.40
N LEU A 175 -8.13 35.23 -22.10
CA LEU A 175 -8.63 36.55 -21.71
C LEU A 175 -10.05 36.41 -21.17
N LYS A 176 -10.27 36.86 -19.93
CA LYS A 176 -11.61 36.84 -19.37
C LYS A 176 -12.07 38.29 -19.31
N HIS A 177 -13.06 38.61 -20.17
CA HIS A 177 -13.62 39.93 -20.40
C HIS A 177 -14.59 40.39 -19.32
N TRP A 178 -14.61 41.72 -19.08
CA TRP A 178 -15.47 42.37 -18.12
C TRP A 178 -15.84 43.80 -18.55
N GLU A 179 -17.13 44.13 -18.39
CA GLU A 179 -17.91 45.35 -18.62
C GLU A 179 -17.09 46.64 -18.45
N GLN B 1 2.79 36.32 21.95
CA GLN B 1 1.74 36.05 20.96
C GLN B 1 2.34 35.50 19.61
N ALA B 2 3.27 34.53 19.71
CA ALA B 2 3.99 33.88 18.59
C ALA B 2 3.40 32.60 17.97
N PHE B 3 3.47 32.51 16.62
CA PHE B 3 3.03 31.33 15.88
C PHE B 3 4.10 30.27 15.94
N TRP B 4 3.67 29.05 16.26
CA TRP B 4 4.49 27.84 16.38
C TRP B 4 4.34 26.95 15.17
N ILE B 5 5.45 26.26 14.79
CA ILE B 5 5.49 25.36 13.65
C ILE B 5 5.87 23.92 14.04
N ASP B 6 5.64 23.03 13.10
CA ASP B 6 6.00 21.63 13.16
C ASP B 6 6.83 21.47 11.93
N LEU B 7 8.01 20.91 12.11
CA LEU B 7 8.88 20.69 10.98
C LEU B 7 8.40 19.44 10.26
N PHE B 8 8.11 19.58 8.96
CA PHE B 8 7.72 18.45 8.14
C PHE B 8 8.80 17.34 8.28
N GLU B 9 8.41 16.07 8.23
CA GLU B 9 9.40 15.01 8.34
C GLU B 9 10.19 14.93 7.03
N THR B 10 11.48 14.61 7.13
CA THR B 10 12.38 14.48 6.01
C THR B 10 12.18 13.13 5.37
N ILE B 11 12.09 13.11 4.03
CA ILE B 11 11.92 11.91 3.24
C ILE B 11 13.27 11.68 2.52
N GLY B 12 13.98 10.61 2.91
CA GLY B 12 15.27 10.22 2.35
C GLY B 12 16.46 10.84 3.05
N SER B 26 6.29 21.48 -23.00
CA SER B 26 6.04 21.91 -21.63
C SER B 26 7.34 21.82 -20.77
N PRO B 27 7.76 22.91 -20.08
CA PRO B 27 9.01 22.85 -19.27
C PRO B 27 8.99 21.82 -18.15
N GLU B 28 10.17 21.23 -17.87
CA GLU B 28 10.42 20.21 -16.84
C GLU B 28 10.16 20.84 -15.48
N ASN B 29 9.15 20.32 -14.76
CA ASN B 29 8.76 20.83 -13.45
C ASN B 29 8.21 19.71 -12.60
N TYR B 30 8.65 19.66 -11.34
CA TYR B 30 8.23 18.71 -10.32
C TYR B 30 7.96 19.50 -9.05
N LEU B 31 6.82 19.23 -8.43
CA LEU B 31 6.40 19.91 -7.22
C LEU B 31 6.18 18.98 -6.04
N PHE B 32 6.56 19.46 -4.84
CA PHE B 32 6.29 18.80 -3.56
C PHE B 32 5.51 19.82 -2.72
N GLN B 33 4.38 19.39 -2.19
CA GLN B 33 3.47 20.20 -1.37
C GLN B 33 3.32 19.56 0.01
N GLY B 34 3.10 20.40 0.99
CA GLY B 34 2.86 20.01 2.37
C GLY B 34 1.65 20.71 2.93
N ARG B 35 0.99 20.06 3.88
CA ARG B 35 -0.19 20.61 4.54
C ARG B 35 -0.16 20.21 6.00
N GLN B 36 -0.28 21.17 6.91
CA GLN B 36 -0.33 20.95 8.35
C GLN B 36 -1.61 21.62 8.80
N GLU B 37 -2.67 20.81 8.94
CA GLU B 37 -4.02 21.29 9.25
C GLU B 37 -4.43 21.01 10.64
N CYS B 38 -4.92 22.02 11.34
CA CYS B 38 -5.44 21.94 12.72
C CYS B 38 -6.93 22.24 12.66
N TYR B 39 -7.73 21.28 13.12
CA TYR B 39 -9.18 21.36 13.17
C TYR B 39 -9.57 21.53 14.62
N ALA B 40 -10.05 22.73 14.97
CA ALA B 40 -10.49 23.07 16.32
C ALA B 40 -11.97 22.85 16.43
N PHE B 41 -12.40 22.07 17.45
CA PHE B 41 -13.80 21.74 17.74
C PHE B 41 -14.01 21.33 19.20
N ASN B 42 -14.98 21.94 19.89
CA ASN B 42 -15.38 21.65 21.29
C ASN B 42 -14.19 21.53 22.27
N GLY B 43 -13.21 22.43 22.11
CA GLY B 43 -12.01 22.45 22.95
C GLY B 43 -10.93 21.46 22.54
N THR B 44 -11.20 20.60 21.54
CA THR B 44 -10.27 19.62 20.99
C THR B 44 -9.54 20.18 19.75
N GLN B 45 -8.47 19.49 19.34
CA GLN B 45 -7.67 19.81 18.17
C GLN B 45 -7.37 18.50 17.50
N ARG B 46 -7.48 18.46 16.17
CA ARG B 46 -7.15 17.29 15.36
C ARG B 46 -6.19 17.81 14.30
N PHE B 47 -5.09 17.07 14.13
CA PHE B 47 -4.01 17.44 13.24
C PHE B 47 -3.79 16.50 12.07
N LEU B 48 -3.72 17.09 10.86
CA LEU B 48 -3.48 16.37 9.60
C LEU B 48 -2.29 16.90 8.85
N GLU B 49 -1.20 16.11 8.82
CA GLU B 49 0.05 16.43 8.13
C GLU B 49 0.04 15.66 6.82
N ARG B 50 0.10 16.39 5.70
CA ARG B 50 0.03 15.78 4.38
C ARG B 50 1.27 16.05 3.56
N TYR B 51 1.73 14.99 2.90
CA TYR B 51 2.89 14.98 2.03
C TYR B 51 2.33 14.67 0.69
N ILE B 52 2.47 15.64 -0.22
CA ILE B 52 1.90 15.59 -1.56
C ILE B 52 2.97 15.79 -2.62
N TYR B 53 3.15 14.79 -3.49
CA TYR B 53 4.05 14.89 -4.64
C TYR B 53 3.14 15.30 -5.79
N ASN B 54 3.39 16.48 -6.38
CA ASN B 54 2.60 17.11 -7.43
C ASN B 54 1.17 17.34 -6.88
N ARG B 55 0.18 16.53 -7.27
CA ARG B 55 -1.18 16.61 -6.76
C ARG B 55 -1.56 15.34 -6.01
N GLU B 56 -0.58 14.42 -5.85
CA GLU B 56 -0.74 13.13 -5.21
C GLU B 56 -0.32 13.15 -3.73
N GLU B 57 -1.31 13.12 -2.84
CA GLU B 57 -1.09 13.00 -1.40
C GLU B 57 -0.75 11.52 -1.26
N PHE B 58 0.53 11.20 -1.02
CA PHE B 58 1.04 9.82 -0.91
C PHE B 58 1.18 9.27 0.51
N VAL B 59 1.42 10.15 1.50
CA VAL B 59 1.57 9.80 2.93
C VAL B 59 1.02 10.95 3.77
N ARG B 60 0.39 10.62 4.89
CA ARG B 60 -0.30 11.52 5.79
C ARG B 60 -0.20 11.07 7.23
N PHE B 61 -0.39 12.00 8.18
CA PHE B 61 -0.49 11.72 9.61
C PHE B 61 -1.79 12.33 10.12
N ASP B 62 -2.72 11.47 10.56
CA ASP B 62 -3.99 11.89 11.15
C ASP B 62 -3.87 11.62 12.65
N SER B 63 -3.98 12.68 13.46
CA SER B 63 -3.89 12.57 14.92
C SER B 63 -4.93 11.56 15.49
N ASP B 64 -6.11 11.47 14.86
CA ASP B 64 -7.20 10.54 15.19
C ASP B 64 -6.74 9.07 14.93
N VAL B 65 -5.80 8.82 13.99
CA VAL B 65 -5.21 7.49 13.69
C VAL B 65 -4.02 7.25 14.64
N GLY B 66 -3.28 8.32 14.98
CA GLY B 66 -2.12 8.27 15.86
C GLY B 66 -0.85 7.73 15.23
N GLU B 67 -0.84 7.57 13.88
CA GLU B 67 0.28 7.09 13.07
C GLU B 67 0.21 7.43 11.60
N PHE B 68 1.39 7.40 10.93
CA PHE B 68 1.51 7.73 9.51
C PHE B 68 0.87 6.65 8.69
N ARG B 69 0.19 7.06 7.61
CA ARG B 69 -0.49 6.13 6.70
C ARG B 69 -0.22 6.52 5.27
N ALA B 70 0.20 5.56 4.45
CA ALA B 70 0.52 5.68 3.02
C ALA B 70 -0.76 5.81 2.17
N VAL B 71 -1.21 7.06 1.91
CA VAL B 71 -2.45 7.39 1.16
C VAL B 71 -2.46 6.69 -0.21
N THR B 72 -1.27 6.55 -0.82
CA THR B 72 -1.02 5.84 -2.07
C THR B 72 0.21 4.97 -1.80
N GLU B 73 0.51 4.03 -2.71
CA GLU B 73 1.65 3.16 -2.51
C GLU B 73 3.03 3.81 -2.64
N LEU B 74 3.07 5.07 -3.09
CA LEU B 74 4.25 5.92 -3.21
C LEU B 74 4.73 6.38 -1.80
N GLY B 75 3.83 6.26 -0.81
CA GLY B 75 4.11 6.61 0.56
C GLY B 75 4.36 5.43 1.48
N ARG B 76 4.42 4.19 0.91
CA ARG B 76 4.65 2.95 1.68
C ARG B 76 6.01 2.99 2.40
N PRO B 77 7.13 3.42 1.75
CA PRO B 77 8.40 3.49 2.50
C PRO B 77 8.33 4.45 3.69
N ASP B 78 7.58 5.56 3.53
CA ASP B 78 7.45 6.59 4.56
C ASP B 78 6.58 6.16 5.72
N GLU B 79 5.49 5.45 5.42
CA GLU B 79 4.59 4.89 6.41
C GLU B 79 5.35 3.86 7.23
N GLU B 80 6.08 2.95 6.53
CA GLU B 80 6.90 1.89 7.14
C GLU B 80 7.93 2.46 8.07
N TYR B 81 8.78 3.41 7.56
CA TYR B 81 9.85 4.05 8.30
C TYR B 81 9.41 4.88 9.47
N TRP B 82 8.49 5.85 9.27
CA TRP B 82 8.07 6.69 10.39
C TRP B 82 7.39 5.98 11.53
N ASN B 83 6.61 4.92 11.22
CA ASN B 83 5.91 4.14 12.22
C ASN B 83 6.83 3.24 13.04
N SER B 84 8.09 3.04 12.55
CA SER B 84 9.13 2.24 13.23
C SER B 84 9.95 3.13 14.19
N GLN B 85 9.63 4.44 14.21
CA GLN B 85 10.31 5.47 14.98
C GLN B 85 9.41 6.15 15.99
N LYS B 86 9.40 5.62 17.23
CA LYS B 86 8.60 6.13 18.35
C LYS B 86 8.85 7.61 18.64
N ASP B 87 10.07 8.12 18.34
CA ASP B 87 10.47 9.51 18.55
C ASP B 87 9.76 10.45 17.61
N ILE B 88 9.59 10.04 16.34
CA ILE B 88 8.88 10.80 15.31
C ILE B 88 7.36 10.73 15.59
N LEU B 89 6.83 9.53 15.91
CA LEU B 89 5.43 9.26 16.25
C LEU B 89 5.00 10.11 17.45
N GLU B 90 5.81 10.14 18.54
CA GLU B 90 5.51 10.92 19.75
C GLU B 90 5.59 12.39 19.54
N GLU B 91 6.31 12.80 18.52
CA GLU B 91 6.45 14.21 18.18
C GLU B 91 5.30 14.72 17.37
N GLU B 92 4.84 13.90 16.46
CA GLU B 92 3.68 14.18 15.65
C GLU B 92 2.43 14.08 16.49
N ARG B 93 2.36 13.10 17.45
CA ARG B 93 1.22 12.94 18.36
C ARG B 93 1.04 14.16 19.30
N ALA B 94 2.16 14.86 19.62
CA ALA B 94 2.17 16.02 20.52
C ALA B 94 1.65 17.30 19.87
N VAL B 95 1.59 17.32 18.54
CA VAL B 95 1.14 18.45 17.73
C VAL B 95 -0.26 19.01 18.07
N PRO B 96 -1.38 18.22 18.12
CA PRO B 96 -2.68 18.81 18.47
C PRO B 96 -2.65 19.58 19.79
N ASP B 97 -2.12 18.99 20.85
CA ASP B 97 -2.04 19.70 22.13
C ASP B 97 -0.91 20.71 22.23
N ARG B 98 0.06 20.72 21.27
CA ARG B 98 1.16 21.70 21.25
C ARG B 98 0.88 22.86 20.32
N MET B 99 1.36 22.80 19.04
CA MET B 99 1.18 23.92 18.13
C MET B 99 -0.24 24.24 17.74
N CYS B 100 -1.08 23.22 17.46
CA CYS B 100 -2.49 23.45 17.12
C CYS B 100 -3.14 24.28 18.26
N ARG B 101 -3.08 23.76 19.52
CA ARG B 101 -3.63 24.40 20.71
C ARG B 101 -3.06 25.79 20.92
N HIS B 102 -1.71 25.91 20.92
CA HIS B 102 -1.02 27.18 21.10
C HIS B 102 -1.52 28.22 20.10
N ASN B 103 -1.37 27.97 18.78
CA ASN B 103 -1.79 28.88 17.70
C ASN B 103 -3.25 29.26 17.75
N TYR B 104 -4.12 28.31 18.16
CA TYR B 104 -5.55 28.58 18.28
C TYR B 104 -5.82 29.61 19.38
N GLU B 105 -5.15 29.43 20.53
CA GLU B 105 -5.26 30.25 21.72
C GLU B 105 -4.61 31.65 21.63
N LEU B 106 -3.85 31.93 20.56
CA LEU B 106 -3.24 33.25 20.33
C LEU B 106 -4.38 34.20 19.94
N GLY B 107 -5.08 33.84 18.86
CA GLY B 107 -6.18 34.58 18.25
C GLY B 107 -7.41 34.87 19.08
N GLY B 108 -7.38 35.99 19.80
CA GLY B 108 -8.51 36.53 20.56
C GLY B 108 -9.50 37.17 19.60
N PRO B 109 -10.22 38.27 19.94
CA PRO B 109 -11.18 38.86 18.97
C PRO B 109 -10.53 39.58 17.77
N MET B 110 -9.68 38.83 17.01
CA MET B 110 -8.88 39.28 15.84
C MET B 110 -9.11 38.43 14.58
N THR B 111 -9.16 37.09 14.75
CA THR B 111 -9.40 36.10 13.71
C THR B 111 -10.62 35.25 14.12
N LEU B 112 -10.60 34.68 15.35
CA LEU B 112 -11.66 33.87 15.97
C LEU B 112 -12.96 34.67 16.17
N GLN B 113 -12.84 35.99 16.43
CA GLN B 113 -13.96 36.90 16.60
C GLN B 113 -13.87 38.15 15.69
N ARG B 114 -13.35 37.98 14.43
CA ARG B 114 -13.31 39.05 13.43
C ARG B 114 -14.74 39.16 12.87
N ARG B 115 -15.28 40.38 12.88
CA ARG B 115 -16.63 40.65 12.42
C ARG B 115 -16.64 41.86 11.49
N VAL B 116 -17.05 41.66 10.24
CA VAL B 116 -17.14 42.79 9.30
C VAL B 116 -18.57 42.81 8.80
N GLN B 117 -19.23 43.96 8.97
CA GLN B 117 -20.62 44.11 8.59
C GLN B 117 -20.88 44.13 7.11
N PRO B 118 -21.93 43.37 6.66
CA PRO B 118 -22.26 43.36 5.23
C PRO B 118 -22.86 44.67 4.72
N ARG B 119 -22.45 45.09 3.52
CA ARG B 119 -23.02 46.23 2.83
C ARG B 119 -24.11 45.58 1.93
N VAL B 120 -25.34 46.11 1.92
CA VAL B 120 -26.43 45.49 1.13
C VAL B 120 -26.98 46.45 0.06
N ASN B 121 -27.16 45.96 -1.17
CA ASN B 121 -27.65 46.75 -2.29
C ASN B 121 -28.67 45.98 -3.14
N VAL B 122 -29.88 46.53 -3.26
CA VAL B 122 -30.96 45.94 -4.06
C VAL B 122 -31.10 46.74 -5.34
N SER B 123 -30.98 46.07 -6.48
CA SER B 123 -31.04 46.68 -7.80
C SER B 123 -31.59 45.68 -8.83
N PRO B 124 -32.54 46.05 -9.72
CA PRO B 124 -33.02 45.06 -10.72
C PRO B 124 -31.97 44.84 -11.82
N SER B 125 -31.92 43.63 -12.39
CA SER B 125 -30.98 43.24 -13.44
C SER B 125 -31.13 44.06 -14.74
N LYS B 126 -32.39 44.24 -15.20
CA LYS B 126 -32.72 44.99 -16.40
C LYS B 126 -33.63 46.18 -16.06
N LYS B 127 -33.47 47.28 -16.83
CA LYS B 127 -34.29 48.51 -16.73
C LYS B 127 -35.44 48.44 -17.76
N GLY B 128 -36.59 49.03 -17.43
CA GLY B 128 -37.76 49.06 -18.30
C GLY B 128 -39.12 49.10 -17.62
N PRO B 129 -40.21 48.72 -18.34
CA PRO B 129 -41.57 48.75 -17.75
C PRO B 129 -41.81 47.71 -16.64
N LEU B 130 -42.52 48.12 -15.58
CA LEU B 130 -42.85 47.29 -14.41
C LEU B 130 -44.11 46.43 -14.57
N GLN B 131 -43.98 45.33 -15.38
CA GLN B 131 -45.03 44.33 -15.69
C GLN B 131 -44.43 42.98 -16.14
N HIS B 132 -43.33 43.03 -16.95
CA HIS B 132 -42.57 41.92 -17.56
C HIS B 132 -41.76 41.03 -16.57
N HIS B 133 -40.95 40.09 -17.10
CA HIS B 133 -40.07 39.19 -16.33
C HIS B 133 -38.77 39.94 -16.06
N ASN B 134 -38.34 39.94 -14.80
CA ASN B 134 -37.10 40.57 -14.39
C ASN B 134 -36.50 39.88 -13.16
N LEU B 135 -35.19 40.07 -12.97
CA LEU B 135 -34.38 39.51 -11.87
C LEU B 135 -34.03 40.66 -10.93
N LEU B 136 -34.43 40.54 -9.66
CA LEU B 136 -34.08 41.58 -8.69
C LEU B 136 -32.88 41.09 -7.85
N VAL B 137 -31.74 41.76 -8.01
CA VAL B 137 -30.46 41.40 -7.39
C VAL B 137 -30.27 42.01 -6.01
N CYS B 138 -29.88 41.18 -5.02
CA CYS B 138 -29.50 41.60 -3.67
C CYS B 138 -28.01 41.28 -3.58
N HIS B 139 -27.19 42.33 -3.77
CA HIS B 139 -25.74 42.25 -3.74
C HIS B 139 -25.23 42.60 -2.34
N VAL B 140 -25.00 41.54 -1.56
CA VAL B 140 -24.49 41.59 -0.19
C VAL B 140 -22.98 41.50 -0.34
N THR B 141 -22.29 42.51 0.17
CA THR B 141 -20.87 42.66 -0.01
C THR B 141 -20.08 42.97 1.28
N ASP B 142 -18.75 42.71 1.23
CA ASP B 142 -17.74 42.99 2.26
C ASP B 142 -17.90 42.41 3.66
N PHE B 143 -18.54 41.27 3.82
CA PHE B 143 -18.71 40.68 5.13
C PHE B 143 -17.65 39.61 5.53
N TYR B 144 -17.56 39.37 6.83
CA TYR B 144 -16.72 38.37 7.50
C TYR B 144 -17.34 38.07 8.88
N PRO B 145 -17.55 36.79 9.27
CA PRO B 145 -17.25 35.54 8.56
C PRO B 145 -18.18 35.28 7.37
N GLY B 146 -17.95 34.18 6.67
CA GLY B 146 -18.73 33.81 5.49
C GLY B 146 -20.16 33.41 5.72
N SER B 147 -20.52 32.96 6.93
CA SER B 147 -21.89 32.53 7.22
C SER B 147 -22.87 33.68 7.20
N ILE B 148 -23.78 33.68 6.22
CA ILE B 148 -24.80 34.70 6.01
C ILE B 148 -26.15 34.08 5.61
N GLN B 149 -27.26 34.77 5.97
CA GLN B 149 -28.63 34.37 5.64
C GLN B 149 -29.16 35.53 4.82
N VAL B 150 -29.61 35.27 3.58
CA VAL B 150 -30.13 36.32 2.70
C VAL B 150 -31.53 35.87 2.24
N ARG B 151 -32.57 36.52 2.77
CA ARG B 151 -33.96 36.21 2.45
C ARG B 151 -34.61 37.25 1.57
N TRP B 152 -35.59 36.77 0.80
CA TRP B 152 -36.37 37.59 -0.10
C TRP B 152 -37.80 37.64 0.36
N PHE B 153 -38.36 38.86 0.35
CA PHE B 153 -39.73 39.09 0.77
C PHE B 153 -40.50 39.89 -0.24
N LEU B 154 -41.74 39.47 -0.51
CA LEU B 154 -42.65 40.20 -1.40
C LEU B 154 -43.88 40.52 -0.57
N ASN B 155 -44.03 41.84 -0.24
CA ASN B 155 -45.11 42.40 0.59
C ASN B 155 -45.20 41.64 1.94
N GLY B 156 -44.05 41.60 2.64
CA GLY B 156 -43.88 40.98 3.95
C GLY B 156 -43.88 39.46 4.02
N GLN B 157 -44.35 38.78 2.94
CA GLN B 157 -44.36 37.32 2.85
C GLN B 157 -43.07 36.81 2.18
N GLU B 158 -42.49 35.71 2.70
CA GLU B 158 -41.24 35.16 2.18
C GLU B 158 -41.38 34.47 0.86
N GLU B 159 -40.52 34.86 -0.11
CA GLU B 159 -40.44 34.26 -1.44
C GLU B 159 -39.31 33.24 -1.36
N THR B 160 -39.68 31.96 -1.46
CA THR B 160 -38.77 30.80 -1.42
C THR B 160 -38.41 30.31 -2.83
N ALA B 161 -39.40 30.37 -3.76
CA ALA B 161 -39.28 29.97 -5.16
C ALA B 161 -38.70 31.09 -6.02
N GLY B 162 -37.97 30.72 -7.07
CA GLY B 162 -37.36 31.67 -8.00
C GLY B 162 -36.20 32.48 -7.44
N VAL B 163 -35.52 31.92 -6.41
CA VAL B 163 -34.36 32.54 -5.74
C VAL B 163 -33.06 31.92 -6.31
N VAL B 164 -32.40 32.65 -7.22
CA VAL B 164 -31.15 32.26 -7.88
C VAL B 164 -29.99 32.86 -7.10
N SER B 165 -29.20 31.99 -6.48
CA SER B 165 -28.07 32.41 -5.65
C SER B 165 -26.77 31.94 -6.27
N THR B 166 -25.75 32.82 -6.19
CA THR B 166 -24.40 32.58 -6.68
C THR B 166 -23.62 31.72 -5.69
N ASN B 167 -24.12 31.67 -4.44
CA ASN B 167 -23.51 31.02 -3.29
C ASN B 167 -22.27 31.83 -2.89
N LEU B 168 -21.80 31.61 -1.67
CA LEU B 168 -20.67 32.30 -1.08
C LEU B 168 -19.47 32.48 -2.01
N ILE B 169 -19.10 33.75 -2.22
CA ILE B 169 -17.98 34.19 -3.05
C ILE B 169 -16.93 34.81 -2.14
N ARG B 170 -15.73 34.25 -2.13
CA ARG B 170 -14.59 34.70 -1.35
C ARG B 170 -13.82 35.73 -2.20
N ASN B 171 -13.56 36.93 -1.65
CA ASN B 171 -12.85 37.98 -2.38
C ASN B 171 -11.33 37.87 -2.24
N GLY B 172 -10.87 36.98 -1.34
CA GLY B 172 -9.46 36.74 -1.04
C GLY B 172 -8.72 37.87 -0.35
N ASP B 173 -9.48 38.79 0.27
CA ASP B 173 -8.96 39.96 0.98
C ASP B 173 -9.53 40.02 2.42
N TRP B 174 -10.01 38.85 2.93
CA TRP B 174 -10.63 38.63 4.23
C TRP B 174 -12.08 39.13 4.28
N THR B 175 -12.72 39.20 3.09
CA THR B 175 -14.12 39.59 2.92
C THR B 175 -14.80 38.65 1.95
N PHE B 176 -16.13 38.53 2.11
CA PHE B 176 -16.95 37.73 1.24
C PHE B 176 -18.00 38.62 0.58
N GLN B 177 -18.70 38.03 -0.38
CA GLN B 177 -19.83 38.61 -1.12
C GLN B 177 -20.75 37.49 -1.55
N ILE B 178 -22.00 37.85 -1.81
CA ILE B 178 -23.05 36.95 -2.27
C ILE B 178 -24.07 37.76 -3.02
N LEU B 179 -24.53 37.19 -4.13
CA LEU B 179 -25.57 37.80 -4.94
C LEU B 179 -26.71 36.82 -4.92
N VAL B 180 -27.83 37.28 -4.33
CA VAL B 180 -29.06 36.49 -4.20
C VAL B 180 -30.10 37.25 -4.99
N MET B 181 -30.59 36.62 -6.04
CA MET B 181 -31.57 37.31 -6.88
C MET B 181 -32.88 36.61 -7.03
N LEU B 182 -33.98 37.38 -7.01
CA LEU B 182 -35.28 36.75 -7.24
C LEU B 182 -35.89 37.05 -8.58
N GLU B 183 -36.55 36.03 -9.11
CA GLU B 183 -37.30 36.09 -10.34
C GLU B 183 -38.59 36.75 -9.89
N MET B 184 -38.81 37.96 -10.38
CA MET B 184 -39.94 38.81 -10.05
C MET B 184 -40.69 39.24 -11.30
N THR B 185 -42.00 39.38 -11.15
CA THR B 185 -42.91 39.95 -12.13
C THR B 185 -43.61 41.10 -11.37
N PRO B 186 -42.91 42.27 -11.30
CA PRO B 186 -43.43 43.37 -10.49
C PRO B 186 -44.67 44.09 -10.97
N GLN B 187 -45.65 44.19 -10.08
CA GLN B 187 -46.89 44.93 -10.30
C GLN B 187 -46.61 46.28 -9.65
N GLN B 188 -47.25 47.38 -10.12
CA GLN B 188 -47.05 48.72 -9.55
C GLN B 188 -47.46 48.73 -8.09
N GLY B 189 -46.56 49.27 -7.25
CA GLY B 189 -46.74 49.37 -5.81
C GLY B 189 -46.35 48.16 -4.97
N ASP B 190 -45.67 47.16 -5.60
CA ASP B 190 -45.19 45.94 -4.93
C ASP B 190 -43.90 46.27 -4.16
N VAL B 191 -43.80 45.73 -2.93
CA VAL B 191 -42.64 45.96 -2.06
C VAL B 191 -41.80 44.71 -1.91
N TYR B 192 -40.61 44.80 -2.49
CA TYR B 192 -39.62 43.73 -2.48
C TYR B 192 -38.58 44.08 -1.43
N THR B 193 -38.34 43.16 -0.50
CA THR B 193 -37.39 43.37 0.61
C THR B 193 -36.38 42.24 0.77
N CYS B 194 -35.10 42.61 0.67
CA CYS B 194 -34.01 41.68 0.90
C CYS B 194 -33.57 41.82 2.34
N GLN B 195 -33.62 40.72 3.11
CA GLN B 195 -33.27 40.69 4.51
C GLN B 195 -32.03 39.83 4.78
N VAL B 196 -30.94 40.48 5.27
CA VAL B 196 -29.70 39.79 5.59
C VAL B 196 -29.44 39.69 7.09
N GLU B 197 -29.12 38.46 7.56
CA GLU B 197 -28.79 38.11 8.95
C GLU B 197 -27.34 37.62 8.95
N HIS B 198 -26.51 38.18 9.85
CA HIS B 198 -25.08 37.88 9.98
C HIS B 198 -24.63 38.14 11.43
N THR B 199 -23.63 37.37 11.95
CA THR B 199 -23.06 37.51 13.31
C THR B 199 -22.59 38.92 13.64
N SER B 200 -22.09 39.69 12.63
CA SER B 200 -21.63 41.07 12.82
C SER B 200 -22.81 42.05 13.04
N LEU B 201 -24.05 41.61 12.73
CA LEU B 201 -25.27 42.40 12.85
C LEU B 201 -26.08 41.99 14.07
N ASP B 202 -26.48 43.00 14.86
CA ASP B 202 -27.27 42.83 16.08
C ASP B 202 -28.76 42.61 15.79
N SER B 203 -29.21 43.06 14.61
CA SER B 203 -30.56 42.95 14.04
C SER B 203 -30.47 42.72 12.49
N PRO B 204 -31.51 42.18 11.80
CA PRO B 204 -31.42 42.02 10.34
C PRO B 204 -31.34 43.34 9.57
N VAL B 205 -30.55 43.36 8.49
CA VAL B 205 -30.41 44.52 7.63
C VAL B 205 -31.36 44.29 6.48
N THR B 206 -32.36 45.17 6.35
CA THR B 206 -33.34 45.06 5.27
C THR B 206 -33.22 46.25 4.30
N VAL B 207 -33.12 45.92 2.98
CA VAL B 207 -33.03 46.87 1.88
C VAL B 207 -34.27 46.62 1.02
N GLU B 208 -35.03 47.69 0.75
CA GLU B 208 -36.28 47.65 0.01
C GLU B 208 -36.13 48.10 -1.45
N TRP B 209 -37.00 47.56 -2.31
CA TRP B 209 -37.18 47.88 -3.71
C TRP B 209 -38.69 48.10 -3.93
N LYS B 210 -39.08 49.31 -4.37
CA LYS B 210 -40.47 49.64 -4.68
C LYS B 210 -40.63 49.64 -6.21
N ALA B 211 -41.60 48.83 -6.68
CA ALA B 211 -41.95 48.56 -8.08
C ALA B 211 -41.91 49.71 -9.13
N GLN B 212 -42.23 50.97 -8.73
CA GLN B 212 -42.26 52.20 -9.56
C GLN B 212 -43.29 52.16 -10.67
N ASN C 2 11.37 30.08 33.51
CA ASN C 2 11.41 28.71 32.95
C ASN C 2 12.51 27.85 33.60
N SER C 3 12.19 27.25 34.76
CA SER C 3 13.15 26.42 35.50
C SER C 3 12.59 25.11 36.01
N VAL C 4 13.54 24.19 36.33
CA VAL C 4 13.29 22.88 36.90
C VAL C 4 13.95 22.87 38.27
N THR C 5 13.13 22.63 39.31
CA THR C 5 13.59 22.54 40.67
C THR C 5 13.36 21.10 41.11
N GLN C 6 14.46 20.42 41.44
CA GLN C 6 14.38 19.02 41.88
C GLN C 6 15.12 18.75 43.21
N MET C 7 14.74 17.63 43.89
CA MET C 7 15.28 17.12 45.15
C MET C 7 16.79 17.24 45.27
N GLU C 8 17.18 17.97 46.30
CA GLU C 8 18.53 18.30 46.72
C GLU C 8 19.31 17.09 47.21
N GLY C 9 20.64 17.28 47.29
CA GLY C 9 21.66 16.36 47.81
C GLY C 9 21.64 14.91 47.38
N PRO C 10 22.59 14.08 47.91
CA PRO C 10 22.64 12.67 47.50
C PRO C 10 21.80 11.73 48.34
N VAL C 11 20.67 11.28 47.75
CA VAL C 11 19.76 10.32 48.37
C VAL C 11 20.47 8.96 48.45
N THR C 12 20.43 8.34 49.65
CA THR C 12 21.04 7.03 49.91
C THR C 12 19.95 6.15 50.49
N LEU C 13 19.65 5.06 49.77
CA LEU C 13 18.59 4.12 50.15
C LEU C 13 19.07 2.69 50.16
N SER C 14 18.42 1.84 50.98
CA SER C 14 18.71 0.42 51.03
C SER C 14 18.07 -0.19 49.79
N GLU C 15 18.49 -1.39 49.42
CA GLU C 15 17.93 -2.12 48.31
C GLU C 15 16.44 -2.36 48.67
N GLU C 16 15.58 -2.56 47.65
CA GLU C 16 14.13 -2.82 47.78
C GLU C 16 13.26 -1.68 48.41
N ALA C 17 13.88 -0.53 48.79
CA ALA C 17 13.22 0.65 49.39
C ALA C 17 12.32 1.41 48.40
N PHE C 18 11.47 2.33 48.92
CA PHE C 18 10.60 3.15 48.08
C PHE C 18 11.33 4.43 47.85
N LEU C 19 11.43 4.81 46.57
CA LEU C 19 12.11 6.04 46.18
C LEU C 19 11.15 7.09 45.72
N THR C 20 11.43 8.34 46.10
CA THR C 20 10.73 9.53 45.64
C THR C 20 11.81 10.57 45.38
N ILE C 21 11.90 11.03 44.13
CA ILE C 21 12.80 12.10 43.74
C ILE C 21 11.83 13.17 43.28
N ASN C 22 11.73 14.21 44.10
CA ASN C 22 10.83 15.32 43.85
C ASN C 22 11.33 16.20 42.72
N CYS C 23 10.39 16.64 41.89
CA CYS C 23 10.63 17.56 40.79
C CYS C 23 9.42 18.42 40.55
N THR C 24 9.65 19.72 40.57
CA THR C 24 8.68 20.77 40.30
C THR C 24 9.17 21.65 39.16
N TYR C 25 8.23 22.10 38.36
CA TYR C 25 8.55 22.99 37.26
C TYR C 25 7.77 24.29 37.43
N THR C 26 8.25 25.28 36.72
CA THR C 26 7.69 26.61 36.60
C THR C 26 8.03 26.97 35.16
N ALA C 27 7.01 26.91 34.26
CA ALA C 27 7.20 27.17 32.84
C ALA C 27 5.99 27.74 32.11
N THR C 28 6.26 28.19 30.87
CA THR C 28 5.33 28.82 29.93
C THR C 28 4.33 27.84 29.27
N GLY C 29 3.18 27.70 29.96
CA GLY C 29 1.97 26.92 29.63
C GLY C 29 2.00 25.53 29.01
N TYR C 30 2.86 25.29 27.99
CA TYR C 30 2.91 23.99 27.27
C TYR C 30 4.19 23.11 27.49
N PRO C 31 4.84 22.91 28.68
CA PRO C 31 6.04 22.08 28.62
C PRO C 31 5.81 20.57 28.66
N SER C 32 6.70 19.80 28.03
CA SER C 32 6.67 18.35 28.10
C SER C 32 7.66 18.06 29.22
N LEU C 33 7.43 17.00 29.99
CA LEU C 33 8.26 16.66 31.15
C LEU C 33 9.03 15.36 30.98
N PHE C 34 10.28 15.31 31.50
CA PHE C 34 11.17 14.17 31.35
C PHE C 34 12.00 13.80 32.57
N TRP C 35 12.40 12.54 32.63
CA TRP C 35 13.35 12.02 33.59
C TRP C 35 14.48 11.37 32.81
N TYR C 36 15.67 11.92 33.03
CA TYR C 36 16.89 11.40 32.42
C TYR C 36 17.68 10.75 33.51
N VAL C 37 18.33 9.66 33.18
CA VAL C 37 19.15 8.92 34.12
C VAL C 37 20.59 8.91 33.62
N GLN C 38 21.52 9.21 34.52
CA GLN C 38 22.94 9.19 34.24
C GLN C 38 23.61 8.14 35.14
N TYR C 39 23.93 6.98 34.55
CA TYR C 39 24.60 5.90 35.27
C TYR C 39 26.09 6.26 35.46
N PRO C 40 26.75 5.87 36.58
CA PRO C 40 28.19 6.22 36.73
C PRO C 40 29.15 5.97 35.54
N GLY C 41 29.70 7.05 35.07
CA GLY C 41 30.65 7.00 33.95
C GLY C 41 30.12 7.35 32.56
N GLU C 42 28.80 7.24 32.35
CA GLU C 42 28.21 7.57 31.04
C GLU C 42 27.51 8.93 30.95
N GLY C 43 26.90 9.19 29.80
CA GLY C 43 26.11 10.38 29.55
C GLY C 43 24.67 10.08 29.97
N LEU C 44 23.80 11.09 29.90
CA LEU C 44 22.39 10.96 30.23
C LEU C 44 21.67 10.00 29.27
N GLN C 45 20.56 9.48 29.72
CA GLN C 45 19.75 8.53 28.98
C GLN C 45 18.29 8.80 29.39
N LEU C 46 17.37 8.81 28.40
CA LEU C 46 15.98 9.00 28.74
C LEU C 46 15.47 7.80 29.53
N LEU C 47 14.85 8.07 30.68
CA LEU C 47 14.25 7.05 31.54
C LEU C 47 12.74 7.00 31.22
N LEU C 48 12.05 8.15 31.41
CA LEU C 48 10.62 8.41 31.34
C LEU C 48 10.31 9.80 30.78
N LYS C 49 9.13 9.94 30.15
CA LYS C 49 8.61 11.23 29.70
C LYS C 49 7.07 11.30 29.77
N ALA C 50 6.52 12.53 29.82
CA ALA C 50 5.07 12.82 29.82
C ALA C 50 4.82 14.10 29.03
N THR C 51 4.00 14.01 27.97
CA THR C 51 3.70 15.13 27.08
C THR C 51 2.80 16.20 27.73
N LYS C 52 1.55 15.84 28.01
CA LYS C 52 0.52 16.71 28.58
C LYS C 52 0.21 16.30 30.01
N ALA C 53 -0.43 17.22 30.79
CA ALA C 53 -0.86 16.98 32.17
C ALA C 53 -1.72 15.71 32.24
N ASP C 54 -1.52 14.88 33.29
CA ASP C 54 -2.16 13.57 33.57
C ASP C 54 -1.48 12.38 32.90
N ASP C 55 -0.52 12.65 31.98
CA ASP C 55 0.24 11.58 31.33
C ASP C 55 1.24 11.02 32.34
N LYS C 56 1.40 9.70 32.31
CA LYS C 56 2.30 8.97 33.19
C LYS C 56 3.44 8.37 32.40
N GLY C 57 4.65 8.63 32.84
CA GLY C 57 5.85 8.06 32.26
C GLY C 57 6.19 6.81 33.05
N SER C 58 6.41 5.68 32.35
CA SER C 58 6.76 4.43 33.02
C SER C 58 7.86 3.71 32.28
N ASN C 59 8.91 3.31 33.02
CA ASN C 59 10.07 2.55 32.53
C ASN C 59 10.93 2.09 33.69
N LYS C 60 11.52 0.88 33.58
CA LYS C 60 12.38 0.24 34.57
C LYS C 60 11.74 0.18 36.00
N GLY C 61 10.41 0.17 36.10
CA GLY C 61 9.71 0.12 37.38
C GLY C 61 9.54 1.47 38.06
N PHE C 62 9.96 2.53 37.36
CA PHE C 62 9.86 3.92 37.78
C PHE C 62 8.62 4.53 37.17
N GLU C 63 8.01 5.49 37.89
CA GLU C 63 6.86 6.22 37.40
C GLU C 63 6.81 7.64 37.90
N ALA C 64 6.44 8.55 37.00
CA ALA C 64 6.26 9.96 37.30
C ALA C 64 5.02 10.44 36.55
N THR C 65 4.16 11.22 37.26
CA THR C 65 2.91 11.72 36.67
C THR C 65 3.00 13.21 36.49
N TYR C 66 2.64 13.66 35.28
CA TYR C 66 2.61 15.06 34.91
C TYR C 66 1.38 15.62 35.64
N ARG C 67 1.65 16.34 36.73
CA ARG C 67 0.67 16.92 37.63
C ARG C 67 0.66 18.44 37.48
N LYS C 68 -0.36 18.99 36.76
CA LYS C 68 -0.53 20.42 36.50
C LYS C 68 -0.91 21.17 37.78
N GLU C 69 -1.71 20.52 38.64
CA GLU C 69 -2.19 21.05 39.93
C GLU C 69 -1.05 21.45 40.86
N THR C 70 -0.05 20.55 41.00
CA THR C 70 1.13 20.78 41.85
C THR C 70 2.35 21.23 41.06
N THR C 71 2.22 21.33 39.70
CA THR C 71 3.29 21.65 38.73
C THR C 71 4.49 20.75 39.05
N SER C 72 4.29 19.42 38.94
CA SER C 72 5.32 18.46 39.31
C SER C 72 5.43 17.19 38.47
N PHE C 73 6.63 16.58 38.53
CA PHE C 73 6.95 15.33 37.85
C PHE C 73 7.80 14.48 38.79
N HIS C 74 7.22 14.17 39.97
CA HIS C 74 7.85 13.40 41.04
C HIS C 74 8.11 11.99 40.62
N LEU C 75 9.38 11.61 40.68
CA LEU C 75 9.82 10.28 40.30
C LEU C 75 9.63 9.36 41.50
N GLU C 76 8.99 8.23 41.25
CA GLU C 76 8.73 7.21 42.24
C GLU C 76 9.13 5.84 41.74
N LYS C 77 9.66 5.00 42.66
CA LYS C 77 9.98 3.59 42.46
C LYS C 77 9.62 2.84 43.76
N GLY C 78 8.83 1.77 43.61
CA GLY C 78 8.35 0.94 44.70
C GLY C 78 9.44 0.27 45.49
N SER C 79 10.32 -0.43 44.76
CA SER C 79 11.48 -1.15 45.28
C SER C 79 12.65 -0.88 44.37
N VAL C 80 13.61 -0.12 44.87
CA VAL C 80 14.83 0.20 44.13
C VAL C 80 15.81 -0.96 44.10
N GLN C 81 16.49 -1.13 42.97
CA GLN C 81 17.53 -2.14 42.77
C GLN C 81 18.88 -1.44 42.91
N VAL C 82 19.95 -2.19 43.23
CA VAL C 82 21.33 -1.64 43.35
C VAL C 82 21.74 -0.97 42.00
N SER C 83 21.27 -1.56 40.87
CA SER C 83 21.46 -1.11 39.48
C SER C 83 20.91 0.31 39.23
N ASP C 84 19.97 0.78 40.09
CA ASP C 84 19.39 2.11 40.01
C ASP C 84 20.30 3.19 40.53
N SER C 85 21.43 2.82 41.19
CA SER C 85 22.38 3.83 41.68
C SER C 85 22.87 4.56 40.45
N ALA C 86 22.56 5.86 40.38
CA ALA C 86 22.83 6.75 39.28
C ALA C 86 22.44 8.16 39.66
N VAL C 87 22.53 9.08 38.70
CA VAL C 87 22.13 10.46 38.92
C VAL C 87 20.95 10.78 38.02
N TYR C 88 19.84 11.18 38.63
CA TYR C 88 18.58 11.43 37.96
C TYR C 88 18.39 12.90 37.76
N PHE C 89 17.98 13.23 36.52
CA PHE C 89 17.71 14.59 36.06
C PHE C 89 16.30 14.75 35.60
N CYS C 90 15.67 15.78 36.10
CA CYS C 90 14.33 16.13 35.71
C CYS C 90 14.49 17.18 34.63
N ALA C 91 13.63 17.16 33.61
CA ALA C 91 13.74 18.11 32.52
C ALA C 91 12.43 18.56 31.95
N LEU C 92 12.47 19.76 31.37
CA LEU C 92 11.40 20.48 30.70
C LEU C 92 11.71 20.58 29.24
N SER C 93 10.68 20.62 28.41
CA SER C 93 10.80 20.80 26.98
C SER C 93 9.93 21.96 26.62
N LEU C 94 10.52 23.06 26.17
CA LEU C 94 9.75 24.22 25.73
C LEU C 94 10.16 24.60 24.34
N TYR C 95 9.19 25.09 23.55
CA TYR C 95 9.40 25.56 22.18
C TYR C 95 10.50 26.60 22.17
N SER C 96 11.42 26.49 21.22
CA SER C 96 12.56 27.38 21.09
C SER C 96 12.75 27.88 19.67
N GLY C 97 11.63 28.08 18.98
CA GLY C 97 11.59 28.62 17.62
C GLY C 97 11.92 27.65 16.51
N ALA C 98 11.37 27.94 15.31
CA ALA C 98 11.53 27.19 14.06
C ALA C 98 11.25 25.67 14.19
N GLY C 99 10.21 25.36 14.96
CA GLY C 99 9.76 24.00 15.22
C GLY C 99 10.68 23.20 16.10
N SER C 100 11.59 23.90 16.82
CA SER C 100 12.55 23.30 17.76
C SER C 100 12.16 23.51 19.20
N TYR C 101 12.69 22.62 20.04
CA TYR C 101 12.48 22.55 21.48
C TYR C 101 13.82 22.51 22.19
N GLN C 102 13.85 23.08 23.39
CA GLN C 102 15.05 23.14 24.19
C GLN C 102 14.76 22.52 25.52
N LEU C 103 15.67 21.64 25.97
CA LEU C 103 15.57 21.00 27.28
C LEU C 103 16.15 21.92 28.34
N THR C 104 15.49 21.95 29.49
CA THR C 104 15.88 22.74 30.64
C THR C 104 15.97 21.69 31.75
N PHE C 105 17.19 21.38 32.19
CA PHE C 105 17.40 20.38 33.24
C PHE C 105 17.42 20.97 34.66
N GLY C 106 17.07 20.12 35.62
CA GLY C 106 17.14 20.43 37.04
C GLY C 106 18.57 20.10 37.47
N LYS C 107 19.01 20.55 38.68
CA LYS C 107 20.37 20.25 39.16
C LYS C 107 20.28 18.78 39.61
N GLY C 108 21.02 17.87 38.98
CA GLY C 108 20.94 16.41 39.22
C GLY C 108 20.78 15.86 40.63
N THR C 109 20.13 14.65 40.78
CA THR C 109 20.00 14.00 42.10
C THR C 109 20.69 12.66 42.07
N LYS C 110 21.85 12.59 42.78
CA LYS C 110 22.62 11.35 42.94
C LYS C 110 21.82 10.40 43.86
N LEU C 111 21.76 9.12 43.52
CA LEU C 111 21.11 8.10 44.34
C LEU C 111 22.07 6.95 44.49
N SER C 112 22.35 6.54 45.75
CA SER C 112 23.23 5.39 46.05
C SER C 112 22.35 4.30 46.64
N VAL C 113 22.16 3.20 45.91
CA VAL C 113 21.33 2.11 46.42
C VAL C 113 22.25 1.09 47.09
N ILE C 114 22.11 0.96 48.42
CA ILE C 114 22.90 0.09 49.31
C ILE C 114 22.35 -1.34 49.41
N PRO C 115 23.13 -2.37 48.95
CA PRO C 115 22.59 -3.74 48.96
C PRO C 115 22.42 -4.33 50.35
N ASN C 116 21.39 -5.19 50.50
CA ASN C 116 21.08 -5.81 51.78
C ASN C 116 21.94 -7.06 51.87
N ILE C 117 22.85 -7.09 52.87
CA ILE C 117 23.79 -8.20 53.01
C ILE C 117 23.25 -9.41 53.80
N GLN C 118 23.07 -10.52 53.07
CA GLN C 118 22.53 -11.78 53.57
C GLN C 118 23.34 -12.51 54.68
N ASN C 119 24.55 -13.03 54.43
CA ASN C 119 25.28 -13.74 55.50
C ASN C 119 26.60 -13.01 55.76
N PRO C 120 26.61 -11.84 56.48
CA PRO C 120 27.89 -11.13 56.73
C PRO C 120 28.90 -11.90 57.55
N ASP C 121 30.15 -11.84 57.14
CA ASP C 121 31.28 -12.50 57.79
C ASP C 121 32.37 -11.40 57.92
N PRO C 122 32.16 -10.27 58.67
CA PRO C 122 33.20 -9.22 58.73
C PRO C 122 34.57 -9.75 59.13
N ALA C 123 35.61 -9.29 58.40
CA ALA C 123 37.00 -9.70 58.58
C ALA C 123 37.95 -8.69 57.98
N VAL C 124 39.19 -8.62 58.51
CA VAL C 124 40.21 -7.75 57.94
C VAL C 124 41.46 -8.54 57.65
N TYR C 125 41.64 -8.83 56.37
CA TYR C 125 42.75 -9.63 55.88
C TYR C 125 43.93 -8.81 55.38
N GLN C 126 45.12 -9.45 55.31
CA GLN C 126 46.35 -8.85 54.80
C GLN C 126 46.70 -9.56 53.49
N LEU C 127 46.91 -8.78 52.43
CA LEU C 127 47.21 -9.25 51.09
C LEU C 127 48.58 -8.79 50.69
N ARG C 128 49.46 -9.72 50.31
CA ARG C 128 50.81 -9.36 49.90
C ARG C 128 50.94 -9.18 48.38
N ASP C 129 51.76 -8.20 48.00
CA ASP C 129 52.05 -7.84 46.60
C ASP C 129 52.73 -9.00 45.90
N SER C 130 52.24 -9.33 44.69
CA SER C 130 52.79 -10.41 43.88
C SER C 130 54.24 -10.14 43.42
N LYS C 131 54.67 -8.86 43.42
CA LYS C 131 56.01 -8.39 43.04
C LYS C 131 56.90 -8.44 44.28
N SER C 132 56.70 -7.49 45.24
CA SER C 132 57.45 -7.42 46.49
C SER C 132 56.66 -7.95 47.69
N SER C 133 57.33 -8.75 48.56
CA SER C 133 56.74 -9.29 49.80
C SER C 133 56.59 -8.12 50.79
N ASP C 134 57.53 -7.13 50.71
CA ASP C 134 57.65 -5.89 51.48
C ASP C 134 56.34 -5.07 51.48
N LYS C 135 55.65 -5.00 50.32
CA LYS C 135 54.42 -4.24 50.13
C LYS C 135 53.17 -5.08 50.40
N SER C 136 52.24 -4.51 51.20
CA SER C 136 50.97 -5.14 51.59
C SER C 136 49.82 -4.14 51.88
N VAL C 137 48.59 -4.64 51.67
CA VAL C 137 47.35 -3.92 51.90
C VAL C 137 46.48 -4.68 52.90
N CYS C 138 45.56 -3.93 53.54
CA CYS C 138 44.59 -4.44 54.51
C CYS C 138 43.23 -4.34 53.86
N LEU C 139 42.50 -5.44 53.83
CA LEU C 139 41.18 -5.49 53.21
C LEU C 139 40.11 -5.83 54.24
N PHE C 140 39.25 -4.87 54.52
CA PHE C 140 38.10 -5.04 55.40
C PHE C 140 36.97 -5.45 54.47
N THR C 141 36.58 -6.72 54.50
CA THR C 141 35.56 -7.27 53.61
C THR C 141 34.46 -8.05 54.33
N ASP C 142 33.38 -8.41 53.56
CA ASP C 142 32.19 -9.18 53.94
C ASP C 142 31.33 -8.57 55.06
N PHE C 143 31.56 -7.29 55.36
CA PHE C 143 30.83 -6.59 56.41
C PHE C 143 29.38 -6.27 56.01
N ASP C 144 28.59 -5.84 56.99
CA ASP C 144 27.19 -5.45 56.85
C ASP C 144 27.10 -4.07 56.20
N SER C 145 26.01 -3.81 55.47
CA SER C 145 25.81 -2.52 54.80
C SER C 145 25.61 -1.30 55.71
N GLN C 146 25.14 -1.54 56.97
CA GLN C 146 24.96 -0.50 57.99
C GLN C 146 26.32 0.01 58.50
N THR C 147 27.40 -0.84 58.36
CA THR C 147 28.79 -0.53 58.73
C THR C 147 29.32 0.56 57.78
N ASN C 148 29.71 1.72 58.36
CA ASN C 148 30.23 2.86 57.60
C ASN C 148 31.74 3.02 57.81
N VAL C 149 32.51 2.73 56.75
CA VAL C 149 33.99 2.83 56.71
C VAL C 149 34.37 4.32 56.83
N SER C 150 35.25 4.65 57.79
CA SER C 150 35.68 6.02 58.02
C SER C 150 37.04 6.28 57.43
N GLN C 151 37.27 7.54 56.96
CA GLN C 151 38.53 8.04 56.40
C GLN C 151 39.68 8.01 57.44
N SER C 152 40.94 8.14 56.99
CA SER C 152 42.12 8.08 57.86
C SER C 152 42.42 9.35 58.68
N LYS C 153 42.49 9.19 60.02
CA LYS C 153 42.83 10.26 60.99
C LYS C 153 44.33 10.52 60.91
N ASP C 154 45.10 9.47 60.53
CA ASP C 154 46.54 9.45 60.33
C ASP C 154 46.84 10.03 58.94
N SER C 155 47.91 10.85 58.86
CA SER C 155 48.37 11.56 57.67
C SER C 155 48.75 10.63 56.51
N ASP C 156 49.86 9.88 56.63
CA ASP C 156 50.40 8.95 55.62
C ASP C 156 49.67 7.57 55.49
N VAL C 157 48.41 7.48 55.99
CA VAL C 157 47.56 6.29 55.93
C VAL C 157 46.43 6.54 54.92
N TYR C 158 46.14 5.57 54.01
CA TYR C 158 45.08 5.68 53.01
C TYR C 158 44.05 4.56 53.11
N ILE C 159 42.78 4.94 53.28
CA ILE C 159 41.63 4.03 53.40
C ILE C 159 40.60 4.41 52.34
N THR C 160 40.13 3.40 51.56
CA THR C 160 39.10 3.61 50.53
C THR C 160 37.74 3.40 51.15
N ASP C 161 36.72 4.01 50.52
CA ASP C 161 35.31 3.87 50.88
C ASP C 161 34.84 2.44 50.50
N LYS C 162 33.71 2.01 51.07
CA LYS C 162 33.11 0.71 50.81
C LYS C 162 32.75 0.56 49.32
N CYS C 163 32.96 -0.63 48.80
CA CYS C 163 32.64 -0.96 47.43
C CYS C 163 32.02 -2.37 47.36
N VAL C 164 30.85 -2.46 46.73
CA VAL C 164 30.15 -3.74 46.59
C VAL C 164 30.46 -4.49 45.28
N LEU C 165 30.91 -5.75 45.40
CA LEU C 165 31.17 -6.63 44.27
C LEU C 165 30.13 -7.73 44.17
N ASP C 166 29.61 -7.98 42.97
CA ASP C 166 28.59 -9.01 42.73
C ASP C 166 29.24 -10.21 42.05
N MET C 167 29.31 -11.36 42.76
CA MET C 167 29.87 -12.59 42.23
C MET C 167 28.82 -13.43 41.45
N ARG C 168 27.91 -12.74 40.72
CA ARG C 168 26.80 -13.17 39.86
C ARG C 168 26.50 -14.70 39.77
N SER C 169 27.53 -15.51 39.42
CA SER C 169 27.47 -16.97 39.31
C SER C 169 27.18 -17.68 40.66
N MET C 170 27.38 -16.97 41.79
CA MET C 170 27.14 -17.44 43.16
C MET C 170 26.03 -16.64 43.85
N ASP C 171 25.46 -15.63 43.15
CA ASP C 171 24.43 -14.70 43.64
C ASP C 171 24.87 -14.12 45.01
N PHE C 172 26.18 -13.81 45.09
CA PHE C 172 26.89 -13.30 46.26
C PHE C 172 27.37 -11.86 46.06
N LYS C 173 26.99 -10.98 46.99
CA LYS C 173 27.40 -9.57 47.02
C LYS C 173 28.19 -9.34 48.30
N SER C 174 29.36 -8.68 48.21
CA SER C 174 30.17 -8.37 49.38
C SER C 174 30.83 -7.02 49.34
N ASN C 175 30.61 -6.24 50.42
CA ASN C 175 31.18 -4.92 50.62
C ASN C 175 32.65 -5.15 51.01
N SER C 176 33.53 -4.21 50.61
CA SER C 176 34.98 -4.25 50.88
C SER C 176 35.59 -2.88 50.83
N ALA C 177 36.57 -2.64 51.70
CA ALA C 177 37.33 -1.40 51.78
C ALA C 177 38.79 -1.80 51.83
N VAL C 178 39.67 -0.92 51.34
CA VAL C 178 41.10 -1.21 51.30
C VAL C 178 41.85 -0.12 52.04
N ALA C 179 42.74 -0.54 52.95
CA ALA C 179 43.61 0.34 53.72
C ALA C 179 45.05 -0.05 53.44
N TRP C 180 45.91 0.97 53.30
CA TRP C 180 47.34 0.80 53.07
C TRP C 180 48.08 2.02 53.57
N SER C 181 49.37 1.82 53.89
CA SER C 181 50.26 2.86 54.38
C SER C 181 51.68 2.45 54.19
N ASN C 182 52.56 3.47 54.00
CA ASN C 182 54.00 3.28 53.83
C ASN C 182 54.69 2.95 55.18
N LYS C 183 54.04 2.08 56.01
CA LYS C 183 54.48 1.58 57.31
C LYS C 183 54.80 2.73 58.35
N SER C 184 55.46 2.47 59.53
CA SER C 184 55.92 1.21 60.12
C SER C 184 55.05 0.85 61.34
N ASP C 185 54.31 1.88 61.84
CA ASP C 185 53.34 1.87 62.93
C ASP C 185 52.06 1.11 62.46
N PHE C 186 51.83 1.07 61.11
CA PHE C 186 50.71 0.44 60.42
C PHE C 186 50.67 -1.09 60.41
N ALA C 187 49.54 -1.63 60.88
CA ALA C 187 49.19 -3.04 60.96
C ALA C 187 47.68 -3.14 60.68
N CYS C 188 47.22 -4.30 60.15
CA CYS C 188 45.80 -4.52 59.81
C CYS C 188 44.81 -4.38 60.98
N ALA C 189 45.25 -4.68 62.22
CA ALA C 189 44.45 -4.54 63.44
C ALA C 189 44.18 -3.06 63.71
N ASN C 190 45.20 -2.21 63.44
CA ASN C 190 45.23 -0.76 63.59
C ASN C 190 44.45 -0.06 62.48
N ALA C 191 44.59 -0.54 61.22
CA ALA C 191 44.00 -0.03 59.96
C ALA C 191 42.66 0.70 60.02
N PHE C 192 41.61 0.02 60.51
CA PHE C 192 40.25 0.56 60.60
C PHE C 192 39.85 0.85 62.07
N ASN C 193 40.67 1.71 62.75
CA ASN C 193 40.47 2.13 64.15
C ASN C 193 39.48 3.30 64.24
N ASN C 194 39.62 4.31 63.34
CA ASN C 194 38.73 5.48 63.24
C ASN C 194 37.33 5.03 62.78
N SER C 195 37.26 3.86 62.13
CA SER C 195 36.03 3.25 61.66
C SER C 195 35.44 2.38 62.77
N ILE C 196 34.11 2.46 62.92
CA ILE C 196 33.35 1.70 63.89
C ILE C 196 32.97 0.34 63.28
N ILE C 197 33.98 -0.54 63.22
CA ILE C 197 33.90 -1.92 62.72
C ILE C 197 32.97 -2.82 63.61
N PRO C 198 32.32 -3.90 63.08
CA PRO C 198 31.46 -4.74 63.94
C PRO C 198 32.21 -5.50 65.05
N GLU C 199 31.47 -6.04 66.04
CA GLU C 199 32.01 -6.81 67.16
C GLU C 199 32.54 -8.17 66.66
N ASP C 200 31.80 -8.79 65.71
CA ASP C 200 32.05 -10.09 65.05
C ASP C 200 33.32 -10.17 64.17
N THR C 201 33.96 -9.02 63.83
CA THR C 201 35.15 -8.90 62.95
C THR C 201 36.31 -9.85 63.25
N PHE C 202 36.67 -10.66 62.23
CA PHE C 202 37.72 -11.68 62.22
C PHE C 202 39.09 -11.12 61.81
N PHE C 203 40.01 -11.04 62.77
CA PHE C 203 41.37 -10.54 62.57
C PHE C 203 42.40 -11.69 62.74
N PRO C 204 42.77 -12.45 61.69
CA PRO C 204 43.76 -13.54 61.88
C PRO C 204 45.21 -13.07 62.02
N SER C 205 46.09 -13.95 62.53
CA SER C 205 47.51 -13.68 62.76
C SER C 205 48.39 -14.83 62.27
N GLY D 2 25.54 4.35 20.60
CA GLY D 2 25.25 5.17 19.43
C GLY D 2 26.07 6.44 19.29
N VAL D 3 25.78 7.46 20.12
CA VAL D 3 26.49 8.75 20.03
C VAL D 3 27.92 8.58 20.45
N THR D 4 28.81 8.92 19.53
CA THR D 4 30.24 8.84 19.79
C THR D 4 30.79 10.25 19.92
N GLN D 5 31.84 10.38 20.75
CA GLN D 5 32.54 11.62 21.06
C GLN D 5 34.05 11.40 21.17
N THR D 6 34.84 12.22 20.45
CA THR D 6 36.30 12.13 20.48
C THR D 6 36.89 13.53 20.73
N PRO D 7 37.97 13.66 21.52
CA PRO D 7 38.65 12.59 22.28
C PRO D 7 37.86 12.28 23.58
N ARG D 8 38.11 11.13 24.21
CA ARG D 8 37.43 10.78 25.45
C ARG D 8 37.94 11.64 26.62
N TYR D 9 39.27 11.79 26.76
CA TYR D 9 39.92 12.59 27.82
C TYR D 9 40.90 13.60 27.21
N LEU D 10 41.00 14.78 27.82
CA LEU D 10 41.88 15.85 27.37
C LEU D 10 42.46 16.67 28.50
N ILE D 11 43.78 16.94 28.37
CA ILE D 11 44.57 17.77 29.30
C ILE D 11 45.13 18.93 28.50
N LYS D 12 44.74 20.14 28.89
CA LYS D 12 45.17 21.37 28.23
C LYS D 12 45.64 22.41 29.23
N THR D 13 46.48 23.34 28.75
CA THR D 13 47.05 24.45 29.53
C THR D 13 46.16 25.67 29.28
N ARG D 14 45.93 26.51 30.31
CA ARG D 14 45.16 27.75 30.16
C ARG D 14 45.72 28.60 29.00
N GLY D 15 44.85 29.01 28.07
CA GLY D 15 45.20 29.80 26.90
C GLY D 15 45.16 29.03 25.59
N GLN D 16 45.31 27.68 25.65
CA GLN D 16 45.26 26.79 24.48
C GLN D 16 43.81 26.71 23.91
N GLN D 17 43.64 25.93 22.83
CA GLN D 17 42.31 25.74 22.23
C GLN D 17 42.03 24.24 22.03
N VAL D 18 40.75 23.89 22.04
CA VAL D 18 40.26 22.53 21.87
C VAL D 18 39.18 22.46 20.87
N THR D 19 39.18 21.36 20.09
CA THR D 19 38.15 20.99 19.13
C THR D 19 37.68 19.61 19.54
N LEU D 20 36.39 19.52 19.87
CA LEU D 20 35.74 18.28 20.29
C LEU D 20 34.75 17.87 19.23
N SER D 21 34.90 16.65 18.67
CA SER D 21 34.02 16.10 17.64
C SER D 21 32.90 15.22 18.23
N CYS D 22 31.77 15.16 17.51
CA CYS D 22 30.60 14.35 17.86
C CYS D 22 30.04 13.65 16.65
N SER D 23 29.93 12.34 16.73
CA SER D 23 29.29 11.59 15.67
C SER D 23 27.92 11.19 16.19
N PRO D 24 26.83 11.85 15.70
CA PRO D 24 25.49 11.50 16.17
C PRO D 24 25.09 10.12 15.66
N ILE D 25 23.93 9.59 16.13
CA ILE D 25 23.39 8.30 15.70
C ILE D 25 22.85 8.49 14.26
N SER D 26 22.84 7.42 13.44
CA SER D 26 22.26 7.47 12.09
C SER D 26 20.73 7.34 12.29
N GLY D 27 19.94 8.30 11.79
CA GLY D 27 20.27 9.52 11.07
C GLY D 27 19.62 10.66 11.82
N HIS D 28 20.24 11.00 12.96
CA HIS D 28 19.87 12.08 13.85
C HIS D 28 20.52 13.31 13.25
N ARG D 29 19.75 14.37 13.12
CA ARG D 29 20.25 15.57 12.54
C ARG D 29 20.28 16.72 13.52
N SER D 30 19.64 16.56 14.64
CA SER D 30 19.65 17.49 15.77
C SER D 30 20.79 17.10 16.68
N VAL D 31 21.76 18.01 16.88
CA VAL D 31 22.94 17.81 17.74
C VAL D 31 23.01 18.95 18.73
N SER D 32 22.97 18.61 20.04
CA SER D 32 23.06 19.54 21.16
C SER D 32 24.34 19.31 21.94
N TRP D 33 24.94 20.39 22.44
CA TRP D 33 26.17 20.36 23.24
C TRP D 33 25.85 20.94 24.58
N TYR D 34 26.34 20.28 25.64
CA TYR D 34 26.18 20.68 27.03
C TYR D 34 27.51 20.62 27.74
N GLN D 35 27.69 21.50 28.73
CA GLN D 35 28.86 21.51 29.57
C GLN D 35 28.38 21.00 30.93
N GLN D 36 29.00 19.94 31.42
CA GLN D 36 28.66 19.37 32.73
C GLN D 36 29.77 19.63 33.75
N THR D 37 29.43 20.36 34.80
CA THR D 37 30.30 20.81 35.90
C THR D 37 29.67 20.45 37.24
N PRO D 38 30.44 20.08 38.29
CA PRO D 38 29.81 19.80 39.60
C PRO D 38 29.19 21.10 40.17
N GLY D 39 29.83 22.24 39.89
CA GLY D 39 29.42 23.57 40.29
C GLY D 39 28.11 24.05 39.68
N GLN D 40 28.01 24.01 38.32
CA GLN D 40 26.81 24.49 37.61
C GLN D 40 25.87 23.45 36.96
N GLY D 41 26.18 22.16 37.09
CA GLY D 41 25.37 21.08 36.53
C GLY D 41 25.44 21.07 35.02
N LEU D 42 24.30 20.75 34.35
CA LEU D 42 24.22 20.76 32.88
C LEU D 42 23.89 22.14 32.35
N GLN D 43 24.81 22.69 31.56
CA GLN D 43 24.68 24.01 30.97
C GLN D 43 24.68 23.89 29.46
N PHE D 44 23.58 24.35 28.84
CA PHE D 44 23.40 24.29 27.39
C PHE D 44 24.38 25.17 26.67
N LEU D 45 25.02 24.64 25.63
CA LEU D 45 25.96 25.38 24.84
C LEU D 45 25.29 25.91 23.60
N PHE D 46 24.82 25.00 22.72
CA PHE D 46 24.18 25.27 21.44
C PHE D 46 23.65 23.99 20.81
N GLU D 47 22.70 24.16 19.88
CA GLU D 47 22.14 23.06 19.11
C GLU D 47 22.06 23.39 17.63
N TYR D 48 22.43 22.39 16.83
CA TYR D 48 22.52 22.39 15.38
C TYR D 48 21.56 21.38 14.81
N PHE D 49 21.03 21.72 13.64
CA PHE D 49 20.14 20.95 12.79
C PHE D 49 20.34 21.44 11.39
N SER D 50 20.69 20.52 10.47
CA SER D 50 20.97 20.78 9.05
C SER D 50 21.94 21.96 8.89
N GLU D 51 23.14 21.84 9.52
CA GLU D 51 24.25 22.80 9.51
C GLU D 51 24.02 24.10 10.28
N THR D 52 22.76 24.50 10.52
CA THR D 52 22.50 25.76 11.21
C THR D 52 22.38 25.66 12.73
N GLN D 53 22.84 26.70 13.45
CA GLN D 53 22.75 26.74 14.89
C GLN D 53 21.37 27.25 15.26
N ARG D 54 20.47 26.32 15.55
CA ARG D 54 19.11 26.64 15.93
C ARG D 54 19.05 27.47 17.22
N ASN D 55 19.77 27.06 18.28
CA ASN D 55 19.80 27.79 19.55
C ASN D 55 21.18 27.84 20.15
N LYS D 56 21.39 28.76 21.08
CA LYS D 56 22.65 29.04 21.77
C LYS D 56 22.34 29.35 23.20
N GLY D 57 23.18 28.87 24.10
CA GLY D 57 23.06 29.12 25.53
C GLY D 57 23.76 30.40 25.91
N ASN D 58 24.09 30.61 27.19
CA ASN D 58 24.79 31.82 27.56
C ASN D 58 26.24 31.59 27.92
N PHE D 59 27.04 31.43 26.87
CA PHE D 59 28.48 31.16 26.91
C PHE D 59 29.19 32.18 26.01
N PRO D 60 30.40 32.65 26.40
CA PRO D 60 31.12 33.62 25.55
C PRO D 60 31.51 33.07 24.17
N GLY D 61 31.68 33.98 23.22
CA GLY D 61 32.04 33.71 21.83
C GLY D 61 33.19 32.77 21.59
N ARG D 62 34.04 32.53 22.61
CA ARG D 62 35.17 31.57 22.52
C ARG D 62 34.66 30.13 22.43
N PHE D 63 33.40 29.89 22.92
CA PHE D 63 32.69 28.62 22.82
C PHE D 63 31.84 28.70 21.55
N SER D 64 32.34 28.11 20.47
CA SER D 64 31.71 28.05 19.15
C SER D 64 31.51 26.58 18.74
N GLY D 65 30.62 26.36 17.77
CA GLY D 65 30.30 25.03 17.25
C GLY D 65 29.93 25.06 15.79
N ARG D 66 30.04 23.90 15.16
CA ARG D 66 29.70 23.71 13.76
C ARG D 66 29.12 22.36 13.53
N GLN D 67 28.33 22.23 12.46
CA GLN D 67 27.76 20.96 12.08
C GLN D 67 27.92 20.79 10.60
N PHE D 68 28.40 19.63 10.20
CA PHE D 68 28.62 19.25 8.83
C PHE D 68 27.36 18.64 8.16
N SER D 69 27.41 18.43 6.82
CA SER D 69 26.34 17.87 5.99
C SER D 69 25.89 16.47 6.42
N ASN D 70 26.83 15.66 6.93
CA ASN D 70 26.61 14.30 7.42
C ASN D 70 26.09 14.29 8.89
N SER D 71 25.79 15.49 9.43
CA SER D 71 25.29 15.77 10.78
C SER D 71 26.32 15.76 11.90
N ARG D 72 27.59 15.37 11.61
CA ARG D 72 28.66 15.39 12.60
C ARG D 72 28.84 16.84 13.06
N SER D 73 29.19 17.00 14.32
CA SER D 73 29.37 18.31 14.89
C SER D 73 30.74 18.42 15.56
N GLU D 74 31.21 19.65 15.69
CA GLU D 74 32.46 20.00 16.33
C GLU D 74 32.25 21.23 17.16
N MET D 75 32.76 21.21 18.37
CA MET D 75 32.69 22.38 19.20
C MET D 75 34.11 22.81 19.51
N ASN D 76 34.29 24.11 19.65
CA ASN D 76 35.60 24.68 19.91
C ASN D 76 35.51 25.62 21.08
N VAL D 77 36.55 25.57 21.93
CA VAL D 77 36.71 26.46 23.07
C VAL D 77 38.09 27.08 22.92
N SER D 78 38.15 28.37 22.60
CA SER D 78 39.44 29.07 22.48
C SER D 78 39.75 29.82 23.79
N THR D 79 41.00 30.29 23.94
CA THR D 79 41.49 30.98 25.13
C THR D 79 41.01 30.31 26.42
N LEU D 80 41.32 29.01 26.54
CA LEU D 80 40.94 28.14 27.65
C LEU D 80 41.28 28.70 28.99
N GLU D 81 40.35 28.53 29.89
CA GLU D 81 40.46 28.97 31.27
C GLU D 81 40.36 27.74 32.16
N LEU D 82 40.86 27.82 33.40
CA LEU D 82 40.81 26.71 34.36
C LEU D 82 39.36 26.26 34.60
N GLY D 83 38.44 27.22 34.68
CA GLY D 83 37.01 26.99 34.88
C GLY D 83 36.24 26.36 33.72
N ASP D 84 36.93 26.09 32.60
CA ASP D 84 36.37 25.43 31.43
C ASP D 84 36.45 23.91 31.62
N SER D 85 37.20 23.46 32.66
CA SER D 85 37.35 22.06 33.01
C SER D 85 35.96 21.55 33.34
N ALA D 86 35.51 20.56 32.53
CA ALA D 86 34.19 19.94 32.61
C ALA D 86 34.06 18.73 31.69
N LEU D 87 32.84 18.14 31.67
CA LEU D 87 32.44 17.03 30.81
C LEU D 87 31.63 17.70 29.71
N TYR D 88 32.11 17.60 28.46
CA TYR D 88 31.44 18.19 27.31
C TYR D 88 30.62 17.12 26.66
N LEU D 89 29.34 17.13 27.00
CA LEU D 89 28.35 16.18 26.54
C LEU D 89 27.74 16.61 25.24
N CYS D 90 27.51 15.64 24.38
CA CYS D 90 26.92 15.83 23.08
C CYS D 90 25.73 14.92 22.99
N ALA D 91 24.61 15.48 22.57
CA ALA D 91 23.38 14.73 22.45
C ALA D 91 22.72 14.88 21.07
N SER D 92 22.35 13.76 20.47
CA SER D 92 21.68 13.79 19.20
C SER D 92 20.20 13.43 19.40
N SER D 93 19.37 13.82 18.45
CA SER D 93 17.94 13.56 18.44
C SER D 93 17.46 13.21 17.03
N LEU D 94 16.67 12.15 16.90
CA LEU D 94 16.07 11.75 15.61
C LEU D 94 14.92 12.70 15.31
N ALA D 95 14.07 12.95 16.34
CA ALA D 95 12.93 13.86 16.32
C ALA D 95 13.52 15.23 16.05
N GLN D 96 13.09 15.85 14.98
CA GLN D 96 13.62 17.09 14.48
C GLN D 96 13.43 18.28 15.41
N GLY D 97 12.48 18.21 16.32
CA GLY D 97 12.30 19.22 17.36
C GLY D 97 13.41 19.19 18.40
N GLY D 98 14.13 18.06 18.46
CA GLY D 98 15.27 17.84 19.34
C GLY D 98 15.03 17.60 20.81
N GLU D 99 13.82 17.13 21.21
CA GLU D 99 13.50 16.87 22.63
C GLU D 99 14.04 15.54 23.13
N THR D 100 13.90 14.48 22.33
CA THR D 100 14.32 13.15 22.73
C THR D 100 15.75 12.97 22.37
N GLN D 101 16.61 13.23 23.35
CA GLN D 101 18.05 13.22 23.22
C GLN D 101 18.79 12.01 23.69
N TYR D 102 19.82 11.65 22.89
CA TYR D 102 20.72 10.50 23.07
C TYR D 102 22.08 11.08 23.30
N PHE D 103 22.59 10.90 24.53
CA PHE D 103 23.86 11.48 24.99
C PHE D 103 25.09 10.64 24.74
N GLY D 104 26.14 11.31 24.35
CA GLY D 104 27.43 10.70 24.11
C GLY D 104 28.15 10.46 25.42
N PRO D 105 29.27 9.72 25.43
CA PRO D 105 29.97 9.46 26.70
C PRO D 105 30.60 10.72 27.31
N GLY D 106 30.84 11.70 26.46
CA GLY D 106 31.41 13.00 26.79
C GLY D 106 32.90 13.10 26.59
N THR D 107 33.40 14.33 26.55
CA THR D 107 34.82 14.63 26.48
C THR D 107 35.17 15.22 27.83
N ARG D 108 35.99 14.51 28.65
CA ARG D 108 36.41 15.05 29.93
C ARG D 108 37.57 16.00 29.68
N LEU D 109 37.35 17.31 29.89
CA LEU D 109 38.39 18.29 29.65
C LEU D 109 38.97 18.83 30.92
N LEU D 110 40.30 18.75 31.05
CA LEU D 110 40.96 19.35 32.21
C LEU D 110 41.89 20.46 31.74
N VAL D 111 41.69 21.64 32.30
CA VAL D 111 42.52 22.80 31.97
C VAL D 111 43.41 23.11 33.18
N LEU D 112 44.72 23.11 32.92
CA LEU D 112 45.76 23.29 33.92
C LEU D 112 46.63 24.51 33.67
N GLU D 113 47.38 24.98 34.70
CA GLU D 113 48.30 26.12 34.54
C GLU D 113 49.57 25.63 33.84
N ASP D 114 50.02 24.43 34.23
CA ASP D 114 51.21 23.73 33.73
C ASP D 114 50.93 22.24 33.69
N LEU D 115 51.70 21.56 32.85
CA LEU D 115 51.64 20.12 32.65
C LEU D 115 52.76 19.44 33.46
N LYS D 116 53.42 20.22 34.35
CA LYS D 116 54.54 19.81 35.21
C LYS D 116 54.14 18.81 36.29
N ASN D 117 52.84 18.82 36.66
CA ASN D 117 52.26 17.95 37.66
C ASN D 117 51.47 16.73 37.09
N VAL D 118 51.71 16.37 35.81
CA VAL D 118 51.06 15.19 35.19
C VAL D 118 51.93 13.95 35.41
N PHE D 119 51.37 12.95 36.13
CA PHE D 119 52.05 11.70 36.47
C PHE D 119 51.27 10.44 36.09
N PRO D 120 51.91 9.43 35.46
CA PRO D 120 51.18 8.18 35.18
C PRO D 120 51.06 7.34 36.46
N PRO D 121 50.15 6.34 36.57
CA PRO D 121 50.07 5.58 37.82
C PRO D 121 51.13 4.50 37.96
N GLU D 122 51.30 4.02 39.18
CA GLU D 122 52.15 2.88 39.47
C GLU D 122 51.10 1.86 39.88
N VAL D 123 51.10 0.68 39.22
CA VAL D 123 50.07 -0.29 39.58
C VAL D 123 50.64 -1.59 40.19
N ALA D 124 49.99 -2.09 41.26
CA ALA D 124 50.36 -3.30 42.01
C ALA D 124 49.17 -4.21 42.23
N VAL D 125 49.39 -5.53 42.09
CA VAL D 125 48.38 -6.56 42.35
C VAL D 125 48.76 -7.24 43.66
N PHE D 126 47.78 -7.35 44.56
CA PHE D 126 47.91 -7.95 45.87
C PHE D 126 47.15 -9.25 45.86
N GLU D 127 47.90 -10.35 46.01
CA GLU D 127 47.43 -11.74 45.99
C GLU D 127 46.52 -12.01 47.20
N PRO D 128 45.45 -12.84 47.08
CA PRO D 128 44.55 -13.07 48.23
C PRO D 128 45.21 -13.65 49.47
N SER D 129 44.63 -13.38 50.65
CA SER D 129 45.07 -13.90 51.97
C SER D 129 44.71 -15.41 52.06
N GLU D 130 45.67 -16.26 52.54
CA GLU D 130 45.44 -17.71 52.73
C GLU D 130 44.33 -17.89 53.78
N ALA D 131 44.31 -16.96 54.78
CA ALA D 131 43.33 -16.83 55.85
C ALA D 131 41.92 -16.70 55.26
N GLU D 132 41.71 -15.80 54.27
CA GLU D 132 40.45 -15.56 53.56
C GLU D 132 40.03 -16.84 52.82
N ILE D 133 40.93 -17.41 52.01
CA ILE D 133 40.75 -18.65 51.24
C ILE D 133 40.32 -19.80 52.17
N SER D 134 40.95 -19.94 53.37
CA SER D 134 40.65 -20.97 54.38
C SER D 134 39.26 -20.73 55.01
N HIS D 135 39.02 -19.51 55.51
CA HIS D 135 37.78 -19.07 56.18
C HIS D 135 36.54 -18.90 55.29
N THR D 136 36.71 -18.54 53.99
CA THR D 136 35.58 -18.27 53.07
C THR D 136 35.53 -19.11 51.78
N GLN D 137 36.67 -19.74 51.40
CA GLN D 137 36.83 -20.51 50.15
C GLN D 137 36.57 -19.60 48.91
N LYS D 138 36.85 -18.29 49.14
CA LYS D 138 36.76 -17.16 48.24
C LYS D 138 38.09 -16.43 48.32
N ALA D 139 38.57 -15.93 47.17
CA ALA D 139 39.86 -15.28 47.00
C ALA D 139 39.71 -13.88 46.37
N THR D 140 40.01 -12.84 47.17
CA THR D 140 39.91 -11.45 46.70
C THR D 140 41.28 -10.94 46.33
N LEU D 141 41.41 -10.43 45.11
CA LEU D 141 42.65 -9.84 44.63
C LEU D 141 42.44 -8.34 44.67
N VAL D 142 43.40 -7.61 45.22
CA VAL D 142 43.28 -6.16 45.25
C VAL D 142 44.26 -5.56 44.21
N CYS D 143 43.86 -4.45 43.56
CA CYS D 143 44.71 -3.72 42.64
C CYS D 143 44.82 -2.31 43.09
N LEU D 144 46.03 -1.81 43.20
CA LEU D 144 46.24 -0.42 43.56
C LEU D 144 46.91 0.36 42.44
N ALA D 145 46.30 1.48 42.05
CA ALA D 145 46.85 2.40 41.05
C ALA D 145 47.16 3.63 41.88
N THR D 146 48.45 3.99 41.97
CA THR D 146 48.89 5.11 42.82
C THR D 146 49.74 6.16 42.11
N GLY D 147 49.75 7.35 42.72
CA GLY D 147 50.52 8.52 42.31
C GLY D 147 50.28 9.06 40.92
N PHE D 148 49.03 8.98 40.45
CA PHE D 148 48.65 9.46 39.13
C PHE D 148 47.92 10.77 39.19
N TYR D 149 48.19 11.64 38.20
CA TYR D 149 47.55 12.95 38.02
C TYR D 149 47.42 13.20 36.52
N PRO D 150 46.20 13.53 36.02
CA PRO D 150 44.92 13.68 36.75
C PRO D 150 44.13 12.37 36.85
N ASP D 151 42.86 12.37 37.35
CA ASP D 151 42.13 11.10 37.40
C ASP D 151 41.47 10.69 36.09
N HIS D 152 42.25 10.75 35.00
CA HIS D 152 41.89 10.36 33.65
C HIS D 152 42.46 8.95 33.50
N VAL D 153 41.86 8.04 34.28
CA VAL D 153 42.23 6.66 34.41
C VAL D 153 41.02 5.71 34.20
N GLU D 154 41.28 4.48 33.68
CA GLU D 154 40.27 3.44 33.43
C GLU D 154 40.87 2.11 33.84
N LEU D 155 40.49 1.61 35.02
CA LEU D 155 40.96 0.32 35.56
C LEU D 155 40.08 -0.84 35.02
N SER D 156 40.71 -1.98 34.75
CA SER D 156 40.09 -3.21 34.28
C SER D 156 40.87 -4.44 34.73
N TRP D 157 40.18 -5.57 34.90
CA TRP D 157 40.73 -6.86 35.32
C TRP D 157 40.65 -7.84 34.16
N TRP D 158 41.73 -8.58 33.96
CA TRP D 158 41.83 -9.53 32.87
C TRP D 158 42.26 -10.84 33.41
N VAL D 159 41.44 -11.85 33.17
CA VAL D 159 41.77 -13.21 33.58
C VAL D 159 41.92 -14.01 32.31
N ASN D 160 43.14 -14.55 32.08
CA ASN D 160 43.54 -15.34 30.92
C ASN D 160 43.27 -14.63 29.59
N GLY D 161 43.64 -13.34 29.55
CA GLY D 161 43.48 -12.49 28.40
C GLY D 161 42.06 -12.16 27.98
N LYS D 162 41.12 -12.17 28.94
CA LYS D 162 39.71 -11.84 28.74
C LYS D 162 39.24 -10.97 29.92
N GLU D 163 38.52 -9.86 29.60
CA GLU D 163 38.04 -8.90 30.58
C GLU D 163 36.98 -9.51 31.46
N VAL D 164 37.14 -9.31 32.76
CA VAL D 164 36.29 -9.81 33.82
C VAL D 164 35.54 -8.67 34.52
N HIS D 165 34.19 -8.81 34.63
CA HIS D 165 33.29 -7.86 35.28
C HIS D 165 32.69 -8.46 36.55
N SER D 166 32.42 -9.78 36.54
CA SER D 166 31.86 -10.51 37.69
C SER D 166 32.92 -10.63 38.78
N GLY D 167 32.49 -10.37 40.01
CA GLY D 167 33.34 -10.41 41.20
C GLY D 167 34.25 -9.21 41.33
N VAL D 168 33.97 -8.16 40.56
CA VAL D 168 34.75 -6.93 40.48
C VAL D 168 33.96 -5.78 41.00
N CYS D 169 34.69 -4.83 41.55
CA CYS D 169 34.30 -3.51 41.95
C CYS D 169 35.52 -2.62 42.22
N THR D 170 35.54 -1.45 41.58
CA THR D 170 36.58 -0.42 41.62
C THR D 170 35.96 0.75 42.36
N ASP D 171 36.79 1.49 43.11
CA ASP D 171 36.34 2.67 43.86
C ASP D 171 35.56 3.64 42.96
N PRO D 172 34.32 4.04 43.36
CA PRO D 172 33.53 4.96 42.55
C PRO D 172 34.24 6.28 42.25
N GLN D 173 35.03 6.76 43.23
CA GLN D 173 35.81 7.99 43.15
C GLN D 173 37.29 7.71 43.54
N PRO D 174 38.31 8.43 42.99
CA PRO D 174 39.69 8.19 43.43
C PRO D 174 39.96 8.78 44.82
N LEU D 175 41.16 8.53 45.33
CA LEU D 175 41.61 9.02 46.64
C LEU D 175 42.69 10.05 46.45
N LYS D 176 42.65 11.10 47.24
CA LYS D 176 43.64 12.17 47.19
C LYS D 176 44.77 11.73 48.10
N GLU D 177 45.98 11.55 47.52
CA GLU D 177 47.17 11.11 48.28
C GLU D 177 47.63 12.19 49.29
N GLN D 178 47.33 13.47 48.99
CA GLN D 178 47.59 14.67 49.77
C GLN D 178 46.25 15.45 49.78
N PRO D 179 45.22 15.04 50.60
CA PRO D 179 43.91 15.73 50.58
C PRO D 179 43.94 17.26 50.56
N ALA D 180 44.81 17.86 51.40
CA ALA D 180 45.00 19.30 51.44
C ALA D 180 46.04 19.65 50.35
N LEU D 181 45.58 19.67 49.06
CA LEU D 181 46.34 19.99 47.83
C LEU D 181 45.42 19.92 46.60
N ASN D 182 45.33 21.02 45.84
CA ASN D 182 44.52 21.13 44.62
C ASN D 182 45.10 20.29 43.48
N ASP D 183 46.44 20.10 43.49
CA ASP D 183 47.16 19.32 42.49
C ASP D 183 47.54 17.91 42.96
N SER D 184 46.97 17.45 44.11
CA SER D 184 47.20 16.13 44.71
C SER D 184 47.08 15.01 43.73
N ARG D 185 48.07 14.11 43.74
CA ARG D 185 48.12 12.89 42.92
C ARG D 185 47.09 11.94 43.52
N TYR D 186 46.61 11.00 42.71
CA TYR D 186 45.54 10.10 43.10
C TYR D 186 45.93 8.67 43.27
N SER D 187 45.05 7.93 43.97
CA SER D 187 45.11 6.49 44.23
C SER D 187 43.74 5.91 43.98
N LEU D 188 43.72 4.68 43.46
CA LEU D 188 42.49 3.97 43.13
C LEU D 188 42.68 2.49 43.39
N SER D 189 41.73 1.89 44.08
CA SER D 189 41.74 0.46 44.35
C SER D 189 40.60 -0.25 43.64
N SER D 190 40.78 -1.54 43.41
CA SER D 190 39.80 -2.40 42.78
C SER D 190 39.99 -3.78 43.36
N ARG D 191 38.90 -4.53 43.42
CA ARG D 191 38.91 -5.87 43.97
C ARG D 191 38.38 -6.81 42.94
N LEU D 192 38.90 -8.02 42.93
CA LEU D 192 38.44 -9.07 42.05
C LEU D 192 38.27 -10.27 42.91
N ARG D 193 37.01 -10.66 43.12
CA ARG D 193 36.76 -11.83 43.93
C ARG D 193 36.47 -12.98 43.07
N VAL D 194 37.13 -14.05 43.43
CA VAL D 194 37.07 -15.29 42.71
C VAL D 194 37.02 -16.46 43.71
N SER D 195 36.65 -17.64 43.24
CA SER D 195 36.60 -18.82 44.11
C SER D 195 38.06 -19.27 44.45
N ALA D 196 38.25 -19.97 45.58
CA ALA D 196 39.58 -20.48 45.99
C ALA D 196 40.08 -21.55 45.03
N THR D 197 39.14 -22.29 44.40
CA THR D 197 39.41 -23.34 43.40
C THR D 197 39.98 -22.70 42.12
N PHE D 198 39.56 -21.45 41.83
CA PHE D 198 40.02 -20.67 40.68
C PHE D 198 41.41 -20.09 40.97
N TRP D 199 41.62 -19.52 42.19
CA TRP D 199 42.92 -18.98 42.61
C TRP D 199 43.96 -20.07 42.80
N GLN D 200 43.58 -21.24 43.37
CA GLN D 200 44.51 -22.37 43.61
C GLN D 200 44.73 -23.24 42.34
N ASN D 201 45.14 -22.57 41.23
CA ASN D 201 45.41 -23.13 39.92
C ASN D 201 46.41 -22.18 39.17
N PRO D 202 47.70 -22.59 38.97
CA PRO D 202 48.68 -21.71 38.30
C PRO D 202 48.46 -21.44 36.82
N ARG D 203 47.47 -22.12 36.21
CA ARG D 203 47.05 -21.95 34.81
C ARG D 203 46.43 -20.57 34.62
N ASN D 204 45.76 -20.03 35.68
CA ASN D 204 45.09 -18.73 35.72
C ASN D 204 46.02 -17.55 35.99
N HIS D 205 45.99 -16.60 35.04
CA HIS D 205 46.77 -15.37 35.04
C HIS D 205 45.84 -14.20 35.23
N PHE D 206 46.12 -13.41 36.28
CA PHE D 206 45.34 -12.25 36.70
C PHE D 206 46.11 -11.00 36.39
N ARG D 207 45.51 -10.11 35.57
CA ARG D 207 46.12 -8.85 35.17
C ARG D 207 45.21 -7.69 35.53
N CYS D 208 45.78 -6.65 36.13
CA CYS D 208 45.03 -5.45 36.45
C CYS D 208 45.59 -4.40 35.52
N GLN D 209 44.79 -4.01 34.57
CA GLN D 209 45.11 -3.03 33.55
C GLN D 209 44.59 -1.70 33.99
N VAL D 210 45.40 -0.67 33.86
CA VAL D 210 45.03 0.69 34.22
C VAL D 210 45.44 1.56 33.05
N GLN D 211 44.45 2.05 32.33
CA GLN D 211 44.68 2.91 31.19
C GLN D 211 44.76 4.34 31.73
N PHE D 212 45.89 4.98 31.50
CA PHE D 212 46.10 6.36 31.89
C PHE D 212 46.00 7.23 30.64
N TYR D 213 45.40 8.41 30.81
CA TYR D 213 45.25 9.38 29.75
C TYR D 213 46.02 10.61 30.16
N GLY D 214 47.18 10.75 29.53
CA GLY D 214 48.08 11.86 29.79
C GLY D 214 48.32 12.70 28.57
N LEU D 215 49.57 13.12 28.43
CA LEU D 215 50.11 13.94 27.37
C LEU D 215 50.19 13.17 26.05
N SER D 216 50.05 13.88 24.92
CA SER D 216 50.15 13.31 23.58
C SER D 216 51.60 13.41 23.10
N GLU D 217 51.86 12.95 21.84
CA GLU D 217 53.15 13.04 21.15
C GLU D 217 53.39 14.51 20.72
N ASN D 218 52.31 15.32 20.69
CA ASN D 218 52.24 16.73 20.32
C ASN D 218 52.54 17.70 21.47
N ASP D 219 52.69 17.17 22.70
CA ASP D 219 52.93 17.98 23.90
C ASP D 219 54.40 18.20 24.26
N GLU D 220 54.71 19.44 24.70
CA GLU D 220 56.02 19.91 25.11
C GLU D 220 56.49 19.22 26.40
N TRP D 221 57.74 18.67 26.39
CA TRP D 221 58.26 18.03 27.60
C TRP D 221 59.68 18.39 27.99
N THR D 222 59.75 19.43 28.86
CA THR D 222 60.96 20.08 29.39
C THR D 222 61.55 19.40 30.63
N GLN D 223 60.70 18.71 31.41
CA GLN D 223 61.13 18.01 32.64
C GLN D 223 62.09 16.84 32.35
N ASP D 224 62.92 16.46 33.37
CA ASP D 224 63.91 15.37 33.25
C ASP D 224 63.28 13.98 33.21
N ARG D 225 62.23 13.74 34.05
CA ARG D 225 61.46 12.48 34.13
C ARG D 225 60.76 12.16 32.78
N ALA D 226 60.39 10.87 32.54
CA ALA D 226 59.73 10.44 31.30
C ALA D 226 58.45 11.23 31.03
N LYS D 227 58.11 11.49 29.73
CA LYS D 227 56.90 12.23 29.35
C LYS D 227 55.69 11.44 29.88
N PRO D 228 54.82 12.07 30.72
CA PRO D 228 53.67 11.34 31.27
C PRO D 228 52.59 11.19 30.21
N VAL D 229 52.94 10.39 29.17
CA VAL D 229 52.09 10.08 28.04
C VAL D 229 50.94 9.17 28.43
N THR D 230 49.91 9.14 27.56
CA THR D 230 48.79 8.23 27.71
C THR D 230 49.45 6.87 27.51
N GLN D 231 49.24 5.98 28.47
CA GLN D 231 49.84 4.66 28.51
C GLN D 231 49.02 3.72 29.37
N ILE D 232 49.30 2.43 29.24
CA ILE D 232 48.71 1.39 30.04
C ILE D 232 49.79 0.93 31.02
N VAL D 233 49.49 1.06 32.30
CA VAL D 233 50.34 0.59 33.39
C VAL D 233 49.57 -0.60 33.93
N SER D 234 50.22 -1.76 34.02
CA SER D 234 49.58 -2.97 34.51
C SER D 234 50.43 -3.73 35.52
N ALA D 235 49.76 -4.61 36.27
CA ALA D 235 50.35 -5.48 37.28
C ALA D 235 49.67 -6.81 37.14
N GLU D 236 50.38 -7.87 37.53
CA GLU D 236 49.90 -9.22 37.37
C GLU D 236 50.19 -10.12 38.57
N ALA D 237 49.48 -11.27 38.62
CA ALA D 237 49.60 -12.30 39.64
C ALA D 237 49.14 -13.62 39.03
N TRP D 238 49.83 -14.72 39.38
CA TRP D 238 49.49 -16.03 38.87
C TRP D 238 48.85 -16.84 39.98
N GLY D 239 47.85 -17.65 39.60
CA GLY D 239 47.14 -18.54 40.52
C GLY D 239 48.13 -19.36 41.32
N ARG D 240 48.01 -19.36 42.64
CA ARG D 240 48.97 -20.05 43.50
C ARG D 240 48.45 -21.39 43.99
N ALA D 241 49.19 -22.47 43.65
CA ALA D 241 48.89 -23.86 44.07
C ALA D 241 48.77 -23.95 45.61
N ASP D 242 49.73 -23.29 46.34
CA ASP D 242 49.83 -23.18 47.81
C ASP D 242 48.63 -22.44 48.39
N ILE E 1 -1.15 8.81 -20.79
CA ILE E 1 -0.37 8.01 -21.74
C ILE E 1 -0.57 8.53 -23.19
N LYS E 2 0.42 8.27 -24.10
CA LYS E 2 0.36 8.68 -25.51
C LYS E 2 -0.68 7.84 -26.28
N ALA E 3 -1.72 8.51 -26.81
CA ALA E 3 -2.77 7.83 -27.56
C ALA E 3 -3.40 8.70 -28.67
N ASP E 4 -3.70 8.06 -29.81
CA ASP E 4 -4.37 8.69 -30.94
C ASP E 4 -5.85 8.81 -30.51
N HIS E 5 -6.38 7.72 -29.90
CA HIS E 5 -7.74 7.58 -29.39
C HIS E 5 -7.73 6.82 -28.06
N VAL E 6 -8.76 7.04 -27.22
CA VAL E 6 -8.97 6.37 -25.95
C VAL E 6 -10.39 5.80 -26.01
N SER E 7 -10.49 4.46 -26.04
CA SER E 7 -11.76 3.73 -26.05
C SER E 7 -11.85 3.15 -24.64
N THR E 8 -12.85 3.59 -23.86
CA THR E 8 -13.02 3.15 -22.48
C THR E 8 -14.42 2.72 -22.03
N TYR E 9 -14.48 1.59 -21.27
CA TYR E 9 -15.69 1.09 -20.63
C TYR E 9 -15.60 1.65 -19.23
N ALA E 10 -16.64 2.37 -18.82
CA ALA E 10 -16.73 2.95 -17.50
C ALA E 10 -18.01 2.46 -16.88
N ALA E 11 -17.92 2.05 -15.62
CA ALA E 11 -19.07 1.51 -14.93
C ALA E 11 -19.01 1.82 -13.46
N PHE E 12 -20.18 1.97 -12.84
CA PHE E 12 -20.29 2.20 -11.43
C PHE E 12 -21.47 1.42 -10.87
N VAL E 13 -21.46 1.25 -9.58
CA VAL E 13 -22.48 0.53 -8.83
C VAL E 13 -22.48 1.22 -7.46
N GLN E 14 -23.65 1.40 -6.88
CA GLN E 14 -23.78 2.04 -5.57
C GLN E 14 -25.01 1.53 -4.82
N THR E 15 -25.45 2.30 -3.83
CA THR E 15 -26.61 1.92 -3.04
C THR E 15 -27.81 2.81 -3.36
N HIS E 16 -27.55 3.93 -4.02
CA HIS E 16 -28.60 4.86 -4.39
C HIS E 16 -28.73 4.96 -5.89
N ARG E 17 -29.96 5.16 -6.35
CA ARG E 17 -30.24 5.26 -7.78
C ARG E 17 -29.58 6.51 -8.36
N PRO E 18 -28.94 6.35 -9.52
CA PRO E 18 -28.88 5.04 -10.20
C PRO E 18 -27.98 4.06 -9.44
N THR E 19 -28.56 2.90 -9.15
CA THR E 19 -27.97 1.78 -8.43
C THR E 19 -26.77 1.15 -9.21
N GLY E 20 -26.72 1.44 -10.50
CA GLY E 20 -25.68 0.97 -11.39
C GLY E 20 -25.73 1.64 -12.73
N GLU E 21 -24.60 1.63 -13.42
CA GLU E 21 -24.46 2.17 -14.75
C GLU E 21 -23.28 1.50 -15.40
N PHE E 22 -23.48 1.04 -16.64
CA PHE E 22 -22.47 0.42 -17.46
C PHE E 22 -22.47 1.16 -18.79
N MET E 23 -21.33 1.74 -19.18
CA MET E 23 -21.26 2.48 -20.44
C MET E 23 -19.92 2.37 -21.14
N PHE E 24 -19.88 2.76 -22.43
CA PHE E 24 -18.67 2.76 -23.24
C PHE E 24 -18.53 4.10 -23.90
N GLU E 25 -17.32 4.66 -23.80
CA GLU E 25 -17.00 5.97 -24.38
C GLU E 25 -15.80 5.96 -25.31
N PHE E 26 -15.94 6.68 -26.43
CA PHE E 26 -14.87 6.85 -27.37
C PHE E 26 -14.41 8.31 -27.37
N ASP E 27 -13.16 8.55 -26.90
CA ASP E 27 -12.53 9.87 -26.81
C ASP E 27 -13.37 10.84 -26.03
N GLU E 28 -13.66 10.46 -24.78
CA GLU E 28 -14.45 11.18 -23.79
C GLU E 28 -15.95 11.31 -24.05
N ASP E 29 -16.45 10.86 -25.23
CA ASP E 29 -17.90 10.91 -25.56
C ASP E 29 -18.53 9.53 -25.46
N GLU E 30 -19.69 9.44 -24.80
CA GLU E 30 -20.39 8.16 -24.63
C GLU E 30 -21.03 7.70 -25.95
N MET E 31 -20.64 6.48 -26.38
CA MET E 31 -21.04 5.81 -27.62
C MET E 31 -22.26 4.92 -27.38
N PHE E 32 -22.26 4.14 -26.27
CA PHE E 32 -23.39 3.28 -25.85
C PHE E 32 -23.34 2.97 -24.37
N TYR E 33 -24.47 2.47 -23.85
CA TYR E 33 -24.67 2.01 -22.48
C TYR E 33 -25.74 0.93 -22.46
N VAL E 34 -25.82 0.21 -21.34
CA VAL E 34 -26.82 -0.82 -21.15
C VAL E 34 -27.89 -0.29 -20.21
N ASP E 35 -29.17 -0.32 -20.67
CA ASP E 35 -30.27 0.04 -19.78
C ASP E 35 -30.34 -1.22 -18.92
N LEU E 36 -30.01 -1.08 -17.64
CA LEU E 36 -29.95 -2.23 -16.72
C LEU E 36 -31.32 -2.81 -16.36
N ASP E 37 -32.36 -1.95 -16.36
CA ASP E 37 -33.75 -2.31 -16.11
C ASP E 37 -34.32 -3.01 -17.35
N LYS E 38 -34.22 -2.38 -18.54
CA LYS E 38 -34.69 -2.89 -19.84
C LYS E 38 -33.82 -4.04 -20.40
N LYS E 39 -32.61 -4.27 -19.83
CA LYS E 39 -31.66 -5.31 -20.26
C LYS E 39 -31.33 -5.25 -21.77
N GLU E 40 -31.18 -4.00 -22.28
CA GLU E 40 -30.84 -3.71 -23.68
C GLU E 40 -29.94 -2.50 -23.88
N THR E 41 -29.07 -2.60 -24.91
CA THR E 41 -28.10 -1.61 -25.35
C THR E 41 -28.81 -0.40 -25.94
N VAL E 42 -28.34 0.79 -25.55
CA VAL E 42 -28.86 2.05 -26.04
C VAL E 42 -27.67 2.74 -26.66
N TRP E 43 -27.76 3.06 -27.93
CA TRP E 43 -26.71 3.74 -28.68
C TRP E 43 -26.94 5.25 -28.67
N HIS E 44 -25.84 6.06 -28.64
CA HIS E 44 -25.99 7.52 -28.61
C HIS E 44 -26.53 8.11 -29.90
N LEU E 45 -26.00 7.66 -31.05
CA LEU E 45 -26.40 8.10 -32.39
C LEU E 45 -26.86 6.89 -33.17
N GLU E 46 -27.88 7.05 -34.04
CA GLU E 46 -28.44 5.96 -34.88
C GLU E 46 -27.37 5.22 -35.68
N GLU E 47 -26.43 5.96 -36.28
CA GLU E 47 -25.35 5.42 -37.09
C GLU E 47 -24.59 4.31 -36.38
N PHE E 48 -24.44 4.46 -35.04
CA PHE E 48 -23.71 3.56 -34.16
C PHE E 48 -24.42 2.22 -34.06
N GLY E 49 -25.72 2.26 -33.75
CA GLY E 49 -26.60 1.10 -33.63
C GLY E 49 -26.72 0.26 -34.89
N GLN E 50 -26.60 0.92 -36.05
CA GLN E 50 -26.65 0.33 -37.38
C GLN E 50 -25.28 -0.31 -37.76
N ALA E 51 -24.16 0.39 -37.44
CA ALA E 51 -22.80 -0.06 -37.72
C ALA E 51 -22.31 -1.14 -36.79
N PHE E 52 -22.72 -1.09 -35.49
CA PHE E 52 -22.26 -2.01 -34.46
C PHE E 52 -23.36 -2.67 -33.64
N SER E 53 -22.94 -3.61 -32.79
CA SER E 53 -23.77 -4.32 -31.84
C SER E 53 -23.01 -4.48 -30.54
N PHE E 54 -23.75 -4.71 -29.47
CA PHE E 54 -23.24 -4.96 -28.15
C PHE E 54 -24.28 -5.77 -27.43
N GLU E 55 -23.89 -7.00 -27.06
CA GLU E 55 -24.75 -7.92 -26.31
C GLU E 55 -24.80 -7.36 -24.89
N ALA E 56 -26.00 -6.83 -24.51
CA ALA E 56 -26.29 -6.24 -23.20
C ALA E 56 -25.90 -7.10 -22.00
N GLN E 57 -25.82 -8.44 -22.18
CA GLN E 57 -25.40 -9.37 -21.13
C GLN E 57 -24.00 -9.08 -20.58
N GLY E 58 -23.12 -8.55 -21.44
CA GLY E 58 -21.78 -8.10 -21.06
C GLY E 58 -21.83 -7.02 -19.98
N GLY E 59 -22.74 -6.05 -20.15
CA GLY E 59 -22.98 -4.98 -19.18
C GLY E 59 -23.58 -5.48 -17.88
N LEU E 60 -24.59 -6.41 -17.95
CA LEU E 60 -25.27 -7.00 -16.79
C LEU E 60 -24.29 -7.82 -15.97
N ALA E 61 -23.42 -8.61 -16.66
CA ALA E 61 -22.40 -9.44 -16.06
C ALA E 61 -21.35 -8.57 -15.31
N ASN E 62 -20.90 -7.45 -15.93
CA ASN E 62 -19.91 -6.53 -15.33
C ASN E 62 -20.45 -5.81 -14.12
N ILE E 63 -21.75 -5.49 -14.14
CA ILE E 63 -22.47 -4.84 -13.04
C ILE E 63 -22.61 -5.80 -11.86
N ALA E 64 -22.88 -7.09 -12.13
CA ALA E 64 -23.02 -8.12 -11.09
C ALA E 64 -21.72 -8.28 -10.32
N ILE E 65 -20.55 -8.32 -11.05
CA ILE E 65 -19.19 -8.43 -10.50
C ILE E 65 -18.93 -7.19 -9.65
N LEU E 66 -19.23 -6.00 -10.18
CA LEU E 66 -19.05 -4.72 -9.52
C LEU E 66 -19.91 -4.60 -8.25
N ASN E 67 -21.11 -5.21 -8.24
CA ASN E 67 -21.96 -5.23 -7.04
C ASN E 67 -21.31 -6.12 -5.97
N ASN E 68 -20.68 -7.24 -6.39
CA ASN E 68 -19.96 -8.14 -5.51
C ASN E 68 -18.77 -7.39 -4.90
N ASN E 69 -18.02 -6.67 -5.78
CA ASN E 69 -16.86 -5.87 -5.44
C ASN E 69 -17.21 -4.74 -4.50
N LEU E 70 -18.40 -4.09 -4.70
CA LEU E 70 -18.89 -3.01 -3.84
C LEU E 70 -19.03 -3.57 -2.44
N ASN E 71 -19.75 -4.70 -2.29
CA ASN E 71 -20.00 -5.37 -1.01
C ASN E 71 -18.70 -5.66 -0.27
N THR E 72 -17.73 -6.29 -0.93
CA THR E 72 -16.43 -6.60 -0.34
C THR E 72 -15.69 -5.34 0.18
N LEU E 73 -15.82 -4.22 -0.55
CA LEU E 73 -15.16 -2.98 -0.17
C LEU E 73 -15.85 -2.15 0.87
N ILE E 74 -17.20 -2.28 1.01
CA ILE E 74 -17.95 -1.63 2.09
C ILE E 74 -17.33 -2.23 3.39
N GLN E 75 -17.18 -3.58 3.42
CA GLN E 75 -16.60 -4.37 4.50
C GLN E 75 -15.14 -3.97 4.76
N ARG E 76 -14.26 -4.15 3.74
CA ARG E 76 -12.82 -3.86 3.79
C ARG E 76 -12.48 -2.46 4.28
N SER E 77 -13.26 -1.43 3.85
CA SER E 77 -13.02 -0.05 4.21
C SER E 77 -13.67 0.35 5.57
N ASN E 78 -14.36 -0.61 6.22
CA ASN E 78 -15.08 -0.44 7.49
C ASN E 78 -16.18 0.63 7.26
N HIS E 79 -17.02 0.40 6.21
CA HIS E 79 -18.14 1.23 5.75
C HIS E 79 -17.76 2.70 5.48
N THR E 80 -16.62 2.92 4.77
CA THR E 80 -16.15 4.26 4.42
C THR E 80 -17.02 4.92 3.34
N GLN E 81 -17.70 5.99 3.73
CA GLN E 81 -18.55 6.81 2.86
C GLN E 81 -17.73 8.04 2.51
N ALA E 82 -17.68 8.35 1.22
CA ALA E 82 -16.95 9.49 0.70
C ALA E 82 -17.64 10.81 0.96
N THR E 83 -16.83 11.86 0.99
CA THR E 83 -17.25 13.25 1.11
C THR E 83 -18.06 13.60 -0.16
N ASN E 84 -19.19 14.32 0.04
CA ASN E 84 -20.10 14.76 -1.02
C ASN E 84 -19.50 15.99 -1.66
N ASP E 85 -19.01 15.83 -2.90
CA ASP E 85 -18.39 16.88 -3.69
C ASP E 85 -19.48 17.61 -4.46
N PRO E 86 -19.75 18.90 -4.13
CA PRO E 86 -20.83 19.64 -4.81
C PRO E 86 -20.60 19.92 -6.30
N PRO E 87 -21.68 20.03 -7.10
CA PRO E 87 -21.49 20.28 -8.54
C PRO E 87 -21.29 21.72 -8.96
N GLU E 88 -20.59 21.89 -10.09
CA GLU E 88 -20.37 23.14 -10.81
C GLU E 88 -21.54 23.09 -11.83
N VAL E 89 -22.29 24.16 -11.99
CA VAL E 89 -23.41 24.15 -12.94
C VAL E 89 -23.27 25.30 -13.96
N THR E 90 -23.31 24.97 -15.26
CA THR E 90 -23.27 25.93 -16.35
C THR E 90 -24.48 25.67 -17.24
N VAL E 91 -25.09 26.76 -17.75
CA VAL E 91 -26.23 26.69 -18.67
C VAL E 91 -25.80 27.51 -19.89
N PHE E 92 -25.91 26.91 -21.07
CA PHE E 92 -25.50 27.50 -22.33
C PHE E 92 -26.31 26.92 -23.49
N PRO E 93 -26.69 27.72 -24.52
CA PRO E 93 -27.41 27.13 -25.65
C PRO E 93 -26.46 26.37 -26.58
N LYS E 94 -27.02 25.37 -27.29
CA LYS E 94 -26.31 24.54 -28.26
C LYS E 94 -25.97 25.40 -29.50
N GLU E 95 -26.97 26.14 -29.96
CA GLU E 95 -26.90 27.03 -31.12
C GLU E 95 -26.91 28.50 -30.71
N PRO E 96 -26.49 29.45 -31.60
CA PRO E 96 -26.59 30.87 -31.26
C PRO E 96 -28.09 31.23 -31.12
N VAL E 97 -28.44 32.07 -30.13
CA VAL E 97 -29.84 32.43 -29.90
C VAL E 97 -30.43 33.37 -30.94
N GLU E 98 -31.42 32.88 -31.68
CA GLU E 98 -32.15 33.61 -32.70
C GLU E 98 -33.60 33.46 -32.29
N LEU E 99 -34.22 34.57 -31.86
CA LEU E 99 -35.61 34.60 -31.39
C LEU E 99 -36.55 34.03 -32.43
N GLY E 100 -37.27 32.97 -32.04
CA GLY E 100 -38.21 32.29 -32.91
C GLY E 100 -37.70 30.99 -33.50
N GLN E 101 -36.37 30.82 -33.57
CA GLN E 101 -35.70 29.62 -34.11
C GLN E 101 -35.45 28.53 -33.04
N PRO E 102 -35.99 27.27 -33.20
CA PRO E 102 -35.76 26.23 -32.19
C PRO E 102 -34.30 25.96 -31.90
N ASN E 103 -33.98 25.91 -30.62
CA ASN E 103 -32.64 25.71 -30.07
C ASN E 103 -32.71 24.61 -29.03
N THR E 104 -31.58 24.34 -28.34
CA THR E 104 -31.48 23.38 -27.25
C THR E 104 -30.63 24.03 -26.16
N LEU E 105 -31.19 24.12 -24.94
CA LEU E 105 -30.49 24.66 -23.79
C LEU E 105 -29.79 23.48 -23.10
N ILE E 106 -28.49 23.62 -22.85
CA ILE E 106 -27.71 22.59 -22.19
C ILE E 106 -27.40 23.04 -20.77
N CYS E 107 -27.58 22.11 -19.83
CA CYS E 107 -27.23 22.28 -18.44
C CYS E 107 -26.13 21.26 -18.14
N HIS E 108 -24.93 21.77 -17.87
CA HIS E 108 -23.78 20.96 -17.57
C HIS E 108 -23.45 21.05 -16.08
N ILE E 109 -23.70 19.92 -15.38
CA ILE E 109 -23.49 19.66 -13.95
C ILE E 109 -22.16 18.88 -13.93
N ASP E 110 -21.09 19.47 -13.40
CA ASP E 110 -19.75 18.89 -13.41
C ASP E 110 -19.09 18.82 -12.03
N LYS E 111 -18.02 17.98 -11.90
CA LYS E 111 -17.18 17.81 -10.71
C LYS E 111 -17.87 17.35 -9.43
N PHE E 112 -18.97 16.57 -9.55
CA PHE E 112 -19.71 16.07 -8.40
C PHE E 112 -19.51 14.59 -8.09
N PHE E 113 -19.73 14.23 -6.81
CA PHE E 113 -19.64 12.89 -6.29
C PHE E 113 -20.49 12.83 -5.01
N PRO E 114 -21.39 11.83 -4.81
CA PRO E 114 -21.68 10.68 -5.67
C PRO E 114 -22.59 10.97 -6.87
N PRO E 115 -22.71 10.04 -7.85
CA PRO E 115 -23.66 10.26 -8.96
C PRO E 115 -25.12 10.02 -8.47
N VAL E 116 -25.59 10.95 -7.60
CA VAL E 116 -26.93 11.00 -6.99
C VAL E 116 -27.28 12.45 -7.11
N LEU E 117 -28.24 12.71 -7.99
CA LEU E 117 -28.62 14.05 -8.38
C LEU E 117 -30.07 14.12 -8.79
N ASN E 118 -30.69 15.31 -8.56
CA ASN E 118 -32.05 15.66 -8.98
C ASN E 118 -31.91 16.90 -9.84
N VAL E 119 -32.33 16.81 -11.11
CA VAL E 119 -32.23 17.97 -12.01
C VAL E 119 -33.59 18.20 -12.63
N THR E 120 -34.06 19.46 -12.57
CA THR E 120 -35.31 19.91 -13.16
C THR E 120 -35.07 21.21 -13.91
N TRP E 121 -35.74 21.32 -15.05
CA TRP E 121 -35.71 22.48 -15.91
C TRP E 121 -36.94 23.32 -15.52
N LEU E 122 -36.77 24.64 -15.41
CA LEU E 122 -37.86 25.52 -15.01
C LEU E 122 -37.99 26.67 -15.99
N CYS E 123 -39.13 26.71 -16.71
CA CYS E 123 -39.42 27.78 -17.65
C CYS E 123 -40.38 28.69 -16.93
N ASN E 124 -39.92 29.92 -16.66
CA ASN E 124 -40.67 30.95 -15.93
C ASN E 124 -41.15 30.49 -14.56
N GLY E 125 -40.27 29.81 -13.85
CA GLY E 125 -40.51 29.25 -12.52
C GLY E 125 -41.40 28.02 -12.49
N GLU E 126 -41.80 27.52 -13.68
CA GLU E 126 -42.66 26.35 -13.82
C GLU E 126 -41.88 25.16 -14.36
N LEU E 127 -42.07 23.97 -13.76
CA LEU E 127 -41.43 22.71 -14.12
C LEU E 127 -41.73 22.33 -15.57
N VAL E 128 -40.69 21.95 -16.32
CA VAL E 128 -40.84 21.53 -17.72
C VAL E 128 -40.62 20.03 -17.79
N THR E 129 -41.64 19.34 -18.29
CA THR E 129 -41.71 17.89 -18.44
C THR E 129 -41.48 17.47 -19.89
N GLU E 130 -41.70 18.39 -20.87
CA GLU E 130 -41.55 18.15 -22.30
C GLU E 130 -40.31 18.75 -22.96
N GLY E 131 -39.82 18.06 -23.99
CA GLY E 131 -38.65 18.43 -24.77
C GLY E 131 -37.35 18.35 -24.00
N VAL E 132 -37.34 17.46 -23.00
CA VAL E 132 -36.27 17.22 -22.05
C VAL E 132 -35.55 15.88 -22.32
N ALA E 133 -34.24 15.91 -22.28
CA ALA E 133 -33.36 14.75 -22.43
C ALA E 133 -32.21 14.88 -21.44
N GLU E 134 -31.46 13.79 -21.24
CA GLU E 134 -30.32 13.80 -20.35
C GLU E 134 -29.25 12.78 -20.69
N SER E 135 -28.02 13.06 -20.26
CA SER E 135 -26.86 12.19 -20.36
C SER E 135 -26.95 11.19 -19.20
N LEU E 136 -26.01 10.25 -19.19
CA LEU E 136 -25.88 9.32 -18.09
C LEU E 136 -24.97 10.07 -17.11
N PHE E 137 -24.68 9.47 -15.96
CA PHE E 137 -23.74 10.05 -15.03
C PHE E 137 -22.40 9.73 -15.65
N LEU E 138 -21.86 10.71 -16.35
CA LEU E 138 -20.62 10.56 -17.12
C LEU E 138 -19.36 10.51 -16.30
N PRO E 139 -18.44 9.58 -16.58
CA PRO E 139 -17.21 9.48 -15.79
C PRO E 139 -16.19 10.59 -16.04
N ARG E 140 -15.36 10.84 -15.05
CA ARG E 140 -14.28 11.81 -15.14
C ARG E 140 -13.04 11.09 -14.70
N THR E 141 -11.88 11.45 -15.27
CA THR E 141 -10.59 10.85 -14.95
C THR E 141 -10.19 10.92 -13.46
N ASP E 142 -10.81 11.86 -12.68
CA ASP E 142 -10.61 12.13 -11.25
C ASP E 142 -11.63 11.40 -10.35
N TYR E 143 -12.36 10.44 -10.96
CA TYR E 143 -13.39 9.56 -10.38
C TYR E 143 -14.62 10.26 -9.82
N SER E 144 -14.78 11.48 -10.29
CA SER E 144 -15.88 12.40 -10.04
C SER E 144 -16.81 12.22 -11.24
N PHE E 145 -17.96 12.90 -11.24
CA PHE E 145 -18.95 12.79 -12.31
C PHE E 145 -19.39 14.13 -12.92
N HIS E 146 -19.95 14.04 -14.13
CA HIS E 146 -20.56 15.13 -14.86
C HIS E 146 -21.80 14.61 -15.57
N LYS E 147 -22.71 15.51 -15.92
CA LYS E 147 -23.98 15.16 -16.55
C LYS E 147 -24.47 16.33 -17.34
N PHE E 148 -25.14 16.05 -18.47
CA PHE E 148 -25.73 17.04 -19.35
C PHE E 148 -27.22 16.82 -19.39
N HIS E 149 -27.96 17.92 -19.20
CA HIS E 149 -29.43 17.95 -19.27
C HIS E 149 -29.77 18.87 -20.43
N TYR E 150 -30.77 18.46 -21.22
CA TYR E 150 -31.14 19.20 -22.41
C TYR E 150 -32.56 19.57 -22.37
N LEU E 151 -32.85 20.73 -22.99
CA LEU E 151 -34.18 21.28 -23.11
C LEU E 151 -34.33 21.93 -24.46
N THR E 152 -35.22 21.40 -25.30
CA THR E 152 -35.51 22.00 -26.60
C THR E 152 -36.52 23.08 -26.27
N PHE E 153 -36.21 24.27 -26.74
CA PHE E 153 -37.01 25.44 -26.48
C PHE E 153 -36.93 26.33 -27.67
N VAL E 154 -37.88 27.27 -27.75
CA VAL E 154 -37.84 28.29 -28.78
C VAL E 154 -37.59 29.65 -28.10
N PRO E 155 -36.39 30.23 -28.29
CA PRO E 155 -36.07 31.52 -27.64
C PRO E 155 -37.04 32.65 -27.95
N SER E 156 -37.45 33.32 -26.87
CA SER E 156 -38.37 34.45 -26.78
C SER E 156 -37.86 35.35 -25.65
N ALA E 157 -37.84 36.68 -25.89
CA ALA E 157 -37.38 37.69 -24.90
C ALA E 157 -38.26 37.74 -23.65
N GLU E 158 -39.53 37.30 -23.78
CA GLU E 158 -40.42 37.30 -22.63
C GLU E 158 -40.47 35.94 -21.89
N ASP E 159 -39.30 35.29 -21.72
CA ASP E 159 -39.09 34.04 -20.98
C ASP E 159 -37.67 33.79 -20.54
N PHE E 160 -37.56 33.22 -19.36
CA PHE E 160 -36.31 32.89 -18.68
C PHE E 160 -36.30 31.41 -18.29
N TYR E 161 -35.10 30.86 -18.10
CA TYR E 161 -34.92 29.47 -17.73
C TYR E 161 -34.01 29.31 -16.54
N ASP E 162 -34.21 28.18 -15.83
CA ASP E 162 -33.47 27.75 -14.66
C ASP E 162 -33.17 26.27 -14.72
N CYS E 163 -31.98 25.93 -14.24
CA CYS E 163 -31.59 24.55 -14.13
C CYS E 163 -31.49 24.35 -12.63
N ARG E 164 -32.53 23.75 -12.04
CA ARG E 164 -32.59 23.51 -10.61
C ARG E 164 -31.97 22.15 -10.29
N VAL E 165 -30.74 22.17 -9.75
CA VAL E 165 -30.03 20.94 -9.39
C VAL E 165 -29.99 20.69 -7.87
N GLU E 166 -30.13 19.43 -7.46
CA GLU E 166 -30.06 19.00 -6.07
C GLU E 166 -28.99 17.94 -5.93
N HIS E 167 -28.07 18.15 -4.98
CA HIS E 167 -26.97 17.24 -4.65
C HIS E 167 -26.72 17.31 -3.13
N TRP E 168 -26.24 16.20 -2.53
CA TRP E 168 -25.97 16.11 -1.09
C TRP E 168 -24.90 17.12 -0.60
N GLY E 169 -23.92 17.43 -1.46
CA GLY E 169 -22.85 18.37 -1.15
C GLY E 169 -23.30 19.83 -1.21
N LEU E 170 -24.58 20.07 -1.54
CA LEU E 170 -25.21 21.39 -1.64
C LEU E 170 -26.07 21.60 -0.40
N ASP E 171 -25.93 22.79 0.25
CA ASP E 171 -26.71 23.14 1.46
C ASP E 171 -28.20 23.26 1.12
N GLN E 172 -28.50 23.76 -0.10
CA GLN E 172 -29.85 23.93 -0.63
C GLN E 172 -29.82 23.80 -2.18
N PRO E 173 -30.99 23.49 -2.86
CA PRO E 173 -30.99 23.40 -4.34
C PRO E 173 -30.32 24.61 -5.02
N LEU E 174 -29.52 24.34 -6.06
CA LEU E 174 -28.79 25.35 -6.82
C LEU E 174 -29.52 25.55 -8.15
N LEU E 175 -29.93 26.81 -8.42
CA LEU E 175 -30.60 27.24 -9.64
C LEU E 175 -29.60 28.00 -10.50
N LYS E 176 -29.40 27.54 -11.74
CA LYS E 176 -28.51 28.27 -12.64
C LYS E 176 -29.42 28.87 -13.70
N HIS E 177 -29.54 30.21 -13.65
CA HIS E 177 -30.42 31.04 -14.48
C HIS E 177 -29.91 31.26 -15.89
N TRP E 178 -30.84 31.38 -16.83
CA TRP E 178 -30.54 31.62 -18.23
C TRP E 178 -31.68 32.41 -18.92
N GLU E 179 -31.30 33.38 -19.79
CA GLU E 179 -32.20 34.25 -20.53
C GLU E 179 -31.44 34.72 -21.75
N ALA E 180 -32.16 34.97 -22.87
CA ALA E 180 -31.62 35.51 -24.13
C ALA E 180 -31.31 37.04 -23.91
N GLN E 181 -30.13 37.34 -23.31
CA GLN E 181 -29.69 38.70 -22.99
C GLN E 181 -28.85 39.30 -24.11
N GLN F 1 -18.81 -6.93 -36.59
CA GLN F 1 -19.18 -5.62 -36.10
C GLN F 1 -19.61 -5.54 -34.59
N ALA F 2 -19.27 -6.56 -33.74
CA ALA F 2 -19.66 -6.63 -32.30
C ALA F 2 -18.63 -6.13 -31.26
N PHE F 3 -19.13 -5.41 -30.23
CA PHE F 3 -18.29 -4.92 -29.17
C PHE F 3 -18.06 -6.02 -28.16
N TRP F 4 -16.79 -6.17 -27.77
CA TRP F 4 -16.28 -7.15 -26.82
C TRP F 4 -15.99 -6.51 -25.48
N ILE F 5 -16.17 -7.29 -24.40
CA ILE F 5 -15.92 -6.88 -23.02
C ILE F 5 -14.88 -7.75 -22.31
N ASP F 6 -14.38 -7.24 -21.19
CA ASP F 6 -13.49 -7.91 -20.29
C ASP F 6 -14.27 -7.88 -19.04
N LEU F 7 -14.38 -8.99 -18.36
CA LEU F 7 -15.08 -9.05 -17.10
C LEU F 7 -14.13 -8.57 -16.03
N PHE F 8 -14.56 -7.56 -15.28
CA PHE F 8 -13.78 -7.05 -14.15
C PHE F 8 -13.48 -8.23 -13.21
N GLU F 9 -12.31 -8.22 -12.55
CA GLU F 9 -12.01 -9.32 -11.64
C GLU F 9 -12.85 -9.17 -10.37
N THR F 10 -13.27 -10.30 -9.80
CA THR F 10 -14.07 -10.38 -8.59
C THR F 10 -13.14 -10.20 -7.41
N ILE F 11 -13.58 -9.39 -6.45
CA ILE F 11 -12.89 -9.11 -5.20
C ILE F 11 -13.70 -9.85 -4.09
N GLY F 12 -13.10 -10.93 -3.54
CA GLY F 12 -13.69 -11.75 -2.49
C GLY F 12 -13.29 -11.35 -1.09
N SER F 26 -26.68 13.29 5.54
CA SER F 26 -26.46 12.71 4.21
C SER F 26 -26.78 11.20 4.21
N PRO F 27 -27.65 10.68 3.27
CA PRO F 27 -27.99 9.24 3.26
C PRO F 27 -26.81 8.31 3.05
N GLU F 28 -26.87 7.11 3.65
CA GLU F 28 -25.83 6.06 3.59
C GLU F 28 -25.65 5.61 2.14
N ASN F 29 -24.45 5.84 1.58
CA ASN F 29 -24.12 5.51 0.19
C ASN F 29 -22.66 5.16 0.07
N TYR F 30 -22.41 4.08 -0.67
CA TYR F 30 -21.08 3.56 -0.99
C TYR F 30 -21.07 3.22 -2.46
N LEU F 31 -20.03 3.66 -3.16
CA LEU F 31 -19.90 3.43 -4.58
C LEU F 31 -18.65 2.64 -4.97
N PHE F 32 -18.78 1.75 -5.98
CA PHE F 32 -17.67 1.05 -6.59
C PHE F 32 -17.69 1.41 -8.08
N GLN F 33 -16.56 1.84 -8.61
CA GLN F 33 -16.36 2.24 -9.99
C GLN F 33 -15.29 1.38 -10.63
N GLY F 34 -15.44 1.16 -11.92
CA GLY F 34 -14.51 0.41 -12.73
C GLY F 34 -14.17 1.17 -14.00
N ARG F 35 -12.95 0.96 -14.51
CA ARG F 35 -12.49 1.61 -15.72
C ARG F 35 -11.66 0.61 -16.50
N GLN F 36 -11.99 0.42 -17.77
CA GLN F 36 -11.27 -0.47 -18.69
C GLN F 36 -10.94 0.43 -19.88
N GLU F 37 -9.71 0.94 -19.87
CA GLU F 37 -9.26 1.91 -20.87
C GLU F 37 -8.29 1.32 -21.83
N CYS F 38 -8.56 1.52 -23.13
CA CYS F 38 -7.73 1.09 -24.24
C CYS F 38 -7.18 2.33 -24.93
N TYR F 39 -5.86 2.42 -24.96
CA TYR F 39 -5.14 3.52 -25.57
C TYR F 39 -4.53 3.02 -26.84
N ALA F 40 -5.07 3.48 -27.98
CA ALA F 40 -4.62 3.11 -29.31
C ALA F 40 -3.62 4.15 -29.78
N PHE F 41 -2.41 3.69 -30.19
CA PHE F 41 -1.32 4.52 -30.69
C PHE F 41 -0.34 3.73 -31.57
N ASN F 42 -0.04 4.25 -32.78
CA ASN F 42 0.91 3.67 -33.74
C ASN F 42 0.74 2.16 -33.98
N GLY F 43 -0.51 1.72 -34.06
CA GLY F 43 -0.84 0.30 -34.27
C GLY F 43 -0.84 -0.54 -33.00
N THR F 44 -0.40 0.04 -31.85
CA THR F 44 -0.35 -0.63 -30.55
C THR F 44 -1.63 -0.34 -29.72
N GLN F 45 -1.83 -1.12 -28.65
CA GLN F 45 -2.92 -0.97 -27.69
C GLN F 45 -2.33 -1.14 -26.32
N ARG F 46 -2.73 -0.28 -25.37
CA ARG F 46 -2.32 -0.37 -23.98
C ARG F 46 -3.59 -0.33 -23.19
N PHE F 47 -3.70 -1.27 -22.24
CA PHE F 47 -4.88 -1.47 -21.42
C PHE F 47 -4.70 -1.14 -19.94
N LEU F 48 -5.58 -0.28 -19.41
CA LEU F 48 -5.59 0.13 -18.00
C LEU F 48 -6.90 -0.27 -17.42
N GLU F 49 -6.89 -1.17 -16.45
CA GLU F 49 -8.08 -1.64 -15.74
C GLU F 49 -8.00 -1.09 -14.33
N ARG F 50 -8.99 -0.33 -13.91
CA ARG F 50 -9.01 0.34 -12.61
C ARG F 50 -10.18 -0.05 -11.75
N TYR F 51 -9.88 -0.29 -10.49
CA TYR F 51 -10.84 -0.66 -9.45
C TYR F 51 -10.81 0.50 -8.51
N ILE F 52 -11.95 1.17 -8.41
CA ILE F 52 -12.12 2.41 -7.64
C ILE F 52 -13.24 2.26 -6.62
N TYR F 53 -12.91 2.40 -5.34
CA TYR F 53 -13.91 2.40 -4.28
C TYR F 53 -14.14 3.90 -4.01
N ASN F 54 -15.39 4.38 -4.19
CA ASN F 54 -15.82 5.77 -4.07
C ASN F 54 -15.04 6.56 -5.14
N ARG F 55 -14.03 7.33 -4.74
CA ARG F 55 -13.16 8.08 -5.66
C ARG F 55 -11.70 7.62 -5.51
N GLU F 56 -11.48 6.54 -4.75
CA GLU F 56 -10.18 5.96 -4.49
C GLU F 56 -9.86 4.77 -5.40
N GLU F 57 -8.98 5.00 -6.38
CA GLU F 57 -8.48 3.95 -7.25
C GLU F 57 -7.50 3.19 -6.32
N PHE F 58 -7.89 1.99 -5.85
CA PHE F 58 -7.09 1.18 -4.93
C PHE F 58 -6.22 0.11 -5.57
N VAL F 59 -6.64 -0.39 -6.73
CA VAL F 59 -5.90 -1.41 -7.49
C VAL F 59 -6.09 -1.15 -8.96
N ARG F 60 -5.11 -1.59 -9.78
CA ARG F 60 -5.09 -1.34 -11.20
C ARG F 60 -4.29 -2.41 -11.93
N PHE F 61 -4.56 -2.59 -13.22
CA PHE F 61 -3.79 -3.45 -14.12
C PHE F 61 -3.36 -2.60 -15.32
N ASP F 62 -2.04 -2.38 -15.47
CA ASP F 62 -1.46 -1.66 -16.59
C ASP F 62 -0.79 -2.70 -17.45
N SER F 63 -1.22 -2.82 -18.71
CA SER F 63 -0.66 -3.80 -19.65
C SER F 63 0.84 -3.64 -19.83
N ASP F 64 1.35 -2.38 -19.75
CA ASP F 64 2.76 -2.00 -19.82
C ASP F 64 3.54 -2.59 -18.60
N VAL F 65 2.88 -2.79 -17.44
CA VAL F 65 3.46 -3.39 -16.22
C VAL F 65 3.34 -4.95 -16.34
N GLY F 66 2.24 -5.43 -16.95
CA GLY F 66 1.95 -6.84 -17.15
C GLY F 66 1.46 -7.57 -15.91
N GLU F 67 1.09 -6.81 -14.86
CA GLU F 67 0.56 -7.31 -13.59
C GLU F 67 -0.19 -6.29 -12.74
N PHE F 68 -1.04 -6.77 -11.83
CA PHE F 68 -1.86 -5.93 -10.96
C PHE F 68 -0.99 -5.25 -9.97
N ARG F 69 -1.32 -3.99 -9.66
CA ARG F 69 -0.57 -3.17 -8.70
C ARG F 69 -1.51 -2.40 -7.82
N ALA F 70 -1.30 -2.52 -6.51
CA ALA F 70 -2.08 -1.80 -5.53
C ALA F 70 -1.72 -0.34 -5.69
N VAL F 71 -2.71 0.48 -5.98
CA VAL F 71 -2.54 1.95 -6.12
C VAL F 71 -2.52 2.58 -4.71
N THR F 72 -3.30 2.02 -3.77
CA THR F 72 -3.37 2.42 -2.36
C THR F 72 -3.28 1.13 -1.52
N GLU F 73 -3.17 1.23 -0.17
CA GLU F 73 -3.10 0.10 0.79
C GLU F 73 -4.30 -0.85 0.69
N LEU F 74 -5.45 -0.28 0.31
CA LEU F 74 -6.75 -0.92 0.20
C LEU F 74 -6.79 -1.98 -0.88
N GLY F 75 -5.87 -1.85 -1.84
CA GLY F 75 -5.71 -2.76 -2.95
C GLY F 75 -4.65 -3.81 -2.75
N ARG F 76 -3.91 -3.75 -1.62
CA ARG F 76 -2.83 -4.71 -1.28
C ARG F 76 -3.27 -6.19 -1.37
N PRO F 77 -4.43 -6.62 -0.78
CA PRO F 77 -4.86 -8.02 -0.94
C PRO F 77 -5.13 -8.41 -2.39
N ASP F 78 -5.62 -7.47 -3.20
CA ASP F 78 -5.95 -7.71 -4.59
C ASP F 78 -4.75 -7.87 -5.50
N GLU F 79 -3.67 -7.09 -5.28
CA GLU F 79 -2.42 -7.19 -6.03
C GLU F 79 -1.82 -8.57 -5.72
N GLU F 80 -1.74 -8.89 -4.40
CA GLU F 80 -1.22 -10.14 -3.84
C GLU F 80 -1.91 -11.34 -4.43
N TYR F 81 -3.24 -11.36 -4.35
CA TYR F 81 -4.06 -12.46 -4.85
C TYR F 81 -4.03 -12.62 -6.35
N TRP F 82 -4.31 -11.56 -7.12
CA TRP F 82 -4.33 -11.69 -8.58
C TRP F 82 -3.02 -12.07 -9.21
N ASN F 83 -1.90 -11.58 -8.65
CA ASN F 83 -0.57 -11.87 -9.17
C ASN F 83 -0.10 -13.29 -8.86
N SER F 84 -0.80 -13.97 -7.91
CA SER F 84 -0.53 -15.37 -7.52
C SER F 84 -1.34 -16.36 -8.45
N GLN F 85 -2.15 -15.78 -9.37
CA GLN F 85 -3.01 -16.50 -10.29
C GLN F 85 -2.67 -16.26 -11.74
N LYS F 86 -1.84 -17.16 -12.30
CA LYS F 86 -1.36 -17.09 -13.69
C LYS F 86 -2.50 -17.05 -14.72
N ASP F 87 -3.66 -17.67 -14.37
CA ASP F 87 -4.87 -17.73 -15.21
C ASP F 87 -5.52 -16.38 -15.36
N ILE F 88 -5.58 -15.59 -14.26
CA ILE F 88 -6.14 -14.24 -14.25
C ILE F 88 -5.15 -13.28 -14.95
N LEU F 89 -3.84 -13.40 -14.64
CA LEU F 89 -2.79 -12.58 -15.26
C LEU F 89 -2.78 -12.76 -16.77
N GLU F 90 -2.79 -14.01 -17.25
CA GLU F 90 -2.78 -14.31 -18.69
C GLU F 90 -4.05 -13.87 -19.42
N GLU F 91 -5.19 -13.87 -18.73
CA GLU F 91 -6.46 -13.42 -19.30
C GLU F 91 -6.35 -11.90 -19.45
N GLU F 92 -5.88 -11.19 -18.38
CA GLU F 92 -5.68 -9.73 -18.39
C GLU F 92 -4.67 -9.26 -19.41
N ARG F 93 -3.54 -9.97 -19.52
CA ARG F 93 -2.48 -9.68 -20.50
C ARG F 93 -2.95 -9.81 -21.97
N ALA F 94 -3.97 -10.65 -22.23
CA ALA F 94 -4.54 -10.90 -23.54
C ALA F 94 -5.42 -9.77 -24.03
N VAL F 95 -5.89 -8.91 -23.11
CA VAL F 95 -6.79 -7.79 -23.38
C VAL F 95 -6.33 -6.80 -24.46
N PRO F 96 -5.10 -6.20 -24.43
CA PRO F 96 -4.74 -5.24 -25.49
C PRO F 96 -4.86 -5.85 -26.88
N ASP F 97 -4.30 -7.04 -27.10
CA ASP F 97 -4.42 -7.69 -28.39
C ASP F 97 -5.76 -8.35 -28.69
N ARG F 98 -6.64 -8.52 -27.67
CA ARG F 98 -7.98 -9.09 -27.84
C ARG F 98 -9.05 -8.03 -27.96
N MET F 99 -9.74 -7.64 -26.86
CA MET F 99 -10.82 -6.67 -26.94
C MET F 99 -10.43 -5.28 -27.36
N CYS F 100 -9.31 -4.74 -26.84
CA CYS F 100 -8.85 -3.40 -27.25
C CYS F 100 -8.71 -3.38 -28.79
N ARG F 101 -7.88 -4.30 -29.36
CA ARG F 101 -7.64 -4.44 -30.79
C ARG F 101 -8.91 -4.66 -31.57
N HIS F 102 -9.72 -5.65 -31.17
CA HIS F 102 -11.00 -5.98 -31.81
C HIS F 102 -11.87 -4.74 -31.92
N ASN F 103 -12.24 -4.15 -30.77
CA ASN F 103 -13.09 -2.97 -30.66
C ASN F 103 -12.60 -1.80 -31.48
N TYR F 104 -11.27 -1.57 -31.52
CA TYR F 104 -10.66 -0.48 -32.28
C TYR F 104 -10.86 -0.68 -33.77
N GLU F 105 -10.67 -1.93 -34.24
CA GLU F 105 -10.78 -2.35 -35.63
C GLU F 105 -12.20 -2.43 -36.20
N LEU F 106 -13.24 -2.25 -35.34
CA LEU F 106 -14.65 -2.24 -35.78
C LEU F 106 -14.85 -0.91 -36.51
N GLY F 107 -14.60 0.19 -35.78
CA GLY F 107 -14.70 1.61 -36.15
C GLY F 107 -15.16 2.00 -37.54
N GLY F 108 -14.20 2.09 -38.46
CA GLY F 108 -14.32 2.52 -39.84
C GLY F 108 -14.55 4.03 -39.88
N PRO F 109 -14.90 4.66 -41.05
CA PRO F 109 -15.17 6.12 -41.04
C PRO F 109 -16.51 6.50 -40.35
N MET F 110 -16.66 6.11 -39.05
CA MET F 110 -17.82 6.31 -38.17
C MET F 110 -17.49 7.04 -36.85
N THR F 111 -16.36 6.65 -36.22
CA THR F 111 -15.84 7.19 -34.97
C THR F 111 -14.41 7.71 -35.22
N LEU F 112 -13.54 6.82 -35.78
CA LEU F 112 -12.13 7.06 -36.14
C LEU F 112 -12.01 8.14 -37.23
N GLN F 113 -13.00 8.19 -38.16
CA GLN F 113 -13.06 9.18 -39.23
C GLN F 113 -14.40 9.96 -39.26
N ARG F 114 -14.94 10.26 -38.04
CA ARG F 114 -16.17 11.06 -37.85
C ARG F 114 -15.75 12.51 -38.01
N ARG F 115 -16.44 13.20 -38.94
CA ARG F 115 -16.22 14.60 -39.27
C ARG F 115 -17.56 15.30 -39.54
N VAL F 116 -17.97 16.22 -38.64
CA VAL F 116 -19.22 17.00 -38.70
C VAL F 116 -18.82 18.44 -38.91
N GLN F 117 -19.38 19.05 -39.96
CA GLN F 117 -19.05 20.42 -40.32
C GLN F 117 -19.53 21.49 -39.36
N PRO F 118 -18.66 22.47 -39.03
CA PRO F 118 -19.08 23.53 -38.12
C PRO F 118 -20.08 24.50 -38.76
N ARG F 119 -21.08 24.92 -37.98
CA ARG F 119 -22.04 25.94 -38.37
C ARG F 119 -21.41 27.24 -37.80
N VAL F 120 -21.33 28.32 -38.58
CA VAL F 120 -20.70 29.55 -38.11
C VAL F 120 -21.66 30.74 -38.10
N ASN F 121 -21.68 31.53 -37.02
CA ASN F 121 -22.57 32.68 -36.86
C ASN F 121 -21.86 33.86 -36.23
N VAL F 122 -21.83 35.00 -36.94
CA VAL F 122 -21.22 36.23 -36.47
C VAL F 122 -22.33 37.19 -36.08
N SER F 123 -22.29 37.67 -34.83
CA SER F 123 -23.30 38.56 -34.27
C SER F 123 -22.68 39.44 -33.19
N PRO F 124 -22.93 40.78 -33.16
CA PRO F 124 -22.35 41.60 -32.08
C PRO F 124 -23.06 41.36 -30.74
N SER F 125 -22.32 41.49 -29.63
CA SER F 125 -22.84 41.28 -28.27
C SER F 125 -23.94 42.28 -27.88
N LYS F 126 -23.71 43.58 -28.16
CA LYS F 126 -24.65 44.66 -27.87
C LYS F 126 -25.13 45.29 -29.17
N LYS F 127 -26.46 45.52 -29.26
CA LYS F 127 -27.10 46.06 -30.47
C LYS F 127 -27.35 47.59 -30.40
N GLY F 128 -26.31 48.32 -29.98
CA GLY F 128 -26.34 49.78 -29.82
C GLY F 128 -25.98 50.56 -31.08
N PRO F 129 -25.16 51.64 -30.94
CA PRO F 129 -24.80 52.45 -32.13
C PRO F 129 -23.56 51.90 -32.86
N LEU F 130 -22.64 52.79 -33.29
CA LEU F 130 -21.39 52.48 -33.97
C LEU F 130 -20.33 53.43 -33.42
N GLN F 131 -19.04 53.30 -33.85
CA GLN F 131 -17.90 54.11 -33.41
C GLN F 131 -17.51 53.94 -31.91
N HIS F 132 -18.41 53.31 -31.11
CA HIS F 132 -18.30 52.94 -29.69
C HIS F 132 -17.90 51.47 -29.62
N HIS F 133 -17.04 51.10 -28.64
CA HIS F 133 -16.56 49.72 -28.48
C HIS F 133 -17.58 48.61 -28.13
N ASN F 134 -17.46 47.47 -28.82
CA ASN F 134 -18.34 46.31 -28.66
C ASN F 134 -17.54 45.01 -28.83
N LEU F 135 -18.22 43.87 -28.62
CA LEU F 135 -17.73 42.52 -28.83
C LEU F 135 -18.42 41.97 -30.05
N LEU F 136 -17.63 41.37 -30.94
CA LEU F 136 -18.19 40.72 -32.11
C LEU F 136 -18.00 39.23 -31.87
N VAL F 137 -19.11 38.54 -31.60
CA VAL F 137 -19.10 37.11 -31.30
C VAL F 137 -19.12 36.25 -32.56
N CYS F 138 -18.21 35.25 -32.63
CA CYS F 138 -18.18 34.23 -33.68
C CYS F 138 -18.52 32.93 -32.97
N HIS F 139 -19.79 32.53 -33.08
CA HIS F 139 -20.34 31.32 -32.48
C HIS F 139 -20.26 30.17 -33.49
N VAL F 140 -19.18 29.38 -33.36
CA VAL F 140 -18.89 28.20 -34.16
C VAL F 140 -19.53 27.05 -33.39
N THR F 141 -20.43 26.35 -34.05
CA THR F 141 -21.24 25.33 -33.44
C THR F 141 -21.30 23.99 -34.20
N ASP F 142 -21.70 22.90 -33.49
CA ASP F 142 -21.95 21.54 -33.99
C ASP F 142 -20.87 20.78 -34.73
N PHE F 143 -19.60 21.03 -34.42
CA PHE F 143 -18.53 20.32 -35.09
C PHE F 143 -17.98 19.10 -34.36
N TYR F 144 -17.29 18.23 -35.11
CA TYR F 144 -16.59 17.01 -34.67
C TYR F 144 -15.53 16.69 -35.71
N PRO F 145 -14.26 16.43 -35.33
CA PRO F 145 -13.68 16.40 -33.98
C PRO F 145 -13.53 17.79 -33.36
N GLY F 146 -13.04 17.85 -32.14
CA GLY F 146 -12.88 19.11 -31.41
C GLY F 146 -11.84 20.08 -31.90
N SER F 147 -10.84 19.61 -32.64
CA SER F 147 -9.78 20.49 -33.13
C SER F 147 -10.28 21.46 -34.19
N ILE F 148 -10.28 22.77 -33.85
CA ILE F 148 -10.73 23.86 -34.72
C ILE F 148 -9.79 25.09 -34.66
N GLN F 149 -9.74 25.88 -35.75
CA GLN F 149 -8.97 27.13 -35.85
C GLN F 149 -10.01 28.22 -36.14
N VAL F 150 -10.09 29.25 -35.30
CA VAL F 150 -11.07 30.34 -35.49
C VAL F 150 -10.29 31.68 -35.47
N ARG F 151 -10.17 32.31 -36.66
CA ARG F 151 -9.46 33.57 -36.83
C ARG F 151 -10.38 34.76 -37.05
N TRP F 152 -9.90 35.93 -36.65
CA TRP F 152 -10.59 37.19 -36.78
C TRP F 152 -9.86 38.10 -37.73
N PHE F 153 -10.63 38.70 -38.64
CA PHE F 153 -10.09 39.63 -39.65
C PHE F 153 -10.84 40.93 -39.69
N LEU F 154 -10.09 42.01 -39.86
CA LEU F 154 -10.66 43.34 -40.05
C LEU F 154 -10.07 43.86 -41.35
N ASN F 155 -10.97 44.08 -42.34
CA ASN F 155 -10.67 44.56 -43.71
C ASN F 155 -9.55 43.74 -44.37
N GLY F 156 -9.62 42.42 -44.16
CA GLY F 156 -8.67 41.46 -44.71
C GLY F 156 -7.42 41.25 -43.91
N GLN F 157 -7.10 42.13 -42.95
CA GLN F 157 -5.91 41.99 -42.08
C GLN F 157 -6.31 41.26 -40.78
N GLU F 158 -5.48 40.29 -40.33
CA GLU F 158 -5.79 39.52 -39.12
C GLU F 158 -5.63 40.30 -37.82
N GLU F 159 -6.67 40.22 -36.97
CA GLU F 159 -6.73 40.83 -35.65
C GLU F 159 -6.34 39.72 -34.67
N THR F 160 -5.17 39.88 -34.04
CA THR F 160 -4.62 38.92 -33.06
C THR F 160 -4.92 39.36 -31.60
N ALA F 161 -4.91 40.68 -31.35
CA ALA F 161 -5.18 41.30 -30.05
C ALA F 161 -6.70 41.52 -29.84
N GLY F 162 -7.12 41.45 -28.59
CA GLY F 162 -8.51 41.63 -28.19
C GLY F 162 -9.43 40.49 -28.55
N VAL F 163 -8.88 39.28 -28.71
CA VAL F 163 -9.60 38.04 -29.06
C VAL F 163 -9.87 37.22 -27.77
N VAL F 164 -11.11 37.32 -27.25
CA VAL F 164 -11.58 36.62 -26.04
C VAL F 164 -12.26 35.33 -26.45
N SER F 165 -11.63 34.21 -26.09
CA SER F 165 -12.13 32.87 -26.44
C SER F 165 -12.57 32.11 -25.22
N THR F 166 -13.69 31.36 -25.36
CA THR F 166 -14.27 30.52 -24.32
C THR F 166 -13.52 29.20 -24.23
N ASN F 167 -12.77 28.87 -25.29
CA ASN F 167 -12.07 27.60 -25.48
C ASN F 167 -13.10 26.49 -25.71
N LEU F 168 -12.66 25.37 -26.26
CA LEU F 168 -13.50 24.23 -26.63
C LEU F 168 -14.56 23.83 -25.59
N ILE F 169 -15.85 23.77 -26.03
CA ILE F 169 -16.99 23.34 -25.22
C ILE F 169 -17.51 22.03 -25.79
N ARG F 170 -17.60 20.98 -24.97
CA ARG F 170 -18.15 19.68 -25.37
C ARG F 170 -19.67 19.72 -25.06
N ASN F 171 -20.53 19.43 -26.05
CA ASN F 171 -21.98 19.46 -25.85
C ASN F 171 -22.55 18.13 -25.31
N GLY F 172 -21.72 17.10 -25.27
CA GLY F 172 -22.07 15.76 -24.79
C GLY F 172 -23.00 14.97 -25.70
N ASP F 173 -23.17 15.41 -26.96
CA ASP F 173 -24.04 14.80 -27.97
C ASP F 173 -23.26 14.48 -29.26
N TRP F 174 -21.93 14.33 -29.13
CA TRP F 174 -20.94 14.06 -30.17
C TRP F 174 -20.64 15.30 -31.04
N THR F 175 -20.86 16.50 -30.49
CA THR F 175 -20.56 17.76 -31.16
C THR F 175 -19.95 18.71 -30.17
N PHE F 176 -19.17 19.66 -30.68
CA PHE F 176 -18.52 20.70 -29.91
C PHE F 176 -19.03 22.07 -30.36
N GLN F 177 -18.63 23.10 -29.63
CA GLN F 177 -18.90 24.51 -29.90
C GLN F 177 -17.76 25.35 -29.34
N ILE F 178 -17.61 26.57 -29.84
CA ILE F 178 -16.61 27.54 -29.43
C ILE F 178 -17.12 28.93 -29.76
N LEU F 179 -16.92 29.86 -28.84
CA LEU F 179 -17.30 31.25 -29.00
C LEU F 179 -16.00 32.02 -28.94
N VAL F 180 -15.67 32.65 -30.06
CA VAL F 180 -14.45 33.44 -30.20
C VAL F 180 -14.94 34.86 -30.50
N MET F 181 -14.64 35.77 -29.59
CA MET F 181 -15.10 37.13 -29.77
C MET F 181 -14.05 38.17 -29.82
N LEU F 182 -14.17 39.16 -30.72
CA LEU F 182 -13.21 40.25 -30.75
C LEU F 182 -13.72 41.55 -30.20
N GLU F 183 -12.82 42.25 -29.51
CA GLU F 183 -13.04 43.57 -28.96
C GLU F 183 -12.83 44.44 -30.17
N MET F 184 -13.90 45.08 -30.59
CA MET F 184 -13.89 45.94 -31.75
C MET F 184 -14.45 47.31 -31.43
N THR F 185 -14.08 48.27 -32.27
CA THR F 185 -14.55 49.65 -32.27
C THR F 185 -14.89 49.94 -33.74
N PRO F 186 -16.12 49.53 -34.16
CA PRO F 186 -16.47 49.62 -35.57
C PRO F 186 -16.72 50.99 -36.16
N GLN F 187 -16.00 51.26 -37.27
CA GLN F 187 -16.13 52.45 -38.08
C GLN F 187 -17.09 52.02 -39.20
N GLN F 188 -17.84 52.96 -39.79
CA GLN F 188 -18.75 52.62 -40.89
C GLN F 188 -17.92 52.20 -42.11
N GLY F 189 -18.35 51.10 -42.73
CA GLY F 189 -17.65 50.54 -43.88
C GLY F 189 -16.60 49.49 -43.54
N ASP F 190 -16.52 49.12 -42.24
CA ASP F 190 -15.58 48.13 -41.74
C ASP F 190 -16.16 46.73 -41.91
N VAL F 191 -15.31 45.84 -42.45
CA VAL F 191 -15.66 44.46 -42.73
C VAL F 191 -14.92 43.55 -41.77
N TYR F 192 -15.70 42.94 -40.90
CA TYR F 192 -15.24 41.99 -39.90
C TYR F 192 -15.55 40.60 -40.41
N THR F 193 -14.51 39.75 -40.46
CA THR F 193 -14.61 38.39 -40.97
C THR F 193 -14.04 37.34 -40.03
N CYS F 194 -14.91 36.39 -39.64
CA CYS F 194 -14.52 35.26 -38.83
C CYS F 194 -14.23 34.10 -39.78
N GLN F 195 -12.99 33.57 -39.72
CA GLN F 195 -12.53 32.47 -40.56
C GLN F 195 -12.26 31.19 -39.75
N VAL F 196 -13.05 30.13 -40.02
CA VAL F 196 -12.89 28.84 -39.36
C VAL F 196 -12.30 27.76 -40.26
N GLU F 197 -11.39 26.98 -39.69
CA GLU F 197 -10.66 25.89 -40.30
C GLU F 197 -10.87 24.64 -39.45
N HIS F 198 -11.21 23.53 -40.12
CA HIS F 198 -11.51 22.26 -39.48
C HIS F 198 -11.34 21.10 -40.48
N THR F 199 -10.97 19.88 -40.00
CA THR F 199 -10.78 18.68 -40.84
C THR F 199 -11.99 18.34 -41.72
N SER F 200 -13.23 18.62 -41.24
CA SER F 200 -14.46 18.37 -42.00
C SER F 200 -14.64 19.34 -43.18
N LEU F 201 -13.86 20.45 -43.19
CA LEU F 201 -13.90 21.50 -44.21
C LEU F 201 -12.72 21.38 -45.17
N ASP F 202 -13.03 21.40 -46.47
CA ASP F 202 -12.03 21.31 -47.53
C ASP F 202 -11.32 22.66 -47.78
N SER F 203 -12.00 23.76 -47.43
CA SER F 203 -11.58 25.17 -47.52
C SER F 203 -12.08 25.95 -46.27
N PRO F 204 -11.51 27.14 -45.91
CA PRO F 204 -12.00 27.87 -44.73
C PRO F 204 -13.41 28.41 -44.90
N VAL F 205 -14.20 28.39 -43.82
CA VAL F 205 -15.55 28.92 -43.81
C VAL F 205 -15.45 30.30 -43.26
N THR F 206 -15.80 31.30 -44.07
CA THR F 206 -15.76 32.70 -43.62
C THR F 206 -17.16 33.30 -43.54
N VAL F 207 -17.48 33.92 -42.39
CA VAL F 207 -18.74 34.61 -42.11
C VAL F 207 -18.38 36.07 -41.84
N GLU F 208 -19.06 36.97 -42.55
CA GLU F 208 -18.82 38.41 -42.50
C GLU F 208 -19.84 39.16 -41.66
N TRP F 209 -19.39 40.28 -41.09
CA TRP F 209 -20.15 41.28 -40.36
C TRP F 209 -19.77 42.64 -40.98
N LYS F 210 -20.78 43.37 -41.53
CA LYS F 210 -20.57 44.70 -42.06
C LYS F 210 -21.11 45.73 -41.07
N ALA F 211 -20.24 46.66 -40.65
CA ALA F 211 -20.56 47.71 -39.67
C ALA F 211 -21.52 48.72 -40.28
N GLN F 212 -22.75 48.81 -39.70
CA GLN F 212 -23.84 49.70 -40.12
C GLN F 212 -24.69 50.14 -38.93
N SER G 3 -12.85 -26.30 -37.79
CA SER G 3 -12.41 -25.36 -36.77
C SER G 3 -11.07 -25.79 -36.12
N VAL G 4 -10.97 -27.07 -35.63
CA VAL G 4 -9.75 -27.68 -35.04
C VAL G 4 -9.56 -29.10 -35.60
N THR G 5 -8.59 -29.26 -36.53
CA THR G 5 -8.22 -30.52 -37.17
C THR G 5 -6.89 -30.99 -36.62
N GLN G 6 -6.87 -32.19 -36.03
CA GLN G 6 -5.67 -32.76 -35.45
C GLN G 6 -5.35 -34.18 -35.92
N MET G 7 -4.05 -34.54 -35.84
CA MET G 7 -3.44 -35.81 -36.23
C MET G 7 -4.32 -37.03 -35.95
N GLU G 8 -4.73 -37.70 -37.03
CA GLU G 8 -5.61 -38.87 -36.99
C GLU G 8 -5.00 -40.11 -36.35
N GLY G 9 -5.87 -41.05 -35.98
CA GLY G 9 -5.60 -42.36 -35.42
C GLY G 9 -4.70 -42.48 -34.20
N PRO G 10 -4.45 -43.71 -33.72
CA PRO G 10 -3.62 -43.89 -32.52
C PRO G 10 -2.12 -44.05 -32.79
N VAL G 11 -1.35 -42.99 -32.47
CA VAL G 11 0.11 -42.97 -32.61
C VAL G 11 0.80 -43.87 -31.58
N THR G 12 1.49 -44.90 -32.06
CA THR G 12 2.23 -45.80 -31.19
C THR G 12 3.71 -45.48 -31.35
N LEU G 13 4.36 -45.15 -30.25
CA LEU G 13 5.77 -44.79 -30.25
C LEU G 13 6.55 -45.57 -29.24
N SER G 14 7.83 -45.76 -29.52
CA SER G 14 8.73 -46.42 -28.59
C SER G 14 9.14 -45.34 -27.59
N GLU G 15 9.73 -45.75 -26.48
CA GLU G 15 10.22 -44.83 -25.46
C GLU G 15 11.39 -44.03 -26.08
N GLU G 16 11.61 -42.79 -25.60
CA GLU G 16 12.66 -41.87 -26.04
C GLU G 16 12.54 -41.35 -27.49
N ALA G 17 11.42 -41.69 -28.17
CA ALA G 17 11.16 -41.25 -29.55
C ALA G 17 10.70 -39.79 -29.61
N PHE G 18 10.82 -39.21 -30.79
CA PHE G 18 10.39 -37.86 -31.07
C PHE G 18 8.94 -37.94 -31.45
N LEU G 19 8.12 -37.14 -30.78
CA LEU G 19 6.69 -37.10 -31.03
C LEU G 19 6.29 -35.82 -31.70
N THR G 20 5.37 -35.93 -32.66
CA THR G 20 4.73 -34.82 -33.36
C THR G 20 3.26 -35.20 -33.46
N ILE G 21 2.41 -34.37 -32.85
CA ILE G 21 0.96 -34.50 -32.92
C ILE G 21 0.57 -33.22 -33.63
N ASN G 22 0.19 -33.37 -34.89
CA ASN G 22 -0.21 -32.26 -35.74
C ASN G 22 -1.56 -31.72 -35.35
N CYS G 23 -1.67 -30.40 -35.39
CA CYS G 23 -2.89 -29.67 -35.14
C CYS G 23 -2.91 -28.39 -35.94
N THR G 24 -3.97 -28.24 -36.73
CA THR G 24 -4.28 -27.07 -37.55
C THR G 24 -5.64 -26.53 -37.16
N TYR G 25 -5.74 -25.21 -37.21
CA TYR G 25 -6.97 -24.54 -36.89
C TYR G 25 -7.47 -23.73 -38.10
N THR G 26 -8.81 -23.51 -38.15
CA THR G 26 -9.55 -22.70 -39.12
C THR G 26 -10.23 -21.61 -38.29
N ALA G 27 -9.44 -20.54 -38.10
CA ALA G 27 -9.73 -19.35 -37.30
C ALA G 27 -10.98 -18.58 -37.71
N THR G 28 -11.57 -17.91 -36.73
CA THR G 28 -12.73 -17.03 -36.87
C THR G 28 -12.26 -15.69 -36.25
N GLY G 29 -11.01 -15.33 -36.58
CA GLY G 29 -10.33 -14.13 -36.11
C GLY G 29 -8.95 -14.45 -35.55
N TYR G 30 -8.73 -14.12 -34.25
CA TYR G 30 -7.48 -14.38 -33.52
C TYR G 30 -7.69 -15.27 -32.22
N PRO G 31 -7.88 -16.60 -32.43
CA PRO G 31 -8.08 -17.54 -31.31
C PRO G 31 -6.85 -17.79 -30.46
N SER G 32 -7.02 -18.24 -29.20
CA SER G 32 -5.91 -18.63 -28.34
C SER G 32 -5.85 -20.14 -28.55
N LEU G 33 -4.64 -20.72 -28.48
CA LEU G 33 -4.43 -22.14 -28.75
C LEU G 33 -3.99 -22.93 -27.52
N PHE G 34 -4.47 -24.20 -27.40
CA PHE G 34 -4.20 -25.06 -26.25
C PHE G 34 -3.96 -26.53 -26.58
N TRP G 35 -3.25 -27.20 -25.67
CA TRP G 35 -3.06 -28.63 -25.68
C TRP G 35 -3.54 -29.15 -24.34
N TYR G 36 -4.54 -30.03 -24.41
CA TYR G 36 -5.09 -30.70 -23.23
C TYR G 36 -4.65 -32.14 -23.30
N VAL G 37 -4.38 -32.72 -22.15
CA VAL G 37 -3.93 -34.10 -22.00
C VAL G 37 -4.92 -34.92 -21.14
N GLN G 38 -5.38 -36.07 -21.67
CA GLN G 38 -6.27 -36.99 -20.99
C GLN G 38 -5.56 -38.28 -20.70
N TYR G 39 -5.10 -38.45 -19.45
CA TYR G 39 -4.44 -39.69 -19.03
C TYR G 39 -5.48 -40.81 -18.87
N PRO G 40 -5.15 -42.11 -19.16
CA PRO G 40 -6.13 -43.19 -19.10
C PRO G 40 -7.53 -43.06 -18.49
N GLY G 41 -7.80 -43.14 -17.18
CA GLY G 41 -9.16 -43.04 -16.67
C GLY G 41 -9.66 -41.70 -16.17
N GLU G 42 -8.91 -40.62 -16.41
CA GLU G 42 -9.30 -39.30 -15.93
C GLU G 42 -9.93 -38.35 -16.96
N GLY G 43 -10.20 -37.11 -16.53
CA GLY G 43 -10.70 -36.02 -17.34
C GLY G 43 -9.50 -35.29 -17.92
N LEU G 44 -9.77 -34.34 -18.84
CA LEU G 44 -8.73 -33.54 -19.49
C LEU G 44 -7.95 -32.68 -18.49
N GLN G 45 -6.77 -32.27 -18.88
CA GLN G 45 -5.87 -31.48 -18.05
C GLN G 45 -5.10 -30.55 -18.99
N LEU G 46 -4.95 -29.27 -18.64
CA LEU G 46 -4.18 -28.38 -19.49
C LEU G 46 -2.71 -28.82 -19.46
N LEU G 47 -2.13 -28.99 -20.66
CA LEU G 47 -0.72 -29.36 -20.82
C LEU G 47 0.04 -28.05 -21.09
N LEU G 48 -0.35 -27.30 -22.14
CA LEU G 48 0.26 -26.05 -22.54
C LEU G 48 -0.69 -25.21 -23.39
N LYS G 49 -0.42 -23.89 -23.45
CA LYS G 49 -1.21 -22.90 -24.19
C LYS G 49 -0.38 -21.78 -24.82
N ALA G 50 -0.94 -21.06 -25.83
CA ALA G 50 -0.34 -19.93 -26.54
C ALA G 50 -1.41 -18.93 -26.92
N THR G 51 -1.27 -17.67 -26.44
CA THR G 51 -2.25 -16.60 -26.67
C THR G 51 -2.28 -16.09 -28.11
N LYS G 52 -1.18 -15.43 -28.52
CA LYS G 52 -1.01 -14.82 -29.85
C LYS G 52 0.01 -15.59 -30.67
N ALA G 53 -0.02 -15.39 -32.02
CA ALA G 53 0.93 -16.00 -32.97
C ALA G 53 2.37 -15.73 -32.51
N ASP G 54 3.24 -16.75 -32.63
CA ASP G 54 4.68 -16.80 -32.23
C ASP G 54 4.91 -17.18 -30.76
N ASP G 55 3.81 -17.23 -29.95
CA ASP G 55 3.91 -17.65 -28.55
C ASP G 55 4.11 -19.16 -28.52
N LYS G 56 4.98 -19.61 -27.60
CA LYS G 56 5.31 -21.00 -27.43
C LYS G 56 4.81 -21.51 -26.10
N GLY G 57 4.09 -22.62 -26.15
CA GLY G 57 3.60 -23.31 -24.97
C GLY G 57 4.61 -24.38 -24.60
N SER G 58 5.03 -24.42 -23.33
CA SER G 58 5.98 -25.42 -22.86
C SER G 58 5.60 -25.96 -21.52
N ASN G 59 5.58 -27.31 -21.39
CA ASN G 59 5.31 -28.05 -20.15
C ASN G 59 5.57 -29.54 -20.36
N LYS G 60 6.07 -30.22 -19.30
CA LYS G 60 6.41 -31.64 -19.27
C LYS G 60 7.30 -32.10 -20.47
N GLY G 61 8.15 -31.19 -20.98
CA GLY G 61 9.06 -31.46 -22.09
C GLY G 61 8.45 -31.38 -23.48
N PHE G 62 7.17 -31.00 -23.56
CA PHE G 62 6.43 -30.83 -24.80
C PHE G 62 6.51 -29.34 -25.17
N GLU G 63 6.33 -29.06 -26.45
CA GLU G 63 6.27 -27.70 -26.98
C GLU G 63 5.47 -27.60 -28.24
N ALA G 64 4.68 -26.54 -28.34
CA ALA G 64 3.87 -26.23 -29.51
C ALA G 64 3.95 -24.72 -29.72
N THR G 65 4.14 -24.31 -30.99
CA THR G 65 4.27 -22.89 -31.34
C THR G 65 3.07 -22.44 -32.14
N TYR G 66 2.53 -21.29 -31.73
CA TYR G 66 1.39 -20.64 -32.37
C TYR G 66 1.94 -20.11 -33.71
N ARG G 67 1.74 -20.93 -34.74
CA ARG G 67 2.20 -20.69 -36.10
C ARG G 67 1.10 -20.02 -36.92
N LYS G 68 1.14 -18.66 -37.00
CA LYS G 68 0.18 -17.84 -37.74
C LYS G 68 0.16 -18.21 -39.23
N GLU G 69 1.37 -18.29 -39.84
CA GLU G 69 1.62 -18.56 -41.25
C GLU G 69 0.95 -19.82 -41.77
N THR G 70 1.10 -20.92 -41.03
CA THR G 70 0.54 -22.23 -41.39
C THR G 70 -0.81 -22.54 -40.69
N THR G 71 -1.30 -21.60 -39.81
CA THR G 71 -2.51 -21.73 -38.97
C THR G 71 -2.45 -23.08 -38.26
N SER G 72 -1.38 -23.24 -37.44
CA SER G 72 -1.10 -24.49 -36.76
C SER G 72 -0.46 -24.40 -35.37
N PHE G 73 -0.65 -25.47 -34.59
CA PHE G 73 -0.15 -25.63 -33.24
C PHE G 73 0.25 -27.10 -33.08
N HIS G 74 1.32 -27.49 -33.77
CA HIS G 74 1.83 -28.87 -33.74
C HIS G 74 2.53 -29.13 -32.43
N LEU G 75 2.14 -30.21 -31.74
CA LEU G 75 2.71 -30.64 -30.48
C LEU G 75 3.93 -31.49 -30.77
N GLU G 76 5.04 -31.15 -30.12
CA GLU G 76 6.30 -31.85 -30.26
C GLU G 76 6.89 -32.17 -28.92
N LYS G 77 7.54 -33.34 -28.83
CA LYS G 77 8.30 -33.78 -27.66
C LYS G 77 9.54 -34.50 -28.15
N GLY G 78 10.70 -34.06 -27.64
CA GLY G 78 12.01 -34.58 -28.00
C GLY G 78 12.18 -36.08 -27.85
N SER G 79 11.97 -36.57 -26.63
CA SER G 79 12.08 -37.96 -26.24
C SER G 79 10.93 -38.28 -25.31
N VAL G 80 9.99 -39.12 -25.76
CA VAL G 80 8.82 -39.51 -24.99
C VAL G 80 9.09 -40.55 -23.90
N GLN G 81 8.24 -40.54 -22.83
CA GLN G 81 8.26 -41.43 -21.67
C GLN G 81 7.00 -42.28 -21.72
N VAL G 82 6.99 -43.48 -21.09
CA VAL G 82 5.81 -44.39 -21.02
C VAL G 82 4.62 -43.66 -20.34
N SER G 83 4.94 -42.73 -19.39
CA SER G 83 4.01 -41.87 -18.66
C SER G 83 3.21 -40.94 -19.57
N ASP G 84 3.74 -40.61 -20.75
CA ASP G 84 3.08 -39.74 -21.72
C ASP G 84 1.96 -40.45 -22.48
N SER G 85 1.81 -41.81 -22.35
CA SER G 85 0.72 -42.54 -23.01
C SER G 85 -0.56 -41.94 -22.42
N ALA G 86 -1.35 -41.32 -23.28
CA ALA G 86 -2.58 -40.60 -22.97
C ALA G 86 -3.23 -40.17 -24.28
N VAL G 87 -4.33 -39.38 -24.18
CA VAL G 87 -5.03 -38.86 -25.35
C VAL G 87 -4.94 -37.35 -25.33
N TYR G 88 -4.32 -36.79 -26.37
CA TYR G 88 -4.02 -35.37 -26.51
C TYR G 88 -5.05 -34.70 -27.35
N PHE G 89 -5.51 -33.54 -26.85
CA PHE G 89 -6.53 -32.71 -27.48
C PHE G 89 -5.99 -31.34 -27.75
N CYS G 90 -6.20 -30.90 -28.97
CA CYS G 90 -5.83 -29.57 -29.38
C CYS G 90 -7.08 -28.75 -29.26
N ALA G 91 -6.94 -27.50 -28.83
CA ALA G 91 -8.11 -26.64 -28.65
C ALA G 91 -7.91 -25.20 -29.00
N LEU G 92 -9.03 -24.55 -29.41
CA LEU G 92 -9.18 -23.14 -29.78
C LEU G 92 -9.97 -22.44 -28.69
N SER G 93 -9.76 -21.16 -28.55
CA SER G 93 -10.49 -20.33 -27.61
C SER G 93 -10.97 -19.16 -28.41
N LEU G 94 -12.28 -19.02 -28.57
CA LEU G 94 -12.85 -17.89 -29.29
C LEU G 94 -13.89 -17.22 -28.42
N TYR G 95 -14.01 -15.88 -28.53
CA TYR G 95 -14.97 -15.08 -27.80
C TYR G 95 -16.36 -15.63 -28.05
N SER G 96 -17.15 -15.74 -26.99
CA SER G 96 -18.50 -16.29 -27.06
C SER G 96 -19.51 -15.42 -26.32
N GLY G 97 -19.28 -14.11 -26.36
CA GLY G 97 -20.17 -13.11 -25.77
C GLY G 97 -20.05 -12.92 -24.28
N ALA G 98 -20.42 -11.70 -23.81
CA ALA G 98 -20.41 -11.26 -22.41
C ALA G 98 -19.09 -11.52 -21.66
N GLY G 99 -17.98 -11.29 -22.37
CA GLY G 99 -16.63 -11.44 -21.86
C GLY G 99 -16.22 -12.89 -21.66
N SER G 100 -16.98 -13.84 -22.26
CA SER G 100 -16.74 -15.28 -22.19
C SER G 100 -16.14 -15.82 -23.47
N TYR G 101 -15.46 -16.96 -23.30
CA TYR G 101 -14.75 -17.70 -24.32
C TYR G 101 -15.22 -19.15 -24.31
N GLN G 102 -15.23 -19.76 -25.49
CA GLN G 102 -15.65 -21.13 -25.64
C GLN G 102 -14.53 -21.91 -26.27
N LEU G 103 -14.25 -23.09 -25.70
CA LEU G 103 -13.24 -24.00 -26.22
C LEU G 103 -13.84 -24.84 -27.33
N THR G 104 -13.06 -25.06 -28.37
CA THR G 104 -13.42 -25.84 -29.53
C THR G 104 -12.30 -26.87 -29.60
N PHE G 105 -12.60 -28.14 -29.29
CA PHE G 105 -11.60 -29.20 -29.30
C PHE G 105 -11.49 -29.93 -30.65
N GLY G 106 -10.31 -30.50 -30.90
CA GLY G 106 -10.05 -31.35 -32.05
C GLY G 106 -10.46 -32.74 -31.62
N LYS G 107 -10.50 -33.71 -32.57
CA LYS G 107 -10.91 -35.08 -32.28
C LYS G 107 -10.17 -35.85 -31.15
N GLY G 108 -8.94 -35.48 -30.82
CA GLY G 108 -8.24 -36.20 -29.77
C GLY G 108 -7.39 -37.27 -30.40
N THR G 109 -6.15 -37.39 -29.93
CA THR G 109 -5.15 -38.31 -30.46
C THR G 109 -4.58 -39.17 -29.38
N LYS G 110 -4.90 -40.48 -29.43
CA LYS G 110 -4.40 -41.48 -28.50
C LYS G 110 -2.91 -41.70 -28.81
N LEU G 111 -2.07 -41.67 -27.78
CA LEU G 111 -0.64 -41.91 -27.94
C LEU G 111 -0.34 -43.04 -27.02
N SER G 112 0.36 -44.03 -27.54
CA SER G 112 0.76 -45.16 -26.77
C SER G 112 2.27 -45.15 -26.78
N VAL G 113 2.89 -45.00 -25.60
CA VAL G 113 4.35 -45.03 -25.48
C VAL G 113 4.70 -46.39 -24.90
N ILE G 114 5.38 -47.19 -25.73
CA ILE G 114 5.81 -48.54 -25.47
C ILE G 114 7.27 -48.53 -24.93
N PRO G 115 7.58 -49.21 -23.80
CA PRO G 115 8.94 -49.14 -23.26
C PRO G 115 10.01 -49.81 -24.12
N ASN G 116 11.21 -49.24 -24.15
CA ASN G 116 12.31 -49.92 -24.84
C ASN G 116 12.72 -50.97 -23.80
N ILE G 117 12.59 -52.27 -24.15
CA ILE G 117 12.94 -53.34 -23.23
C ILE G 117 14.42 -53.75 -23.28
N GLN G 118 15.15 -53.40 -22.19
CA GLN G 118 16.56 -53.70 -21.93
C GLN G 118 16.53 -54.92 -21.04
N ASN G 119 17.13 -55.98 -21.58
CA ASN G 119 17.30 -57.37 -21.13
C ASN G 119 16.03 -58.28 -21.16
N PRO G 120 15.35 -58.46 -22.34
CA PRO G 120 14.14 -59.33 -22.36
C PRO G 120 14.43 -60.78 -22.02
N ASP G 121 13.55 -61.36 -21.23
CA ASP G 121 13.62 -62.74 -20.79
C ASP G 121 12.24 -63.37 -21.09
N PRO G 122 11.76 -63.44 -22.37
CA PRO G 122 10.43 -63.99 -22.64
C PRO G 122 10.22 -65.37 -22.03
N ALA G 123 9.05 -65.56 -21.39
CA ALA G 123 8.69 -66.79 -20.70
C ALA G 123 7.19 -66.90 -20.55
N VAL G 124 6.65 -68.16 -20.47
CA VAL G 124 5.22 -68.42 -20.25
C VAL G 124 5.05 -69.27 -18.99
N TYR G 125 4.78 -68.61 -17.83
CA TYR G 125 4.62 -69.28 -16.53
C TYR G 125 3.17 -69.64 -16.22
N GLN G 126 2.99 -70.62 -15.29
CA GLN G 126 1.69 -71.05 -14.81
C GLN G 126 1.57 -70.62 -13.35
N LEU G 127 0.46 -69.93 -13.03
CA LEU G 127 0.17 -69.39 -11.70
C LEU G 127 -1.07 -70.03 -11.17
N ARG G 128 -0.98 -70.64 -9.99
CA ARG G 128 -2.11 -71.30 -9.37
C ARG G 128 -2.87 -70.41 -8.40
N ASP G 129 -4.22 -70.53 -8.44
CA ASP G 129 -5.17 -69.79 -7.60
C ASP G 129 -4.91 -70.10 -6.13
N SER G 130 -4.86 -69.05 -5.30
CA SER G 130 -4.63 -69.16 -3.86
C SER G 130 -5.77 -69.91 -3.14
N LYS G 131 -6.97 -69.96 -3.77
CA LYS G 131 -8.16 -70.63 -3.25
C LYS G 131 -8.15 -72.10 -3.72
N SER G 132 -8.40 -72.35 -5.02
CA SER G 132 -8.40 -73.68 -5.64
C SER G 132 -7.10 -73.96 -6.43
N SER G 133 -6.53 -75.17 -6.28
CA SER G 133 -5.33 -75.61 -7.01
C SER G 133 -5.75 -75.89 -8.47
N ASP G 134 -7.01 -76.35 -8.65
CA ASP G 134 -7.70 -76.68 -9.90
C ASP G 134 -7.67 -75.52 -10.91
N LYS G 135 -7.83 -74.26 -10.43
CA LYS G 135 -7.84 -73.04 -11.26
C LYS G 135 -6.44 -72.45 -11.43
N SER G 136 -6.08 -72.12 -12.69
CA SER G 136 -4.78 -71.55 -13.07
C SER G 136 -4.82 -70.67 -14.33
N VAL G 137 -3.87 -69.72 -14.40
CA VAL G 137 -3.67 -68.78 -15.51
C VAL G 137 -2.27 -68.97 -16.10
N CYS G 138 -2.09 -68.49 -17.32
CA CYS G 138 -0.83 -68.54 -18.05
C CYS G 138 -0.32 -67.14 -18.24
N LEU G 139 0.88 -66.84 -17.70
CA LEU G 139 1.50 -65.53 -17.80
C LEU G 139 2.65 -65.45 -18.81
N PHE G 140 2.43 -64.74 -19.92
CA PHE G 140 3.48 -64.49 -20.91
C PHE G 140 4.06 -63.15 -20.50
N THR G 141 5.24 -63.18 -19.90
CA THR G 141 5.88 -61.96 -19.40
C THR G 141 7.32 -61.74 -19.92
N ASP G 142 7.92 -60.56 -19.56
CA ASP G 142 9.30 -60.12 -19.85
C ASP G 142 9.70 -60.09 -21.33
N PHE G 143 8.70 -60.17 -22.23
CA PHE G 143 8.95 -60.16 -23.65
C PHE G 143 9.35 -58.78 -24.19
N ASP G 144 9.81 -58.75 -25.44
CA ASP G 144 10.24 -57.55 -26.16
C ASP G 144 9.01 -56.73 -26.58
N SER G 145 9.16 -55.41 -26.68
CA SER G 145 8.09 -54.50 -27.07
C SER G 145 7.57 -54.65 -28.50
N GLN G 146 8.43 -55.17 -29.42
CA GLN G 146 8.08 -55.41 -30.82
C GLN G 146 7.14 -56.62 -30.98
N THR G 147 7.19 -57.59 -30.02
CA THR G 147 6.31 -58.78 -30.04
C THR G 147 4.90 -58.36 -29.65
N ASN G 148 3.94 -58.62 -30.55
CA ASN G 148 2.54 -58.26 -30.38
C ASN G 148 1.67 -59.48 -30.07
N VAL G 149 1.10 -59.50 -28.85
CA VAL G 149 0.22 -60.54 -28.30
C VAL G 149 -1.06 -60.59 -29.15
N SER G 150 -1.40 -61.79 -29.63
CA SER G 150 -2.57 -62.03 -30.47
C SER G 150 -3.74 -62.58 -29.67
N GLN G 151 -4.98 -62.19 -30.05
CA GLN G 151 -6.24 -62.64 -29.45
C GLN G 151 -6.46 -64.15 -29.66
N SER G 152 -7.41 -64.77 -28.92
CA SER G 152 -7.68 -66.20 -29.00
C SER G 152 -8.49 -66.69 -30.22
N LYS G 153 -7.90 -67.64 -31.00
CA LYS G 153 -8.52 -68.27 -32.17
C LYS G 153 -9.58 -69.28 -31.67
N ASP G 154 -9.34 -69.83 -30.45
CA ASP G 154 -10.17 -70.77 -29.71
C ASP G 154 -11.28 -69.98 -29.03
N SER G 155 -12.50 -70.56 -29.05
CA SER G 155 -13.74 -69.98 -28.51
C SER G 155 -13.68 -69.71 -27.01
N ASP G 156 -13.67 -70.77 -26.17
CA ASP G 156 -13.64 -70.70 -24.70
C ASP G 156 -12.26 -70.37 -24.05
N VAL G 157 -11.32 -69.78 -24.83
CA VAL G 157 -9.98 -69.37 -24.38
C VAL G 157 -9.92 -67.84 -24.33
N TYR G 158 -9.37 -67.24 -23.25
CA TYR G 158 -9.25 -65.80 -23.07
C TYR G 158 -7.82 -65.35 -22.85
N ILE G 159 -7.35 -64.43 -23.71
CA ILE G 159 -6.01 -63.85 -23.68
C ILE G 159 -6.12 -62.33 -23.61
N THR G 160 -5.39 -61.70 -22.66
CA THR G 160 -5.38 -60.24 -22.49
C THR G 160 -4.26 -59.65 -23.34
N ASP G 161 -4.41 -58.37 -23.71
CA ASP G 161 -3.42 -57.59 -24.45
C ASP G 161 -2.22 -57.31 -23.51
N LYS G 162 -1.06 -56.95 -24.09
CA LYS G 162 0.17 -56.62 -23.38
C LYS G 162 -0.06 -55.43 -22.44
N CYS G 163 0.55 -55.52 -21.27
CA CYS G 163 0.46 -54.49 -20.26
C CYS G 163 1.82 -54.28 -19.63
N VAL G 164 2.28 -53.04 -19.64
CA VAL G 164 3.57 -52.68 -19.08
C VAL G 164 3.47 -52.19 -17.62
N LEU G 165 4.20 -52.87 -16.73
CA LEU G 165 4.27 -52.51 -15.31
C LEU G 165 5.64 -51.93 -14.99
N ASP G 166 5.66 -50.83 -14.22
CA ASP G 166 6.89 -50.14 -13.83
C ASP G 166 7.19 -50.46 -12.37
N MET G 167 8.28 -51.20 -12.13
CA MET G 167 8.72 -51.56 -10.79
C MET G 167 9.62 -50.48 -10.16
N ARG G 168 9.31 -49.18 -10.45
CA ARG G 168 9.92 -47.90 -10.02
C ARG G 168 11.20 -47.98 -9.13
N SER G 169 11.11 -48.70 -7.98
CA SER G 169 12.18 -48.95 -7.00
C SER G 169 13.40 -49.70 -7.61
N MET G 170 13.18 -50.40 -8.75
CA MET G 170 14.18 -51.20 -9.49
C MET G 170 14.45 -50.63 -10.89
N ASP G 171 13.73 -49.53 -11.26
CA ASP G 171 13.77 -48.85 -12.57
C ASP G 171 13.61 -49.93 -13.70
N PHE G 172 12.68 -50.87 -13.44
CA PHE G 172 12.36 -52.02 -14.27
C PHE G 172 10.94 -51.93 -14.84
N LYS G 173 10.82 -52.04 -16.16
CA LYS G 173 9.55 -52.04 -16.90
C LYS G 173 9.44 -53.39 -17.62
N SER G 174 8.31 -54.10 -17.45
CA SER G 174 8.07 -55.42 -18.04
C SER G 174 6.69 -55.57 -18.63
N ASN G 175 6.65 -56.01 -19.90
CA ASN G 175 5.42 -56.29 -20.61
C ASN G 175 4.94 -57.67 -20.12
N SER G 176 3.60 -57.86 -20.07
CA SER G 176 2.95 -59.11 -19.63
C SER G 176 1.55 -59.24 -20.17
N ALA G 177 1.16 -60.47 -20.50
CA ALA G 177 -0.17 -60.81 -21.00
C ALA G 177 -0.63 -62.00 -20.19
N VAL G 178 -1.95 -62.16 -20.04
CA VAL G 178 -2.52 -63.25 -19.26
C VAL G 178 -3.49 -64.05 -20.13
N ALA G 179 -3.32 -65.38 -20.13
CA ALA G 179 -4.18 -66.32 -20.83
C ALA G 179 -4.77 -67.28 -19.81
N TRP G 180 -6.05 -67.61 -20.00
CA TRP G 180 -6.79 -68.54 -19.15
C TRP G 180 -7.94 -69.15 -19.93
N SER G 181 -8.39 -70.33 -19.50
CA SER G 181 -9.47 -71.08 -20.12
C SER G 181 -10.02 -72.08 -19.16
N ASN G 182 -11.33 -72.38 -19.29
CA ASN G 182 -12.08 -73.37 -18.52
C ASN G 182 -11.90 -74.74 -19.18
N LYS G 183 -11.63 -74.77 -20.52
CA LYS G 183 -11.42 -75.94 -21.38
C LYS G 183 -10.42 -76.94 -20.78
N SER G 184 -10.66 -78.26 -21.02
CA SER G 184 -9.86 -79.40 -20.54
C SER G 184 -8.48 -79.53 -21.20
N ASP G 185 -8.42 -79.27 -22.53
CA ASP G 185 -7.21 -79.35 -23.35
C ASP G 185 -6.14 -78.29 -23.03
N PHE G 186 -6.57 -77.03 -22.72
CA PHE G 186 -5.72 -75.87 -22.41
C PHE G 186 -4.54 -76.14 -21.46
N ALA G 187 -3.34 -75.76 -21.94
CA ALA G 187 -2.05 -75.85 -21.28
C ALA G 187 -1.27 -74.59 -21.65
N CYS G 188 -0.34 -74.15 -20.79
CA CYS G 188 0.47 -72.94 -21.03
C CYS G 188 1.30 -72.91 -22.31
N ALA G 189 1.74 -74.10 -22.80
CA ALA G 189 2.50 -74.25 -24.04
C ALA G 189 1.61 -73.88 -25.23
N ASN G 190 0.32 -74.28 -25.17
CA ASN G 190 -0.69 -74.02 -26.20
C ASN G 190 -1.17 -72.57 -26.16
N ALA G 191 -1.27 -71.98 -24.94
CA ALA G 191 -1.78 -70.64 -24.63
C ALA G 191 -1.47 -69.53 -25.64
N PHE G 192 -0.21 -69.06 -25.69
CA PHE G 192 0.22 -67.96 -26.57
C PHE G 192 0.82 -68.40 -27.90
N ASN G 193 0.83 -69.72 -28.16
CA ASN G 193 1.34 -70.34 -29.39
C ASN G 193 0.30 -71.31 -30.01
N ASN G 194 -0.51 -70.87 -31.01
CA ASN G 194 -0.56 -69.54 -31.67
C ASN G 194 -0.95 -68.37 -30.70
N SER G 195 -0.41 -67.13 -30.86
CA SER G 195 0.46 -66.66 -31.94
C SER G 195 1.65 -65.71 -31.59
N ILE G 196 2.62 -65.71 -32.53
CA ILE G 196 3.83 -64.90 -32.79
C ILE G 196 4.94 -64.70 -31.69
N ILE G 197 4.94 -65.50 -30.60
CA ILE G 197 5.91 -65.45 -29.49
C ILE G 197 7.41 -65.51 -29.95
N PRO G 198 8.40 -64.93 -29.20
CA PRO G 198 9.81 -65.02 -29.64
C PRO G 198 10.39 -66.45 -29.64
N GLU G 199 11.56 -66.64 -30.29
CA GLU G 199 12.25 -67.92 -30.36
C GLU G 199 12.82 -68.32 -28.97
N ASP G 200 13.35 -67.31 -28.25
CA ASP G 200 13.97 -67.37 -26.91
C ASP G 200 13.05 -67.77 -25.74
N THR G 201 11.70 -67.78 -25.94
CA THR G 201 10.68 -68.08 -24.93
C THR G 201 10.94 -69.32 -24.05
N PHE G 202 10.91 -69.10 -22.73
CA PHE G 202 11.15 -70.08 -21.67
C PHE G 202 9.85 -70.70 -21.14
N PHE G 203 9.62 -71.98 -21.45
CA PHE G 203 8.43 -72.71 -21.03
C PHE G 203 8.82 -73.83 -20.04
N PRO G 204 8.87 -73.60 -18.71
CA PRO G 204 9.27 -74.68 -17.78
C PRO G 204 8.20 -75.76 -17.54
N SER G 205 8.65 -76.93 -17.01
CA SER G 205 7.79 -78.07 -16.68
C SER G 205 8.17 -78.66 -15.34
N GLY H 2 -9.14 -30.12 -6.58
CA GLY H 2 -9.58 -30.65 -7.86
C GLY H 2 -11.08 -30.59 -8.05
N VAL H 3 -11.52 -30.70 -9.30
CA VAL H 3 -12.95 -30.71 -9.60
C VAL H 3 -13.42 -32.12 -9.24
N THR H 4 -14.52 -32.17 -8.51
CA THR H 4 -15.19 -33.40 -8.08
C THR H 4 -16.50 -33.45 -8.83
N GLN H 5 -16.94 -34.69 -9.12
CA GLN H 5 -18.19 -35.02 -9.83
C GLN H 5 -18.85 -36.23 -9.18
N THR H 6 -20.14 -36.14 -8.89
CA THR H 6 -20.92 -37.23 -8.29
C THR H 6 -22.21 -37.46 -9.09
N PRO H 7 -22.65 -38.71 -9.30
CA PRO H 7 -22.00 -39.98 -8.93
C PRO H 7 -20.88 -40.30 -9.94
N ARG H 8 -19.98 -41.23 -9.59
CA ARG H 8 -18.89 -41.63 -10.46
C ARG H 8 -19.39 -42.50 -11.62
N TYR H 9 -20.29 -43.44 -11.32
CA TYR H 9 -20.87 -44.38 -12.30
C TYR H 9 -22.37 -44.45 -12.15
N LEU H 10 -23.07 -44.62 -13.29
CA LEU H 10 -24.52 -44.68 -13.32
C LEU H 10 -25.10 -45.64 -14.34
N ILE H 11 -26.00 -46.53 -13.88
CA ILE H 11 -26.71 -47.50 -14.75
C ILE H 11 -28.17 -47.11 -14.71
N LYS H 12 -28.69 -46.76 -15.89
CA LYS H 12 -30.07 -46.33 -16.04
C LYS H 12 -30.75 -47.05 -17.18
N THR H 13 -32.09 -47.12 -17.11
CA THR H 13 -32.96 -47.74 -18.09
C THR H 13 -33.49 -46.64 -19.01
N ARG H 14 -33.63 -46.93 -20.30
CA ARG H 14 -34.17 -45.95 -21.26
C ARG H 14 -35.53 -45.38 -20.78
N GLY H 15 -35.64 -44.05 -20.74
CA GLY H 15 -36.81 -43.31 -20.28
C GLY H 15 -36.67 -42.65 -18.92
N GLN H 16 -35.72 -43.13 -18.09
CA GLN H 16 -35.44 -42.60 -16.76
C GLN H 16 -34.75 -41.21 -16.86
N GLN H 17 -34.41 -40.60 -15.70
CA GLN H 17 -33.73 -39.32 -15.69
C GLN H 17 -32.53 -39.36 -14.74
N VAL H 18 -31.55 -38.49 -15.01
CA VAL H 18 -30.32 -38.38 -14.21
C VAL H 18 -30.02 -36.95 -13.89
N THR H 19 -29.49 -36.74 -12.68
CA THR H 19 -28.98 -35.47 -12.18
C THR H 19 -27.53 -35.72 -11.77
N LEU H 20 -26.62 -35.01 -12.42
CA LEU H 20 -25.18 -35.13 -12.18
C LEU H 20 -24.68 -33.83 -11.57
N SER H 21 -24.07 -33.88 -10.38
CA SER H 21 -23.51 -32.72 -9.67
C SER H 21 -22.00 -32.52 -9.97
N CYS H 22 -21.53 -31.26 -9.88
CA CYS H 22 -20.15 -30.86 -10.06
C CYS H 22 -19.75 -29.74 -9.11
N SER H 23 -18.76 -30.00 -8.25
CA SER H 23 -18.20 -29.01 -7.36
C SER H 23 -16.93 -28.47 -8.02
N PRO H 24 -16.91 -27.19 -8.42
CA PRO H 24 -15.70 -26.63 -9.05
C PRO H 24 -14.59 -26.46 -8.01
N ILE H 25 -13.36 -26.13 -8.43
CA ILE H 25 -12.27 -25.86 -7.48
C ILE H 25 -12.62 -24.49 -6.84
N SER H 26 -12.25 -24.22 -5.59
CA SER H 26 -12.52 -22.91 -4.96
C SER H 26 -11.46 -21.94 -5.54
N GLY H 27 -11.82 -20.79 -6.10
CA GLY H 27 -13.14 -20.21 -6.27
C GLY H 27 -13.34 -19.95 -7.75
N HIS H 28 -13.55 -21.05 -8.50
CA HIS H 28 -13.81 -21.06 -9.93
C HIS H 28 -15.31 -20.84 -10.05
N ARG H 29 -15.71 -19.84 -10.86
CA ARG H 29 -17.13 -19.51 -11.05
C ARG H 29 -17.65 -19.95 -12.42
N SER H 30 -16.72 -20.27 -13.35
CA SER H 30 -17.02 -20.76 -14.69
C SER H 30 -17.07 -22.26 -14.65
N VAL H 31 -18.22 -22.85 -14.99
CA VAL H 31 -18.43 -24.29 -15.00
C VAL H 31 -18.98 -24.68 -16.35
N SER H 32 -18.25 -25.56 -17.06
CA SER H 32 -18.61 -26.11 -18.37
C SER H 32 -18.90 -27.60 -18.28
N TRP H 33 -19.87 -28.07 -19.06
CA TRP H 33 -20.25 -29.48 -19.14
C TRP H 33 -20.03 -29.95 -20.54
N TYR H 34 -19.45 -31.14 -20.67
CA TYR H 34 -19.16 -31.82 -21.94
C TYR H 34 -19.63 -33.24 -21.89
N GLN H 35 -20.04 -33.77 -23.04
CA GLN H 35 -20.41 -35.16 -23.19
C GLN H 35 -19.28 -35.79 -23.98
N GLN H 36 -18.66 -36.84 -23.43
CA GLN H 36 -17.59 -37.57 -24.11
C GLN H 36 -18.06 -38.96 -24.54
N THR H 37 -18.04 -39.18 -25.84
CA THR H 37 -18.49 -40.38 -26.56
C THR H 37 -17.41 -40.89 -27.48
N PRO H 38 -17.23 -42.23 -27.66
CA PRO H 38 -16.20 -42.70 -28.61
C PRO H 38 -16.53 -42.26 -30.05
N GLY H 39 -17.83 -42.24 -30.36
CA GLY H 39 -18.36 -41.84 -31.65
C GLY H 39 -18.20 -40.38 -32.01
N GLN H 40 -18.62 -39.46 -31.09
CA GLN H 40 -18.61 -38.01 -31.31
C GLN H 40 -17.52 -37.18 -30.59
N GLY H 41 -16.70 -37.83 -29.75
CA GLY H 41 -15.64 -37.15 -29.00
C GLY H 41 -16.21 -36.23 -27.95
N LEU H 42 -15.57 -35.06 -27.74
CA LEU H 42 -16.05 -34.06 -26.76
C LEU H 42 -17.06 -33.13 -27.36
N GLN H 43 -18.27 -33.16 -26.82
CA GLN H 43 -19.38 -32.35 -27.28
C GLN H 43 -19.83 -31.42 -26.18
N PHE H 44 -19.79 -30.10 -26.45
CA PHE H 44 -20.14 -29.08 -25.48
C PHE H 44 -21.61 -29.12 -25.17
N LEU H 45 -21.94 -29.06 -23.86
CA LEU H 45 -23.31 -29.06 -23.41
C LEU H 45 -23.77 -27.64 -23.15
N PHE H 46 -23.14 -26.99 -22.15
CA PHE H 46 -23.42 -25.64 -21.68
C PHE H 46 -22.38 -25.18 -20.66
N GLU H 47 -22.29 -23.85 -20.46
CA GLU H 47 -21.43 -23.29 -19.42
C GLU H 47 -22.11 -22.27 -18.60
N TYR H 48 -21.78 -22.26 -17.31
CA TYR H 48 -22.35 -21.44 -16.27
C TYR H 48 -21.36 -20.56 -15.60
N PHE H 49 -21.78 -19.32 -15.35
CA PHE H 49 -21.02 -18.32 -14.63
C PHE H 49 -22.00 -17.50 -13.86
N SER H 50 -21.73 -17.30 -12.56
CA SER H 50 -22.57 -16.55 -11.64
C SER H 50 -24.07 -16.86 -11.84
N GLU H 51 -24.43 -18.17 -11.74
CA GLU H 51 -25.80 -18.71 -11.88
C GLU H 51 -26.40 -18.68 -13.29
N THR H 52 -25.88 -17.84 -14.20
CA THR H 52 -26.43 -17.79 -15.55
C THR H 52 -25.75 -18.72 -16.56
N GLN H 53 -26.53 -19.24 -17.52
CA GLN H 53 -26.01 -20.10 -18.57
C GLN H 53 -25.46 -19.19 -19.67
N ARG H 54 -24.14 -18.96 -19.64
CA ARG H 54 -23.48 -18.12 -20.62
C ARG H 54 -23.63 -18.67 -22.03
N ASN H 55 -23.35 -19.97 -22.24
CA ASN H 55 -23.46 -20.60 -23.56
C ASN H 55 -24.07 -21.97 -23.49
N LYS H 56 -24.54 -22.46 -24.63
CA LYS H 56 -25.23 -23.75 -24.81
C LYS H 56 -24.77 -24.34 -26.11
N GLY H 57 -24.58 -25.65 -26.12
CA GLY H 57 -24.22 -26.42 -27.31
C GLY H 57 -25.47 -26.83 -28.06
N ASN H 58 -25.37 -27.82 -28.95
CA ASN H 58 -26.57 -28.23 -29.70
C ASN H 58 -27.09 -29.58 -29.27
N PHE H 59 -27.76 -29.57 -28.12
CA PHE H 59 -28.35 -30.73 -27.47
C PHE H 59 -29.82 -30.42 -27.19
N PRO H 60 -30.73 -31.42 -27.29
CA PRO H 60 -32.17 -31.15 -27.03
C PRO H 60 -32.46 -30.71 -25.60
N GLY H 61 -33.59 -30.03 -25.45
CA GLY H 61 -34.08 -29.48 -24.19
C GLY H 61 -34.10 -30.40 -22.98
N ARG H 62 -34.05 -31.73 -23.21
CA ARG H 62 -34.00 -32.73 -22.14
C ARG H 62 -32.66 -32.66 -21.39
N PHE H 63 -31.60 -32.11 -22.06
CA PHE H 63 -30.28 -31.85 -21.49
C PHE H 63 -30.33 -30.40 -20.98
N SER H 64 -30.55 -30.24 -19.68
CA SER H 64 -30.61 -28.96 -18.95
C SER H 64 -29.56 -28.92 -17.87
N GLY H 65 -29.21 -27.71 -17.42
CA GLY H 65 -28.22 -27.48 -16.37
C GLY H 65 -28.57 -26.31 -15.47
N ARG H 66 -27.97 -26.29 -14.30
CA ARG H 66 -28.17 -25.22 -13.32
C ARG H 66 -26.88 -24.99 -12.55
N GLN H 67 -26.68 -23.77 -12.06
CA GLN H 67 -25.55 -23.45 -11.24
C GLN H 67 -26.09 -22.69 -10.06
N PHE H 68 -25.55 -23.01 -8.89
CA PHE H 68 -25.90 -22.43 -7.62
C PHE H 68 -24.95 -21.27 -7.23
N SER H 69 -25.29 -20.55 -6.14
CA SER H 69 -24.56 -19.40 -5.57
C SER H 69 -23.11 -19.71 -5.20
N ASN H 70 -22.86 -20.94 -4.74
CA ASN H 70 -21.55 -21.44 -4.34
C ASN H 70 -20.73 -21.95 -5.56
N SER H 71 -21.27 -21.72 -6.78
CA SER H 71 -20.72 -22.12 -8.07
C SER H 71 -20.89 -23.58 -8.48
N ARG H 72 -21.42 -24.44 -7.55
CA ARG H 72 -21.73 -25.85 -7.81
C ARG H 72 -22.75 -25.89 -8.94
N SER H 73 -22.61 -26.87 -9.81
CA SER H 73 -23.50 -27.03 -10.94
C SER H 73 -24.09 -28.42 -10.95
N GLU H 74 -25.25 -28.55 -11.61
CA GLU H 74 -25.99 -29.78 -11.80
C GLU H 74 -26.49 -29.85 -13.21
N MET H 75 -26.34 -30.99 -13.83
CA MET H 75 -26.90 -31.15 -15.15
C MET H 75 -27.92 -32.27 -15.09
N ASN H 76 -28.95 -32.16 -15.89
CA ASN H 76 -29.99 -33.14 -15.93
C ASN H 76 -30.24 -33.58 -17.36
N VAL H 77 -30.48 -34.89 -17.52
CA VAL H 77 -30.82 -35.51 -18.81
C VAL H 77 -32.13 -36.27 -18.56
N SER H 78 -33.25 -35.78 -19.10
CA SER H 78 -34.54 -36.48 -18.95
C SER H 78 -34.82 -37.33 -20.21
N THR H 79 -35.85 -38.23 -20.13
CA THR H 79 -36.24 -39.17 -21.19
C THR H 79 -34.99 -39.79 -21.84
N LEU H 80 -34.16 -40.40 -20.96
CA LEU H 80 -32.90 -41.07 -21.25
C LEU H 80 -33.07 -42.04 -22.40
N GLU H 81 -32.11 -42.00 -23.34
CA GLU H 81 -32.02 -42.84 -24.54
C GLU H 81 -30.74 -43.65 -24.43
N LEU H 82 -30.63 -44.78 -25.16
CA LEU H 82 -29.43 -45.61 -25.12
C LEU H 82 -28.16 -44.81 -25.51
N GLY H 83 -28.31 -43.94 -26.54
CA GLY H 83 -27.27 -43.05 -27.06
C GLY H 83 -26.82 -41.92 -26.15
N ASP H 84 -27.41 -41.81 -24.96
CA ASP H 84 -27.02 -40.82 -23.97
C ASP H 84 -25.89 -41.40 -23.13
N SER H 85 -25.51 -42.68 -23.39
CA SER H 85 -24.41 -43.37 -22.69
C SER H 85 -23.14 -42.67 -23.09
N ALA H 86 -22.46 -42.12 -22.08
CA ALA H 86 -21.27 -41.31 -22.24
C ALA H 86 -20.57 -41.02 -20.93
N LEU H 87 -19.46 -40.26 -21.03
CA LEU H 87 -18.70 -39.72 -19.91
C LEU H 87 -19.13 -38.24 -19.88
N TYR H 88 -19.77 -37.82 -18.79
CA TYR H 88 -20.22 -36.46 -18.61
C TYR H 88 -19.19 -35.74 -17.81
N LEU H 89 -18.34 -35.02 -18.53
CA LEU H 89 -17.24 -34.24 -18.00
C LEU H 89 -17.66 -32.86 -17.60
N CYS H 90 -17.13 -32.41 -16.49
CA CYS H 90 -17.37 -31.10 -15.94
C CYS H 90 -16.05 -30.40 -15.77
N ALA H 91 -15.97 -29.18 -16.25
CA ALA H 91 -14.75 -28.38 -16.15
C ALA H 91 -14.97 -27.01 -15.56
N SER H 92 -14.15 -26.65 -14.59
CA SER H 92 -14.21 -25.33 -13.97
C SER H 92 -13.04 -24.48 -14.43
N SER H 93 -13.21 -23.17 -14.34
CA SER H 93 -12.21 -22.21 -14.74
C SER H 93 -12.15 -21.05 -13.73
N LEU H 94 -10.94 -20.68 -13.24
CA LEU H 94 -10.75 -19.55 -12.32
C LEU H 94 -10.88 -18.26 -13.15
N ALA H 95 -10.25 -18.24 -14.34
CA ALA H 95 -10.30 -17.14 -15.28
C ALA H 95 -11.75 -17.05 -15.72
N GLN H 96 -12.41 -15.91 -15.43
CA GLN H 96 -13.83 -15.67 -15.72
C GLN H 96 -14.20 -15.84 -17.17
N GLY H 97 -13.28 -15.66 -18.11
CA GLY H 97 -13.56 -15.90 -19.53
C GLY H 97 -13.79 -17.37 -19.83
N GLY H 98 -13.33 -18.23 -18.94
CA GLY H 98 -13.49 -19.68 -18.98
C GLY H 98 -12.67 -20.49 -19.95
N GLU H 99 -11.50 -19.98 -20.39
CA GLU H 99 -10.63 -20.70 -21.33
C GLU H 99 -9.77 -21.76 -20.67
N THR H 100 -9.19 -21.45 -19.50
CA THR H 100 -8.29 -22.37 -18.81
C THR H 100 -9.11 -23.21 -17.89
N GLN H 101 -9.46 -24.40 -18.41
CA GLN H 101 -10.32 -25.37 -17.77
C GLN H 101 -9.69 -26.53 -17.06
N TYR H 102 -10.27 -26.87 -15.90
CA TYR H 102 -9.87 -27.94 -14.99
C TYR H 102 -11.00 -28.93 -14.99
N PHE H 103 -10.74 -30.13 -15.51
CA PHE H 103 -11.72 -31.20 -15.71
C PHE H 103 -11.88 -32.16 -14.57
N GLY H 104 -13.13 -32.50 -14.28
CA GLY H 104 -13.51 -33.46 -13.25
C GLY H 104 -13.27 -34.86 -13.76
N PRO H 105 -13.36 -35.89 -12.88
CA PRO H 105 -13.13 -37.27 -13.34
C PRO H 105 -14.21 -37.79 -14.30
N GLY H 106 -15.38 -37.17 -14.23
CA GLY H 106 -16.55 -37.47 -15.04
C GLY H 106 -17.55 -38.40 -14.39
N THR H 107 -18.78 -38.39 -14.91
CA THR H 107 -19.80 -39.33 -14.47
C THR H 107 -20.10 -40.28 -15.64
N ARG H 108 -19.69 -41.54 -15.53
CA ARG H 108 -19.88 -42.53 -16.59
C ARG H 108 -21.35 -42.99 -16.59
N LEU H 109 -22.09 -42.65 -17.63
CA LEU H 109 -23.48 -43.02 -17.70
C LEU H 109 -23.75 -44.12 -18.70
N LEU H 110 -24.39 -45.20 -18.22
CA LEU H 110 -24.80 -46.28 -19.11
C LEU H 110 -26.30 -46.38 -19.09
N VAL H 111 -26.88 -46.24 -20.26
CA VAL H 111 -28.31 -46.36 -20.44
C VAL H 111 -28.55 -47.72 -21.11
N LEU H 112 -29.37 -48.54 -20.47
CA LEU H 112 -29.70 -49.88 -20.92
C LEU H 112 -31.20 -50.02 -21.18
N GLU H 113 -31.61 -51.17 -21.75
CA GLU H 113 -33.03 -51.48 -22.00
C GLU H 113 -33.63 -52.10 -20.73
N ASP H 114 -32.85 -52.97 -20.07
CA ASP H 114 -33.20 -53.69 -18.85
C ASP H 114 -31.96 -53.83 -17.96
N LEU H 115 -32.20 -54.08 -16.68
CA LEU H 115 -31.17 -54.28 -15.66
C LEU H 115 -30.96 -55.78 -15.40
N LYS H 116 -31.57 -56.63 -16.27
CA LYS H 116 -31.54 -58.10 -16.22
C LYS H 116 -30.16 -58.71 -16.47
N ASN H 117 -29.25 -58.04 -17.21
CA ASN H 117 -27.90 -58.57 -17.45
C ASN H 117 -26.81 -57.92 -16.53
N VAL H 118 -27.20 -57.29 -15.43
CA VAL H 118 -26.21 -56.68 -14.54
C VAL H 118 -25.66 -57.76 -13.60
N PHE H 119 -24.33 -58.01 -13.67
CA PHE H 119 -23.64 -59.04 -12.87
C PHE H 119 -22.40 -58.50 -12.14
N PRO H 120 -22.22 -58.81 -10.83
CA PRO H 120 -20.99 -58.38 -10.15
C PRO H 120 -19.81 -59.28 -10.56
N PRO H 121 -18.52 -58.91 -10.37
CA PRO H 121 -17.45 -59.80 -10.78
C PRO H 121 -17.17 -60.91 -9.79
N GLU H 122 -16.45 -61.93 -10.25
CA GLU H 122 -15.94 -62.99 -9.40
C GLU H 122 -14.46 -62.69 -9.45
N VAL H 123 -13.81 -62.52 -8.28
CA VAL H 123 -12.39 -62.20 -8.32
C VAL H 123 -11.49 -63.29 -7.70
N ALA H 124 -10.37 -63.61 -8.38
CA ALA H 124 -9.39 -64.63 -7.99
C ALA H 124 -7.98 -64.09 -8.05
N VAL H 125 -7.16 -64.45 -7.05
CA VAL H 125 -5.75 -64.10 -6.99
C VAL H 125 -4.95 -65.36 -7.30
N PHE H 126 -4.01 -65.22 -8.24
CA PHE H 126 -3.14 -66.30 -8.69
C PHE H 126 -1.77 -66.02 -8.18
N GLU H 127 -1.29 -66.92 -7.31
CA GLU H 127 0.01 -66.89 -6.63
C GLU H 127 1.17 -67.03 -7.65
N PRO H 128 2.32 -66.32 -7.46
CA PRO H 128 3.42 -66.42 -8.44
C PRO H 128 4.06 -67.81 -8.56
N SER H 129 4.59 -68.10 -9.77
CA SER H 129 5.26 -69.36 -10.16
C SER H 129 6.67 -69.44 -9.53
N GLU H 130 7.04 -70.63 -8.97
CA GLU H 130 8.38 -70.86 -8.37
C GLU H 130 9.44 -70.74 -9.49
N ALA H 131 9.04 -71.17 -10.72
CA ALA H 131 9.79 -71.09 -11.97
C ALA H 131 10.16 -69.64 -12.27
N GLU H 132 9.18 -68.72 -12.17
CA GLU H 132 9.36 -67.27 -12.37
C GLU H 132 10.33 -66.71 -11.32
N ILE H 133 10.14 -67.10 -10.04
CA ILE H 133 10.95 -66.73 -8.88
C ILE H 133 12.41 -67.13 -9.16
N SER H 134 12.63 -68.39 -9.57
CA SER H 134 13.94 -68.97 -9.87
C SER H 134 14.64 -68.26 -11.04
N HIS H 135 13.93 -68.14 -12.17
CA HIS H 135 14.40 -67.55 -13.43
C HIS H 135 14.59 -66.01 -13.42
N THR H 136 13.79 -65.24 -12.62
CA THR H 136 13.85 -63.77 -12.61
C THR H 136 14.11 -63.11 -11.24
N GLN H 137 13.89 -63.86 -10.14
CA GLN H 137 13.99 -63.37 -8.75
C GLN H 137 12.93 -62.24 -8.48
N LYS H 138 11.86 -62.33 -9.28
CA LYS H 138 10.69 -61.48 -9.32
C LYS H 138 9.48 -62.40 -9.27
N ALA H 139 8.44 -61.97 -8.54
CA ALA H 139 7.21 -62.72 -8.29
C ALA H 139 5.99 -61.89 -8.70
N THR H 140 5.31 -62.33 -9.77
CA THR H 140 4.13 -61.65 -10.30
C THR H 140 2.88 -62.36 -9.81
N LEU H 141 1.97 -61.57 -9.22
CA LEU H 141 0.68 -62.04 -8.77
C LEU H 141 -0.32 -61.58 -9.82
N VAL H 142 -1.19 -62.47 -10.27
CA VAL H 142 -2.21 -62.08 -11.23
C VAL H 142 -3.58 -62.01 -10.51
N CYS H 143 -4.42 -61.05 -10.91
CA CYS H 143 -5.76 -60.94 -10.39
C CYS H 143 -6.73 -60.98 -11.54
N LEU H 144 -7.73 -61.84 -11.43
CA LEU H 144 -8.75 -61.92 -12.46
C LEU H 144 -10.11 -61.54 -11.91
N ALA H 145 -10.78 -60.58 -12.58
CA ALA H 145 -12.13 -60.15 -12.25
C ALA H 145 -12.92 -60.63 -13.46
N THR H 146 -13.84 -61.58 -13.25
CA THR H 146 -14.60 -62.17 -14.35
C THR H 146 -16.11 -62.12 -14.18
N GLY H 147 -16.79 -62.24 -15.32
CA GLY H 147 -18.23 -62.30 -15.48
C GLY H 147 -19.03 -61.13 -14.96
N PHE H 148 -18.47 -59.92 -15.07
CA PHE H 148 -19.12 -58.70 -14.62
C PHE H 148 -19.69 -57.90 -15.76
N TYR H 149 -20.85 -57.28 -15.52
CA TYR H 149 -21.56 -56.39 -16.45
C TYR H 149 -22.23 -55.27 -15.63
N PRO H 150 -22.00 -53.98 -15.97
CA PRO H 150 -21.15 -53.47 -17.07
C PRO H 150 -19.69 -53.24 -16.64
N ASP H 151 -18.81 -52.61 -17.48
CA ASP H 151 -17.43 -52.39 -17.02
C ASP H 151 -17.24 -51.16 -16.13
N HIS H 152 -18.12 -51.05 -15.12
CA HIS H 152 -18.13 -50.01 -14.10
C HIS H 152 -17.43 -50.66 -12.90
N VAL H 153 -16.13 -50.91 -13.11
CA VAL H 153 -15.24 -51.59 -12.19
C VAL H 153 -13.95 -50.76 -11.93
N GLU H 154 -13.37 -50.89 -10.72
CA GLU H 154 -12.14 -50.22 -10.30
C GLU H 154 -11.30 -51.23 -9.53
N LEU H 155 -10.29 -51.80 -10.18
CA LEU H 155 -9.38 -52.77 -9.56
C LEU H 155 -8.22 -52.05 -8.83
N SER H 156 -7.79 -52.60 -7.69
CA SER H 156 -6.70 -52.10 -6.86
C SER H 156 -6.04 -53.24 -6.09
N TRP H 157 -4.73 -53.07 -5.78
CA TRP H 157 -3.92 -54.03 -5.05
C TRP H 157 -3.55 -53.45 -3.69
N TRP H 158 -3.64 -54.29 -2.67
CA TRP H 158 -3.39 -53.88 -1.31
C TRP H 158 -2.42 -54.83 -0.68
N VAL H 159 -1.30 -54.29 -0.23
CA VAL H 159 -0.30 -55.08 0.45
C VAL H 159 -0.23 -54.56 1.86
N ASN H 160 -0.53 -55.46 2.83
CA ASN H 160 -0.57 -55.20 4.27
C ASN H 160 -1.47 -54.03 4.65
N GLY H 161 -2.65 -54.01 4.03
CA GLY H 161 -3.68 -52.99 4.22
C GLY H 161 -3.34 -51.59 3.75
N LYS H 162 -2.47 -51.48 2.73
CA LYS H 162 -2.04 -50.22 2.10
C LYS H 162 -2.01 -50.41 0.58
N GLU H 163 -2.58 -49.44 -0.16
CA GLU H 163 -2.68 -49.48 -1.63
C GLU H 163 -1.33 -49.37 -2.27
N VAL H 164 -1.10 -50.22 -3.26
CA VAL H 164 0.14 -50.32 -4.01
C VAL H 164 -0.09 -49.93 -5.47
N HIS H 165 0.86 -49.14 -6.00
CA HIS H 165 0.84 -48.67 -7.39
C HIS H 165 2.07 -49.17 -8.15
N SER H 166 3.23 -49.24 -7.47
CA SER H 166 4.48 -49.71 -8.05
C SER H 166 4.41 -51.22 -8.27
N GLY H 167 4.88 -51.64 -9.45
CA GLY H 167 4.90 -53.04 -9.89
C GLY H 167 3.54 -53.53 -10.33
N VAL H 168 2.62 -52.59 -10.56
CA VAL H 168 1.24 -52.86 -10.93
C VAL H 168 0.99 -52.35 -12.32
N CYS H 169 0.09 -53.06 -12.97
CA CYS H 169 -0.55 -52.74 -14.23
C CYS H 169 -1.77 -53.63 -14.45
N THR H 170 -2.90 -52.97 -14.73
CA THR H 170 -4.22 -53.54 -14.98
C THR H 170 -4.50 -53.29 -16.45
N ASP H 171 -5.22 -54.22 -17.10
CA ASP H 171 -5.59 -54.08 -18.50
C ASP H 171 -6.23 -52.71 -18.78
N PRO H 172 -5.72 -51.93 -19.77
CA PRO H 172 -6.31 -50.61 -20.07
C PRO H 172 -7.79 -50.69 -20.42
N GLN H 173 -8.21 -51.77 -21.10
CA GLN H 173 -9.57 -52.04 -21.51
C GLN H 173 -10.01 -53.45 -21.04
N PRO H 174 -11.30 -53.70 -20.71
CA PRO H 174 -11.71 -55.07 -20.30
C PRO H 174 -11.77 -56.02 -21.49
N LEU H 175 -12.05 -57.30 -21.22
CA LEU H 175 -12.17 -58.33 -22.22
C LEU H 175 -13.62 -58.77 -22.32
N LYS H 176 -14.10 -58.99 -23.53
CA LYS H 176 -15.46 -59.45 -23.76
C LYS H 176 -15.41 -60.96 -23.66
N GLU H 177 -16.16 -61.54 -22.70
CA GLU H 177 -16.21 -62.99 -22.48
C GLU H 177 -16.86 -63.72 -23.66
N GLN H 178 -17.75 -63.01 -24.38
CA GLN H 178 -18.46 -63.45 -25.60
C GLN H 178 -18.30 -62.30 -26.61
N PRO H 179 -17.11 -62.12 -27.29
CA PRO H 179 -16.92 -60.97 -28.21
C PRO H 179 -18.07 -60.62 -29.13
N ALA H 180 -18.69 -61.64 -29.75
CA ALA H 180 -19.85 -61.44 -30.60
C ALA H 180 -21.10 -61.46 -29.67
N LEU H 181 -21.33 -60.31 -28.97
CA LEU H 181 -22.43 -60.01 -28.03
C LEU H 181 -22.30 -58.59 -27.44
N ASN H 182 -23.32 -57.73 -27.69
CA ASN H 182 -23.39 -56.35 -27.21
C ASN H 182 -23.65 -56.34 -25.71
N ASP H 183 -24.32 -57.41 -25.23
CA ASP H 183 -24.73 -57.68 -23.86
C ASP H 183 -23.66 -58.47 -23.05
N SER H 184 -22.49 -58.79 -23.68
CA SER H 184 -21.37 -59.57 -23.10
C SER H 184 -20.86 -59.14 -21.73
N ARG H 185 -20.62 -60.13 -20.85
CA ARG H 185 -20.03 -59.93 -19.54
C ARG H 185 -18.53 -59.75 -19.76
N TYR H 186 -17.86 -59.10 -18.82
CA TYR H 186 -16.45 -58.74 -18.95
C TYR H 186 -15.52 -59.47 -18.03
N SER H 187 -14.22 -59.43 -18.38
CA SER H 187 -13.07 -59.96 -17.65
C SER H 187 -11.99 -58.92 -17.66
N LEU H 188 -11.26 -58.85 -16.53
CA LEU H 188 -10.17 -57.91 -16.36
C LEU H 188 -9.07 -58.53 -15.55
N SER H 189 -7.84 -58.39 -16.04
CA SER H 189 -6.66 -58.90 -15.34
C SER H 189 -5.78 -57.77 -14.87
N SER H 190 -4.99 -58.04 -13.84
CA SER H 190 -4.04 -57.11 -13.26
C SER H 190 -2.89 -57.91 -12.73
N ARG H 191 -1.72 -57.30 -12.74
CA ARG H 191 -0.50 -57.95 -12.27
C ARG H 191 0.10 -57.11 -11.20
N LEU H 192 0.62 -57.75 -10.16
CA LEU H 192 1.34 -57.09 -9.10
C LEU H 192 2.63 -57.85 -9.03
N ARG H 193 3.69 -57.22 -9.55
CA ARG H 193 5.00 -57.84 -9.53
C ARG H 193 5.78 -57.26 -8.41
N VAL H 194 6.25 -58.15 -7.57
CA VAL H 194 7.04 -57.79 -6.43
C VAL H 194 8.28 -58.71 -6.40
N SER H 195 9.31 -58.40 -5.57
CA SER H 195 10.55 -59.20 -5.47
C SER H 195 10.22 -60.57 -4.92
N ALA H 196 11.01 -61.59 -5.31
CA ALA H 196 10.83 -62.97 -4.83
C ALA H 196 10.96 -63.01 -3.29
N THR H 197 11.88 -62.20 -2.71
CA THR H 197 12.15 -62.07 -1.26
C THR H 197 10.92 -61.54 -0.50
N PHE H 198 10.09 -60.72 -1.19
CA PHE H 198 8.85 -60.13 -0.68
C PHE H 198 7.76 -61.21 -0.66
N TRP H 199 7.61 -62.01 -1.76
CA TRP H 199 6.64 -63.10 -1.78
C TRP H 199 7.06 -64.20 -0.80
N GLN H 200 8.38 -64.32 -0.48
CA GLN H 200 8.94 -65.31 0.44
C GLN H 200 8.26 -65.37 1.84
N ASN H 201 8.28 -64.25 2.63
CA ASN H 201 7.72 -64.22 3.98
C ASN H 201 6.19 -64.21 4.12
N PRO H 202 5.66 -65.07 5.03
CA PRO H 202 4.21 -65.14 5.22
C PRO H 202 3.56 -63.95 5.94
N ARG H 203 4.39 -62.99 6.42
CA ARG H 203 3.91 -61.78 7.11
C ARG H 203 3.23 -60.86 6.10
N ASN H 204 3.67 -60.88 4.81
CA ASN H 204 3.15 -60.10 3.68
C ASN H 204 1.82 -60.66 3.18
N HIS H 205 0.78 -59.82 3.26
CA HIS H 205 -0.60 -60.10 2.85
C HIS H 205 -0.94 -59.31 1.58
N PHE H 206 -1.44 -59.99 0.55
CA PHE H 206 -1.80 -59.39 -0.74
C PHE H 206 -3.28 -59.54 -1.01
N ARG H 207 -3.94 -58.42 -1.33
CA ARG H 207 -5.37 -58.37 -1.61
C ARG H 207 -5.61 -57.67 -2.92
N CYS H 208 -6.45 -58.25 -3.75
CA CYS H 208 -6.83 -57.62 -4.98
C CYS H 208 -8.30 -57.25 -4.78
N GLN H 209 -8.55 -55.94 -4.71
CA GLN H 209 -9.83 -55.32 -4.48
C GLN H 209 -10.40 -54.91 -5.81
N VAL H 210 -11.66 -55.22 -6.04
CA VAL H 210 -12.36 -54.86 -7.27
C VAL H 210 -13.67 -54.24 -6.85
N GLN H 211 -13.78 -52.94 -7.06
CA GLN H 211 -14.98 -52.20 -6.74
C GLN H 211 -15.88 -52.26 -7.94
N PHE H 212 -17.06 -52.83 -7.74
CA PHE H 212 -18.06 -52.93 -8.79
C PHE H 212 -19.13 -51.87 -8.51
N TYR H 213 -19.64 -51.27 -9.59
CA TYR H 213 -20.69 -50.27 -9.53
C TYR H 213 -21.87 -50.85 -10.27
N GLY H 214 -22.85 -51.28 -9.49
CA GLY H 214 -24.07 -51.88 -10.00
C GLY H 214 -25.30 -51.11 -9.59
N LEU H 215 -26.33 -51.87 -9.25
CA LEU H 215 -27.65 -51.43 -8.82
C LEU H 215 -27.60 -50.82 -7.41
N SER H 216 -28.48 -49.86 -7.15
CA SER H 216 -28.60 -49.17 -5.85
C SER H 216 -29.44 -50.04 -4.92
N GLU H 217 -29.15 -49.97 -3.59
CA GLU H 217 -29.77 -50.76 -2.53
C GLU H 217 -31.28 -50.93 -2.70
N ASN H 218 -31.97 -49.81 -3.03
CA ASN H 218 -33.40 -49.70 -3.30
C ASN H 218 -33.57 -49.61 -4.84
N ASP H 219 -33.84 -50.77 -5.49
CA ASP H 219 -34.02 -50.95 -6.94
C ASP H 219 -34.80 -52.23 -7.18
N GLU H 220 -35.57 -52.29 -8.30
CA GLU H 220 -36.38 -53.49 -8.64
C GLU H 220 -35.52 -54.72 -8.81
N TRP H 221 -35.76 -55.81 -8.05
CA TRP H 221 -35.00 -57.04 -8.24
C TRP H 221 -35.73 -58.36 -8.08
N THR H 222 -35.79 -59.10 -9.19
CA THR H 222 -36.33 -60.46 -9.27
C THR H 222 -35.56 -61.30 -10.27
N GLN H 223 -34.94 -62.37 -9.77
CA GLN H 223 -34.11 -63.37 -10.45
C GLN H 223 -33.59 -64.34 -9.39
N ASP H 224 -33.26 -65.61 -9.79
CA ASP H 224 -32.71 -66.64 -8.89
C ASP H 224 -31.38 -66.11 -8.29
N ARG H 225 -30.63 -65.34 -9.11
CA ARG H 225 -29.37 -64.64 -8.83
C ARG H 225 -29.62 -63.53 -7.79
N ALA H 226 -28.61 -63.26 -6.94
CA ALA H 226 -28.62 -62.21 -5.91
C ALA H 226 -28.65 -60.82 -6.59
N LYS H 227 -29.12 -59.77 -5.88
CA LYS H 227 -29.15 -58.42 -6.47
C LYS H 227 -27.70 -57.97 -6.80
N PRO H 228 -27.42 -57.59 -8.07
CA PRO H 228 -26.06 -57.16 -8.45
C PRO H 228 -25.76 -55.71 -8.03
N VAL H 229 -25.80 -55.46 -6.73
CA VAL H 229 -25.54 -54.16 -6.12
C VAL H 229 -24.08 -53.74 -6.27
N THR H 230 -23.84 -52.42 -6.06
CA THR H 230 -22.50 -51.88 -6.06
C THR H 230 -21.90 -52.53 -4.82
N GLN H 231 -20.76 -53.18 -5.00
CA GLN H 231 -20.06 -53.94 -3.96
C GLN H 231 -18.59 -54.09 -4.29
N ILE H 232 -17.82 -54.49 -3.30
CA ILE H 232 -16.41 -54.79 -3.42
C ILE H 232 -16.29 -56.31 -3.37
N VAL H 233 -15.76 -56.88 -4.44
CA VAL H 233 -15.48 -58.29 -4.55
C VAL H 233 -13.95 -58.33 -4.50
N SER H 234 -13.40 -59.12 -3.57
CA SER H 234 -11.95 -59.22 -3.40
C SER H 234 -11.47 -60.65 -3.29
N ALA H 235 -10.17 -60.83 -3.51
CA ALA H 235 -9.46 -62.09 -3.41
C ALA H 235 -8.14 -61.79 -2.77
N GLU H 236 -7.57 -62.78 -2.10
CA GLU H 236 -6.32 -62.63 -1.36
C GLU H 236 -5.38 -63.81 -1.50
N ALA H 237 -4.13 -63.59 -1.09
CA ALA H 237 -3.04 -64.57 -1.08
C ALA H 237 -2.08 -64.12 0.01
N TRP H 238 -1.31 -65.07 0.56
CA TRP H 238 -0.29 -64.81 1.60
C TRP H 238 1.08 -65.30 1.12
N GLY H 239 2.16 -64.70 1.65
CA GLY H 239 3.55 -65.02 1.34
C GLY H 239 3.95 -66.49 1.48
N ARG H 240 4.60 -67.04 0.40
CA ARG H 240 5.06 -68.42 0.18
C ARG H 240 4.21 -69.54 0.76
C1 NAG I . 11.23 3.03 -11.81
C2 NAG I . 9.99 2.36 -11.21
C3 NAG I . 10.43 0.98 -10.70
C4 NAG I . 11.01 0.14 -11.82
C5 NAG I . 12.14 0.89 -12.54
C6 NAG I . 12.58 0.23 -13.83
C7 NAG I . 8.25 3.89 -10.36
C8 NAG I . 7.58 4.41 -9.13
N2 NAG I . 9.34 3.12 -10.16
O3 NAG I . 9.31 0.30 -10.12
O4 NAG I . 11.51 -1.08 -11.29
O5 NAG I . 11.70 2.23 -12.90
O6 NAG I . 13.76 0.82 -14.36
O7 NAG I . 7.82 4.15 -11.49
C1 NAG J . 5.36 33.51 -18.55
C2 NAG J . 5.42 32.25 -19.41
C3 NAG J . 6.90 32.00 -19.72
C4 NAG J . 7.49 33.17 -20.49
C5 NAG J . 7.33 34.46 -19.69
C6 NAG J . 7.62 35.70 -20.51
C7 NAG J . 3.48 30.81 -18.76
C8 NAG J . 2.66 29.88 -19.60
N2 NAG J . 4.75 30.98 -19.15
O3 NAG J . 7.05 30.78 -20.45
O4 NAG J . 8.87 32.93 -20.79
O5 NAG J . 5.98 34.61 -19.24
O6 NAG J . 6.70 35.85 -21.58
O7 NAG J . 3.02 31.36 -17.76
C1 NAG K . -18.20 18.40 23.93
C2 NAG K . -19.44 17.63 23.47
C3 NAG K . -20.21 17.11 24.69
C4 NAG K . -19.28 16.28 25.59
C5 NAG K . -18.04 17.08 25.97
C6 NAG K . -17.00 16.25 26.71
C7 NAG K . -20.43 18.41 21.34
C8 NAG K . -21.20 19.53 20.68
N2 NAG K . -20.29 18.51 22.68
O3 NAG K . -21.31 16.31 24.27
O4 NAG K . -19.99 15.89 26.76
O5 NAG K . -17.39 17.58 24.78
O6 NAG K . -15.92 17.03 27.20
O7 NAG K . -19.96 17.48 20.69
NA NA L . 6.88 16.41 13.26
BE 0BE M . 4.95 17.07 11.44
C1 NAG N . -33.85 13.92 -4.74
C2 NAG N . -33.14 14.26 -3.44
C3 NAG N . -33.58 13.42 -2.24
C4 NAG N . -35.11 13.31 -2.21
C5 NAG N . -35.58 12.77 -3.56
C6 NAG N . -37.06 12.47 -3.64
C7 NAG N . -30.77 14.91 -3.72
C8 NAG N . -29.46 14.49 -4.30
N2 NAG N . -31.74 13.99 -3.76
O3 NAG N . -33.12 14.01 -1.04
O4 NAG N . -35.52 12.47 -1.13
O5 NAG N . -35.26 13.72 -4.60
O6 NAG N . -37.35 11.24 -2.98
O7 NAG N . -30.95 16.03 -3.23
C1 NAG O . -11.13 -1.67 10.46
C2 NAG O . -9.74 -1.28 9.95
C3 NAG O . -8.73 -2.25 10.56
C4 NAG O . -8.76 -2.16 12.09
C5 NAG O . -10.18 -2.35 12.63
C6 NAG O . -10.29 -1.96 14.09
C7 NAG O . -9.69 -0.11 7.78
C8 NAG O . -9.31 -0.24 6.34
N2 NAG O . -9.60 -1.24 8.51
O3 NAG O . -7.40 -1.98 10.10
O4 NAG O . -7.89 -3.15 12.65
O5 NAG O . -11.12 -1.52 11.89
O6 NAG O . -11.56 -2.29 14.63
O7 NAG O . -10.05 0.96 8.25
NA NA P . -9.76 -10.24 -17.06
BE 0BE Q . -9.99 -7.58 -16.55
#